data_6HXI
#
_entry.id   6HXI
#
_cell.length_a   118.451
_cell.length_b   275.020
_cell.length_c   72.722
_cell.angle_alpha   90.00
_cell.angle_beta   90.00
_cell.angle_gamma   90.00
#
_symmetry.space_group_name_H-M   'P 21 21 2'
#
loop_
_entity.id
_entity.type
_entity.pdbx_description
1 polymer 'Citrate lyase, subunit 1'
2 polymer 'Succinyl-CoA ligase (ADP-forming) subunit alpha'
3 non-polymer 'CITRATE ANION'
4 non-polymer 'SODIUM ION'
5 non-polymer 'COENZYME A'
6 non-polymer 'TRIETHYLENE GLYCOL'
7 non-polymer 'TETRAETHYLENE GLYCOL'
8 non-polymer 'ACETATE ION'
9 non-polymer 'SUCCINIC ACID'
10 water water
#
loop_
_entity_poly.entity_id
_entity_poly.type
_entity_poly.pdbx_seq_one_letter_code
_entity_poly.pdbx_strand_id
1 'polypeptide(L)'
;MAQRGIREYDAKNLLARYLPEYLDDFSYKGNLALVGPETDIEGLEAENPWLKTTRLVVKPDQLFGKRGKLGLVLLDADWE
EAKEYLNEKMGLEVTIGGITGRLSYFLIEPFTPHKEEYYVAISSDYEGDNIFFSMDGGVGVEENWEKVISIHVDSLEGID
ALDVGSKLPAELGDKRALVEEFITALWRFYSDTGFAYVEINPFTFSGRGIVPLDMVAKLDDAEEYWQKKRWSELAFPEPF
GRTPSKEELFIKEIDSKTGASLKLTILNPEGRVWTMVAGGGASVIYADTICDLGHADEMANYGEYSGDPNTEETYHYTCT
ILDLMTRSKNPNGKVLLIGGAIANFTDVAKTFKGVVMALEEYQQKLQEADIEIYVRRGGPNYEQGLKLMRDLGKRLGVPI
QVHGPETHMTRIVPLALEENQ
;
A,C
2 'polypeptide(L)'
;MSRKDYVLFDINTKAFVYGYQTNAIQRMLDFDYVCKRSSPSISAIINPSRAGIHKAFWGTKEIILPMYKTIPLAALAYPE
ADVMVNFASHRSAFETTMEALKEDTIRIVAVIAEGVPERQSRVMAATARKLDKIVIGPATVGGMTAGAFRIGNTAGTIEN
IIASKLYRPGCVGFVSKSGGMLNEAFNIISRNSDGIYEGVAIGGDRYPGSNMLDHILRYERNPAIKMIACLGELGGEDEY
MIIQALKEKKITKPLVAWVTGTCSPYLPASVQFGHAGAKANTEKETAQAKNDAFRQAGAYVPRSFDDYGEMVRQVYDMLL
TRGIVQKFDEPEVPRIPTDYSKALATGDIRKPTTFICTISDDSGEELLYAGKKLSDVLDRKMGIGGVIGLLWFKKELPEY
AAHFIELVIQIVADHGPAVSGAHNAIVASCAGKDLISSLCSGLLTIGPRFGGAIDDAAREFKRAQETGLAPEQFVGEMKK
KGINIPGIGHKIKSVKNPDKRVQLLISYARANFPSTELLNYALQVEELTTAKKGNLILNVDGCIGILFIDLMSSCGAFSK
EEIDEVVRLGYLNGLFALGRSIGLIGHILDQKRLGSRLYRHPAEDIAYMMPSEEEIQCKRDRGGSHHHHHH
;
B,D
#
loop_
_chem_comp.id
_chem_comp.type
_chem_comp.name
_chem_comp.formula
ACT non-polymer 'ACETATE ION' 'C2 H3 O2 -1'
COA non-polymer 'COENZYME A' 'C21 H36 N7 O16 P3 S'
FLC non-polymer 'CITRATE ANION' 'C6 H5 O7 -3'
NA non-polymer 'SODIUM ION' 'Na 1'
PG4 non-polymer 'TETRAETHYLENE GLYCOL' 'C8 H18 O5'
PGE non-polymer 'TRIETHYLENE GLYCOL' 'C6 H14 O4'
SIN non-polymer 'SUCCINIC ACID' 'C4 H6 O4'
#
# COMPACT_ATOMS: atom_id res chain seq x y z
N ALA A 2 -16.55 -41.88 6.79
CA ALA A 2 -16.58 -43.23 6.25
C ALA A 2 -17.13 -44.24 7.28
N GLN A 3 -17.60 -45.38 6.79
CA GLN A 3 -18.11 -46.42 7.67
C GLN A 3 -16.96 -47.34 7.95
N ARG A 4 -16.65 -47.56 9.23
CA ARG A 4 -15.52 -48.40 9.61
C ARG A 4 -15.96 -49.61 10.42
N GLY A 5 -15.61 -50.80 9.92
CA GLY A 5 -15.92 -52.07 10.56
C GLY A 5 -15.22 -52.22 11.90
N ILE A 6 -15.88 -52.86 12.87
CA ILE A 6 -15.31 -53.05 14.20
C ILE A 6 -15.30 -54.53 14.58
N ARG A 7 -14.32 -54.93 15.42
CA ARG A 7 -14.21 -56.31 15.91
C ARG A 7 -15.48 -56.72 16.67
N GLU A 8 -15.91 -57.98 16.52
CA GLU A 8 -17.06 -58.61 17.20
C GLU A 8 -16.92 -58.36 18.71
N TYR A 9 -15.66 -58.40 19.22
CA TYR A 9 -15.30 -58.14 20.62
C TYR A 9 -15.81 -56.77 21.03
N ASP A 10 -15.49 -55.74 20.23
CA ASP A 10 -15.87 -54.33 20.45
C ASP A 10 -17.39 -54.11 20.36
N ALA A 11 -18.04 -54.70 19.34
CA ALA A 11 -19.49 -54.58 19.12
C ALA A 11 -20.30 -55.21 20.27
N LYS A 12 -19.90 -56.44 20.72
CA LYS A 12 -20.52 -57.18 21.82
C LYS A 12 -20.27 -56.47 23.15
N ASN A 13 -19.08 -55.84 23.32
CA ASN A 13 -18.73 -55.05 24.50
C ASN A 13 -19.64 -53.81 24.58
N LEU A 14 -19.86 -53.13 23.42
CA LEU A 14 -20.73 -51.97 23.33
C LEU A 14 -22.16 -52.39 23.69
N LEU A 15 -22.63 -53.50 23.12
CA LEU A 15 -23.96 -54.05 23.33
C LEU A 15 -24.24 -54.35 24.80
N ALA A 16 -23.41 -55.23 25.44
CA ALA A 16 -23.57 -55.63 26.85
C ALA A 16 -23.45 -54.46 27.86
N ARG A 17 -22.86 -53.32 27.43
CA ARG A 17 -22.68 -52.13 28.26
C ARG A 17 -23.81 -51.13 28.10
N TYR A 18 -24.12 -50.73 26.86
CA TYR A 18 -25.09 -49.69 26.56
C TYR A 18 -26.52 -50.19 26.24
N LEU A 19 -26.71 -51.46 25.82
CA LEU A 19 -28.06 -51.97 25.57
C LEU A 19 -28.88 -52.15 26.88
N PRO A 20 -28.29 -52.52 28.06
CA PRO A 20 -29.10 -52.58 29.29
C PRO A 20 -29.43 -51.20 29.90
N GLU A 21 -29.56 -50.18 29.03
CA GLU A 21 -29.93 -48.82 29.39
C GLU A 21 -31.33 -48.49 28.87
N TYR A 22 -31.71 -49.09 27.70
CA TYR A 22 -33.02 -48.94 27.06
C TYR A 22 -33.91 -50.15 27.38
N LEU A 23 -33.27 -51.28 27.75
CA LEU A 23 -33.91 -52.58 28.04
C LEU A 23 -33.38 -53.20 29.35
N ASP A 24 -34.07 -54.23 29.86
CA ASP A 24 -33.69 -55.01 31.03
C ASP A 24 -32.85 -56.20 30.56
N ASP A 25 -31.70 -55.88 29.91
CA ASP A 25 -30.76 -56.81 29.31
C ASP A 25 -29.84 -57.47 30.36
N PHE A 26 -30.44 -58.29 31.23
CA PHE A 26 -29.70 -59.07 32.25
C PHE A 26 -29.15 -60.31 31.56
N SER A 27 -29.89 -60.80 30.54
CA SER A 27 -29.62 -61.98 29.70
C SER A 27 -28.23 -61.99 29.06
N TYR A 28 -27.61 -60.82 28.85
CA TYR A 28 -26.26 -60.78 28.29
C TYR A 28 -25.28 -60.06 29.20
N LYS A 29 -24.14 -60.73 29.43
CA LYS A 29 -23.01 -60.28 30.24
C LYS A 29 -21.82 -60.04 29.32
N GLY A 30 -20.88 -59.21 29.78
CA GLY A 30 -19.70 -58.84 29.02
C GLY A 30 -18.57 -59.85 28.96
N ASN A 31 -18.85 -61.17 29.20
CA ASN A 31 -17.85 -62.26 29.16
C ASN A 31 -17.20 -62.42 27.79
N LEU A 32 -16.14 -61.63 27.57
CA LEU A 32 -15.40 -61.57 26.30
C LEU A 32 -13.88 -61.48 26.52
N ALA A 33 -13.12 -62.15 25.67
CA ALA A 33 -11.66 -62.14 25.69
C ALA A 33 -11.12 -62.08 24.27
N LEU A 34 -10.20 -61.15 24.00
CA LEU A 34 -9.59 -61.03 22.69
C LEU A 34 -8.14 -61.46 22.76
N VAL A 35 -7.75 -62.32 21.81
CA VAL A 35 -6.39 -62.83 21.70
C VAL A 35 -5.80 -62.25 20.42
N GLY A 36 -4.71 -61.51 20.57
CA GLY A 36 -4.00 -60.89 19.46
C GLY A 36 -2.67 -61.56 19.17
N PRO A 37 -1.84 -61.01 18.25
CA PRO A 37 -0.52 -61.64 18.00
C PRO A 37 0.44 -61.50 19.19
N GLU A 38 0.29 -60.40 19.98
CA GLU A 38 1.11 -60.10 21.15
C GLU A 38 0.25 -60.01 22.44
N THR A 39 -0.42 -61.13 22.79
CA THR A 39 -1.29 -61.23 23.98
C THR A 39 -1.01 -62.52 24.75
N LEU A 56 -16.98 -73.19 25.91
CA LEU A 56 -16.25 -72.09 25.27
C LEU A 56 -16.30 -72.12 23.74
N VAL A 57 -16.22 -70.92 23.13
CA VAL A 57 -16.24 -70.71 21.67
C VAL A 57 -15.05 -69.81 21.33
N VAL A 58 -14.19 -70.23 20.38
CA VAL A 58 -13.04 -69.43 19.95
C VAL A 58 -13.00 -69.37 18.42
N LYS A 59 -13.10 -68.14 17.88
CA LYS A 59 -13.18 -67.83 16.44
C LYS A 59 -12.37 -66.59 16.04
N PRO A 60 -11.86 -66.52 14.79
CA PRO A 60 -11.12 -65.29 14.38
C PRO A 60 -12.00 -64.04 14.36
N ASP A 61 -11.43 -62.92 14.85
CA ASP A 61 -12.06 -61.61 14.88
C ASP A 61 -11.24 -60.63 14.04
N GLN A 62 -11.11 -60.97 12.74
CA GLN A 62 -10.37 -60.20 11.74
C GLN A 62 -11.25 -59.68 10.58
N LEU A 63 -12.54 -59.41 10.89
CA LEU A 63 -13.58 -58.92 9.98
C LEU A 63 -13.82 -59.92 8.81
N PHE A 64 -14.39 -61.08 9.14
CA PHE A 64 -14.71 -62.17 8.20
C PHE A 64 -16.23 -62.41 8.03
N GLY A 65 -16.56 -63.55 7.41
CA GLY A 65 -17.93 -64.00 7.15
C GLY A 65 -18.16 -65.44 7.54
N LEU A 72 -13.68 -72.44 10.73
CA LEU A 72 -12.72 -71.84 11.67
C LEU A 72 -13.25 -71.65 13.11
N VAL A 73 -14.58 -71.66 13.29
CA VAL A 73 -15.20 -71.49 14.62
C VAL A 73 -15.07 -72.78 15.44
N LEU A 74 -14.47 -72.68 16.64
CA LEU A 74 -14.34 -73.82 17.55
C LEU A 74 -15.48 -73.73 18.57
N LEU A 75 -16.42 -74.68 18.52
CA LEU A 75 -17.59 -74.72 19.40
C LEU A 75 -17.49 -75.76 20.51
N ASP A 76 -17.98 -75.39 21.72
CA ASP A 76 -18.04 -76.22 22.94
C ASP A 76 -16.69 -76.88 23.28
N ALA A 77 -15.78 -76.12 23.92
CA ALA A 77 -14.45 -76.64 24.27
C ALA A 77 -13.98 -76.22 25.68
N ASP A 78 -12.96 -76.91 26.19
CA ASP A 78 -12.32 -76.65 27.49
C ASP A 78 -11.24 -75.59 27.23
N TRP A 79 -10.76 -74.88 28.27
CA TRP A 79 -9.71 -73.87 28.11
C TRP A 79 -8.39 -74.51 27.65
N GLU A 80 -8.14 -75.77 28.05
CA GLU A 80 -6.97 -76.57 27.67
C GLU A 80 -7.03 -76.86 26.16
N GLU A 81 -8.26 -77.18 25.66
CA GLU A 81 -8.57 -77.43 24.25
C GLU A 81 -8.55 -76.11 23.46
N ALA A 82 -8.91 -75.00 24.13
CA ALA A 82 -8.95 -73.65 23.54
C ALA A 82 -7.54 -73.12 23.28
N LYS A 83 -6.60 -73.39 24.22
CA LYS A 83 -5.18 -73.02 24.08
C LYS A 83 -4.51 -73.87 22.99
N GLU A 84 -5.07 -75.07 22.71
CA GLU A 84 -4.62 -75.98 21.67
C GLU A 84 -4.95 -75.41 20.27
N TYR A 85 -6.16 -74.84 20.12
CA TYR A 85 -6.64 -74.20 18.88
C TYR A 85 -5.84 -72.91 18.63
N LEU A 86 -5.70 -72.06 19.67
CA LEU A 86 -4.99 -70.77 19.63
C LEU A 86 -3.58 -70.88 19.08
N ASN A 87 -2.73 -71.74 19.71
CA ASN A 87 -1.33 -71.94 19.31
C ASN A 87 -1.20 -72.53 17.90
N GLU A 88 -2.11 -73.46 17.52
CA GLU A 88 -2.13 -74.09 16.19
C GLU A 88 -2.55 -73.13 15.07
N LYS A 89 -3.51 -72.22 15.36
CA LYS A 89 -4.04 -71.27 14.38
C LYS A 89 -3.39 -69.87 14.43
N MET A 90 -2.59 -69.55 15.48
CA MET A 90 -1.91 -68.25 15.59
C MET A 90 -0.77 -68.19 14.57
N GLY A 91 -0.82 -67.19 13.70
CA GLY A 91 0.14 -66.97 12.63
C GLY A 91 -0.08 -67.85 11.41
N LEU A 92 -1.22 -68.57 11.35
CA LEU A 92 -1.57 -69.46 10.24
C LEU A 92 -1.86 -68.69 8.96
N GLU A 93 -1.16 -69.06 7.86
CA GLU A 93 -1.32 -68.44 6.55
C GLU A 93 -2.61 -68.98 5.91
N VAL A 94 -3.58 -68.07 5.68
CA VAL A 94 -4.89 -68.37 5.10
C VAL A 94 -5.27 -67.38 4.00
N THR A 95 -5.98 -67.87 2.97
CA THR A 95 -6.47 -67.06 1.85
C THR A 95 -7.97 -66.85 2.03
N ILE A 96 -8.37 -65.59 2.23
CA ILE A 96 -9.77 -65.17 2.39
C ILE A 96 -10.01 -63.95 1.51
N GLY A 97 -10.95 -64.10 0.57
CA GLY A 97 -11.34 -63.07 -0.39
C GLY A 97 -10.27 -62.79 -1.45
N GLY A 98 -9.39 -63.77 -1.66
CA GLY A 98 -8.27 -63.68 -2.60
C GLY A 98 -7.03 -63.11 -1.96
N ILE A 99 -7.16 -62.65 -0.69
CA ILE A 99 -6.10 -62.06 0.11
C ILE A 99 -5.49 -63.10 1.05
N THR A 100 -4.17 -63.31 0.94
CA THR A 100 -3.43 -64.26 1.75
C THR A 100 -2.73 -63.55 2.91
N GLY A 101 -3.28 -63.71 4.11
CA GLY A 101 -2.75 -63.13 5.33
C GLY A 101 -2.67 -64.13 6.47
N ARG A 102 -1.98 -63.76 7.56
CA ARG A 102 -1.83 -64.62 8.74
C ARG A 102 -2.95 -64.35 9.74
N LEU A 103 -3.37 -65.40 10.48
CA LEU A 103 -4.40 -65.26 11.51
C LEU A 103 -3.73 -64.69 12.76
N SER A 104 -4.27 -63.59 13.31
CA SER A 104 -3.71 -62.92 14.47
C SER A 104 -4.71 -62.63 15.58
N TYR A 105 -5.93 -62.16 15.24
CA TYR A 105 -6.95 -61.79 16.23
C TYR A 105 -8.10 -62.80 16.33
N PHE A 106 -8.38 -63.30 17.56
CA PHE A 106 -9.41 -64.29 17.89
C PHE A 106 -10.23 -63.85 19.10
N LEU A 107 -11.52 -64.21 19.12
CA LEU A 107 -12.45 -63.90 20.21
C LEU A 107 -12.79 -65.19 21.00
N ILE A 108 -12.72 -65.12 22.34
CA ILE A 108 -13.06 -66.21 23.25
C ILE A 108 -14.25 -65.79 24.11
N GLU A 109 -15.35 -66.55 24.01
CA GLU A 109 -16.60 -66.27 24.73
C GLU A 109 -17.30 -67.57 25.21
N PRO A 110 -18.25 -67.50 26.19
CA PRO A 110 -18.94 -68.73 26.63
C PRO A 110 -19.83 -69.34 25.55
N PHE A 111 -19.93 -70.69 25.55
CA PHE A 111 -20.77 -71.45 24.62
C PHE A 111 -22.20 -71.44 25.13
N THR A 112 -23.13 -70.86 24.35
CA THR A 112 -24.53 -70.84 24.73
C THR A 112 -25.28 -71.94 23.98
N PRO A 113 -25.72 -73.00 24.71
CA PRO A 113 -26.49 -74.08 24.08
C PRO A 113 -27.86 -73.54 23.71
N HIS A 114 -28.18 -73.58 22.41
CA HIS A 114 -29.40 -72.99 21.85
C HIS A 114 -30.16 -73.91 20.91
N LYS A 115 -31.48 -73.64 20.76
CA LYS A 115 -32.39 -74.37 19.89
C LYS A 115 -32.87 -73.44 18.76
N GLU A 116 -33.36 -72.26 19.13
CA GLU A 116 -33.86 -71.23 18.23
C GLU A 116 -32.67 -70.45 17.64
N GLU A 117 -32.86 -69.77 16.49
CA GLU A 117 -31.84 -68.96 15.82
C GLU A 117 -32.52 -67.84 15.03
N TYR A 118 -32.50 -66.63 15.59
CA TYR A 118 -33.12 -65.46 14.97
C TYR A 118 -32.06 -64.46 14.50
N TYR A 119 -32.41 -63.67 13.47
CA TYR A 119 -31.55 -62.68 12.84
C TYR A 119 -32.13 -61.29 13.00
N VAL A 120 -31.26 -60.29 13.23
CA VAL A 120 -31.61 -58.87 13.31
C VAL A 120 -30.52 -58.01 12.68
N ALA A 121 -30.90 -57.06 11.83
CA ALA A 121 -29.94 -56.14 11.21
C ALA A 121 -30.50 -54.74 11.03
N ILE A 122 -29.68 -53.72 11.37
CA ILE A 122 -30.07 -52.33 11.21
C ILE A 122 -29.08 -51.66 10.26
N SER A 123 -29.63 -51.05 9.21
CA SER A 123 -28.94 -50.35 8.15
C SER A 123 -29.73 -49.08 7.88
N SER A 124 -29.14 -48.11 7.20
CA SER A 124 -29.89 -46.90 6.91
C SER A 124 -30.05 -46.66 5.41
N ASP A 125 -31.15 -45.98 5.02
CA ASP A 125 -31.44 -45.58 3.64
C ASP A 125 -31.67 -44.07 3.65
N TYR A 126 -31.97 -43.43 2.48
CA TYR A 126 -32.16 -41.98 2.42
C TYR A 126 -33.35 -41.44 3.24
N GLU A 127 -34.33 -42.28 3.60
CA GLU A 127 -35.55 -41.86 4.31
C GLU A 127 -35.56 -42.19 5.81
N GLY A 128 -34.63 -43.05 6.24
CA GLY A 128 -34.48 -43.44 7.63
C GLY A 128 -33.63 -44.67 7.83
N ASP A 129 -33.98 -45.45 8.85
CA ASP A 129 -33.29 -46.70 9.21
C ASP A 129 -34.21 -47.89 8.93
N ASN A 130 -33.63 -49.01 8.50
CA ASN A 130 -34.40 -50.24 8.25
C ASN A 130 -33.94 -51.33 9.17
N ILE A 131 -34.89 -51.94 9.89
CA ILE A 131 -34.66 -53.07 10.80
C ILE A 131 -35.11 -54.33 10.04
N PHE A 132 -34.24 -55.34 10.00
CA PHE A 132 -34.51 -56.62 9.33
C PHE A 132 -34.57 -57.72 10.37
N PHE A 133 -35.61 -58.56 10.31
CA PHE A 133 -35.79 -59.66 11.25
C PHE A 133 -36.24 -60.93 10.55
N SER A 134 -35.69 -62.07 11.00
CA SER A 134 -36.06 -63.40 10.53
C SER A 134 -35.94 -64.45 11.63
N MET A 135 -36.62 -65.60 11.42
CA MET A 135 -36.66 -66.78 12.28
C MET A 135 -36.08 -67.96 11.51
N LYS A 147 -39.16 -64.31 3.63
CA LYS A 147 -38.49 -64.98 4.75
C LYS A 147 -38.02 -63.99 5.83
N VAL A 148 -37.64 -62.77 5.38
CA VAL A 148 -37.16 -61.68 6.24
C VAL A 148 -38.18 -60.53 6.21
N ILE A 149 -38.59 -60.05 7.40
CA ILE A 149 -39.49 -58.90 7.53
C ILE A 149 -38.68 -57.62 7.69
N SER A 150 -39.14 -56.54 7.08
CA SER A 150 -38.47 -55.24 7.11
C SER A 150 -39.35 -54.21 7.81
N ILE A 151 -38.76 -53.43 8.75
CA ILE A 151 -39.43 -52.36 9.52
C ILE A 151 -38.66 -51.06 9.26
N HIS A 152 -39.30 -50.09 8.59
CA HIS A 152 -38.69 -48.81 8.31
C HIS A 152 -38.99 -47.82 9.42
N VAL A 153 -37.94 -47.16 9.95
CA VAL A 153 -38.03 -46.15 11.01
C VAL A 153 -37.69 -44.81 10.35
N ASP A 154 -38.69 -43.93 10.23
CA ASP A 154 -38.53 -42.61 9.61
C ASP A 154 -37.57 -41.77 10.45
N SER A 155 -36.71 -41.00 9.76
CA SER A 155 -35.66 -40.15 10.34
C SER A 155 -36.19 -39.17 11.38
N LEU A 156 -37.34 -38.54 11.09
CA LEU A 156 -37.91 -37.54 11.99
C LEU A 156 -38.87 -38.10 13.03
N GLU A 157 -39.65 -39.14 12.68
CA GLU A 157 -40.65 -39.72 13.57
C GLU A 157 -40.07 -40.63 14.68
N GLY A 158 -39.02 -41.40 14.36
CA GLY A 158 -38.40 -42.30 15.33
C GLY A 158 -39.18 -43.59 15.53
N ILE A 159 -38.72 -44.44 16.48
CA ILE A 159 -39.31 -45.75 16.77
C ILE A 159 -40.66 -45.66 17.51
N ASP A 160 -40.84 -44.65 18.39
CA ASP A 160 -42.06 -44.42 19.19
C ASP A 160 -43.33 -44.26 18.34
N ALA A 161 -43.14 -43.76 17.10
CA ALA A 161 -44.20 -43.58 16.10
C ALA A 161 -44.65 -44.93 15.47
N LEU A 162 -43.98 -46.06 15.85
CA LEU A 162 -44.24 -47.38 15.28
C LEU A 162 -44.67 -48.46 16.23
N ASP A 163 -45.75 -49.18 15.86
N ASP A 163 -45.64 -49.29 15.77
CA ASP A 163 -46.30 -50.32 16.56
CA ASP A 163 -46.12 -50.49 16.44
C ASP A 163 -45.81 -51.54 15.80
C ASP A 163 -45.28 -51.64 15.85
N VAL A 164 -45.42 -52.61 16.51
N VAL A 164 -44.12 -51.90 16.48
CA VAL A 164 -44.89 -53.78 15.82
CA VAL A 164 -43.15 -52.94 16.12
C VAL A 164 -45.95 -54.90 15.70
C VAL A 164 -43.77 -54.36 16.21
N GLY A 165 -46.76 -54.76 14.67
N GLY A 165 -44.67 -54.57 17.19
CA GLY A 165 -47.76 -55.72 14.21
CA GLY A 165 -45.40 -55.81 17.46
C GLY A 165 -47.27 -56.30 12.89
C GLY A 165 -45.83 -56.61 16.25
N SER A 166 -46.13 -55.74 12.39
N SER A 166 -46.30 -55.91 15.19
CA SER A 166 -45.40 -56.09 11.16
CA SER A 166 -46.67 -56.47 13.90
C SER A 166 -44.46 -57.31 11.36
C SER A 166 -45.36 -56.94 13.18
N LYS A 167 -44.31 -57.76 12.62
N LYS A 167 -44.92 -58.14 13.58
CA LYS A 167 -43.49 -58.90 13.02
CA LYS A 167 -43.73 -58.89 13.16
C LYS A 167 -44.13 -60.25 12.64
C LYS A 167 -44.20 -60.31 12.73
N LEU A 168 -43.27 -61.28 12.53
CA LEU A 168 -43.63 -62.65 12.16
C LEU A 168 -44.46 -63.36 13.27
N PRO A 169 -45.75 -63.70 13.08
CA PRO A 169 -46.50 -64.35 14.18
C PRO A 169 -46.28 -65.86 14.29
N ALA A 170 -45.92 -66.51 13.16
CA ALA A 170 -45.67 -67.94 12.96
C ALA A 170 -45.18 -68.70 14.19
N GLU A 171 -44.01 -68.31 14.75
CA GLU A 171 -43.45 -68.97 15.93
C GLU A 171 -43.36 -68.00 17.10
N LEU A 172 -43.36 -66.68 16.83
CA LEU A 172 -43.29 -65.64 17.86
C LEU A 172 -44.59 -65.50 18.61
N GLY A 173 -44.76 -66.36 19.60
CA GLY A 173 -45.92 -66.34 20.47
C GLY A 173 -45.45 -65.81 21.80
N ASP A 174 -45.03 -66.75 22.68
CA ASP A 174 -44.48 -66.48 24.01
C ASP A 174 -43.25 -65.56 23.93
N LYS A 175 -42.55 -65.56 22.77
CA LYS A 175 -41.33 -64.80 22.51
C LYS A 175 -41.51 -63.69 21.44
N ARG A 176 -42.59 -62.89 21.51
CA ARG A 176 -42.84 -61.81 20.53
C ARG A 176 -42.67 -60.42 21.13
N ALA A 177 -43.26 -60.18 22.31
CA ALA A 177 -43.17 -58.88 23.01
C ALA A 177 -41.73 -58.61 23.46
N LEU A 178 -40.97 -59.69 23.79
CA LEU A 178 -39.57 -59.59 24.19
C LEU A 178 -38.64 -59.15 23.06
N VAL A 179 -38.83 -59.72 21.85
CA VAL A 179 -38.05 -59.37 20.65
C VAL A 179 -38.44 -57.97 20.16
N GLU A 180 -39.75 -57.61 20.23
CA GLU A 180 -40.27 -56.28 19.87
C GLU A 180 -39.52 -55.24 20.71
N GLU A 181 -39.49 -55.47 22.04
CA GLU A 181 -38.81 -54.65 23.03
C GLU A 181 -37.30 -54.58 22.78
N PHE A 182 -36.67 -55.73 22.41
CA PHE A 182 -35.23 -55.84 22.14
C PHE A 182 -34.77 -55.13 20.86
N ILE A 183 -35.48 -55.35 19.75
CA ILE A 183 -35.12 -54.71 18.48
C ILE A 183 -35.40 -53.18 18.57
N THR A 184 -36.35 -52.77 19.45
CA THR A 184 -36.68 -51.35 19.74
C THR A 184 -35.47 -50.71 20.46
N ALA A 185 -34.89 -51.46 21.43
CA ALA A 185 -33.71 -51.06 22.21
C ALA A 185 -32.46 -51.03 21.32
N LEU A 186 -32.35 -52.02 20.41
CA LEU A 186 -31.24 -52.14 19.46
C LEU A 186 -31.20 -50.96 18.51
N TRP A 187 -32.38 -50.46 18.07
CA TRP A 187 -32.49 -49.26 17.22
C TRP A 187 -32.00 -48.03 17.99
N ARG A 188 -32.38 -47.90 19.27
CA ARG A 188 -31.98 -46.78 20.12
C ARG A 188 -30.47 -46.82 20.31
N PHE A 189 -29.92 -48.02 20.51
CA PHE A 189 -28.50 -48.27 20.63
C PHE A 189 -27.78 -47.90 19.31
N TYR A 190 -28.36 -48.27 18.17
CA TYR A 190 -27.84 -47.97 16.83
C TYR A 190 -27.78 -46.42 16.61
N SER A 191 -28.92 -45.77 16.92
CA SER A 191 -29.16 -44.33 16.79
C SER A 191 -28.31 -43.44 17.69
N ASP A 192 -28.07 -43.85 18.94
CA ASP A 192 -27.32 -43.04 19.90
C ASP A 192 -25.83 -43.32 19.92
N THR A 193 -25.39 -44.51 19.41
CA THR A 193 -23.97 -44.90 19.46
C THR A 193 -23.24 -44.71 18.08
N GLY A 194 -23.90 -44.09 17.10
CA GLY A 194 -23.29 -43.76 15.82
C GLY A 194 -22.90 -44.91 14.91
N PHE A 195 -23.75 -45.94 14.89
CA PHE A 195 -23.56 -47.10 14.03
C PHE A 195 -24.05 -46.77 12.65
N ALA A 196 -23.44 -47.39 11.66
CA ALA A 196 -23.83 -47.27 10.25
C ALA A 196 -24.45 -48.60 9.80
N TYR A 197 -24.13 -49.68 10.57
CA TYR A 197 -24.58 -51.04 10.36
C TYR A 197 -24.40 -51.92 11.62
N VAL A 198 -25.38 -52.75 11.90
CA VAL A 198 -25.38 -53.73 13.00
C VAL A 198 -26.07 -55.00 12.53
N GLU A 199 -25.47 -56.15 12.81
CA GLU A 199 -26.02 -57.45 12.44
C GLU A 199 -25.77 -58.47 13.52
N ILE A 200 -26.86 -59.04 14.06
CA ILE A 200 -26.83 -60.14 15.03
C ILE A 200 -27.39 -61.37 14.28
N ASN A 201 -26.47 -62.20 13.78
CA ASN A 201 -26.78 -63.36 12.97
C ASN A 201 -25.97 -64.58 13.41
N PRO A 202 -26.49 -65.37 14.36
CA PRO A 202 -27.82 -65.29 14.99
C PRO A 202 -27.87 -64.83 16.46
N PHE A 203 -29.08 -64.92 17.02
CA PHE A 203 -29.41 -64.73 18.42
C PHE A 203 -30.47 -65.77 18.86
N THR A 204 -30.47 -66.12 20.17
CA THR A 204 -31.39 -67.05 20.82
C THR A 204 -31.66 -66.52 22.23
N PHE A 205 -32.51 -67.20 23.01
CA PHE A 205 -32.84 -66.84 24.39
C PHE A 205 -32.09 -67.72 25.38
N ILE A 210 -32.59 -63.73 25.90
CA ILE A 210 -32.15 -62.98 24.71
C ILE A 210 -30.60 -62.71 24.76
N VAL A 211 -29.87 -63.56 24.01
CA VAL A 211 -28.40 -63.69 23.91
C VAL A 211 -27.85 -63.50 22.46
N PRO A 212 -26.86 -62.57 22.22
CA PRO A 212 -26.26 -62.47 20.88
C PRO A 212 -25.19 -63.54 20.65
N LEU A 213 -25.22 -64.23 19.49
CA LEU A 213 -24.27 -65.31 19.15
C LEU A 213 -23.11 -64.87 18.21
N ASP A 214 -23.43 -64.14 17.12
CA ASP A 214 -22.46 -63.61 16.18
C ASP A 214 -22.84 -62.18 15.88
N MET A 215 -21.82 -61.29 15.77
CA MET A 215 -22.01 -59.86 15.57
C MET A 215 -21.07 -59.26 14.52
N VAL A 216 -21.62 -58.39 13.68
CA VAL A 216 -20.95 -57.66 12.60
C VAL A 216 -21.44 -56.24 12.76
N ALA A 217 -20.51 -55.29 12.85
CA ALA A 217 -20.88 -53.91 13.04
C ALA A 217 -19.94 -52.94 12.33
N LYS A 218 -20.51 -51.80 11.90
CA LYS A 218 -19.81 -50.70 11.27
C LYS A 218 -20.21 -49.43 11.99
N LEU A 219 -19.23 -48.58 12.29
CA LEU A 219 -19.49 -47.29 12.93
C LEU A 219 -19.26 -46.20 11.90
N ASP A 220 -20.06 -45.13 11.93
CA ASP A 220 -19.86 -43.98 11.04
C ASP A 220 -18.75 -43.21 11.73
N ASP A 221 -17.50 -43.23 11.16
CA ASP A 221 -16.33 -42.63 11.80
C ASP A 221 -16.46 -41.11 12.06
N ALA A 222 -17.39 -40.42 11.31
CA ALA A 222 -17.72 -38.98 11.46
C ALA A 222 -18.37 -38.67 12.82
N GLU A 223 -18.89 -39.70 13.53
CA GLU A 223 -19.57 -39.63 14.83
C GLU A 223 -18.61 -39.48 16.01
N GLU A 224 -17.29 -39.70 15.80
CA GLU A 224 -16.22 -39.69 16.79
C GLU A 224 -16.35 -38.62 17.87
N TYR A 225 -16.54 -37.35 17.47
CA TYR A 225 -16.67 -36.18 18.35
C TYR A 225 -17.84 -36.28 19.34
N TRP A 226 -18.93 -36.95 18.93
CA TRP A 226 -20.13 -37.14 19.74
C TRP A 226 -20.11 -38.44 20.53
N GLN A 227 -19.10 -39.31 20.27
CA GLN A 227 -19.01 -40.65 20.89
C GLN A 227 -17.75 -40.91 21.72
N LYS A 228 -17.15 -39.87 22.29
CA LYS A 228 -15.91 -39.97 23.08
C LYS A 228 -15.99 -40.92 24.28
N LYS A 229 -17.18 -41.02 24.91
CA LYS A 229 -17.38 -41.89 26.07
C LYS A 229 -17.78 -43.31 25.68
N ARG A 230 -18.68 -43.46 24.70
CA ARG A 230 -19.13 -44.80 24.28
C ARG A 230 -18.06 -45.57 23.51
N TRP A 231 -17.25 -44.88 22.68
CA TRP A 231 -16.20 -45.52 21.88
C TRP A 231 -14.83 -45.58 22.62
N SER A 232 -14.78 -45.14 23.89
CA SER A 232 -13.57 -45.04 24.72
C SER A 232 -12.64 -46.26 24.68
N GLU A 233 -13.22 -47.47 24.80
CA GLU A 233 -12.49 -48.74 24.84
C GLU A 233 -12.19 -49.37 23.46
N LEU A 234 -12.51 -48.69 22.34
CA LEU A 234 -12.26 -49.34 21.05
C LEU A 234 -11.38 -48.52 20.08
N ALA A 235 -10.78 -49.25 19.13
CA ALA A 235 -9.94 -48.75 18.05
C ALA A 235 -10.34 -49.49 16.77
N PHE A 236 -10.37 -48.77 15.63
CA PHE A 236 -10.74 -49.38 14.34
C PHE A 236 -9.65 -50.34 13.83
N PRO A 237 -10.00 -51.61 13.54
CA PRO A 237 -8.99 -52.55 13.07
C PRO A 237 -8.68 -52.40 11.58
N GLU A 238 -7.50 -52.85 11.18
CA GLU A 238 -7.07 -52.85 9.79
C GLU A 238 -7.72 -54.06 9.10
N PRO A 239 -8.04 -54.01 7.78
CA PRO A 239 -8.64 -55.20 7.14
C PRO A 239 -7.66 -56.38 7.12
N PHE A 240 -8.21 -57.61 7.03
CA PHE A 240 -7.41 -58.84 7.00
C PHE A 240 -6.31 -58.80 5.92
N GLY A 241 -5.12 -59.26 6.31
CA GLY A 241 -3.95 -59.32 5.44
C GLY A 241 -3.03 -58.14 5.61
N ARG A 242 -3.61 -56.93 5.70
CA ARG A 242 -2.90 -55.65 5.84
C ARG A 242 -2.35 -55.44 7.23
N THR A 243 -1.11 -54.92 7.28
CA THR A 243 -0.38 -54.54 8.49
C THR A 243 -0.47 -53.00 8.67
N PRO A 244 -0.59 -52.48 9.92
CA PRO A 244 -0.63 -51.01 10.10
C PRO A 244 0.58 -50.28 9.53
N SER A 245 0.34 -49.07 8.96
CA SER A 245 1.36 -48.20 8.38
C SER A 245 1.55 -46.93 9.21
N LYS A 246 2.79 -46.71 9.72
CA LYS A 246 3.25 -45.58 10.52
C LYS A 246 3.04 -44.25 9.77
N GLU A 247 3.24 -44.28 8.44
CA GLU A 247 3.08 -43.17 7.51
C GLU A 247 1.60 -42.82 7.35
N GLU A 248 0.75 -43.86 7.13
CA GLU A 248 -0.71 -43.70 6.98
C GLU A 248 -1.36 -43.12 8.24
N LEU A 249 -0.91 -43.58 9.42
CA LEU A 249 -1.41 -43.13 10.71
C LEU A 249 -0.97 -41.72 11.03
N PHE A 250 0.22 -41.31 10.49
CA PHE A 250 0.76 -39.96 10.63
C PHE A 250 -0.11 -38.96 9.82
N ILE A 251 -0.55 -39.37 8.61
CA ILE A 251 -1.41 -38.58 7.71
C ILE A 251 -2.82 -38.44 8.30
N LYS A 252 -3.35 -39.55 8.87
CA LYS A 252 -4.64 -39.62 9.56
C LYS A 252 -4.63 -38.68 10.77
N GLU A 253 -3.46 -38.56 11.42
CA GLU A 253 -3.22 -37.68 12.57
C GLU A 253 -3.29 -36.19 12.16
N ILE A 254 -2.73 -35.83 10.98
CA ILE A 254 -2.80 -34.46 10.44
C ILE A 254 -4.26 -34.15 10.07
N ASP A 255 -4.93 -35.08 9.37
CA ASP A 255 -6.32 -34.98 8.92
C ASP A 255 -7.34 -34.72 10.07
N SER A 256 -7.03 -35.15 11.31
CA SER A 256 -7.91 -35.03 12.48
C SER A 256 -7.90 -33.64 13.13
N LYS A 257 -6.85 -32.86 12.91
CA LYS A 257 -6.70 -31.51 13.48
C LYS A 257 -7.02 -30.42 12.45
N THR A 258 -7.84 -30.75 11.43
CA THR A 258 -8.23 -29.80 10.38
C THR A 258 -9.56 -30.14 9.70
N GLY A 259 -10.22 -29.10 9.19
CA GLY A 259 -11.43 -29.20 8.38
C GLY A 259 -11.10 -29.66 6.97
N ALA A 260 -9.82 -29.43 6.54
CA ALA A 260 -9.25 -29.88 5.26
C ALA A 260 -9.11 -31.40 5.27
N SER A 261 -8.89 -31.99 4.09
CA SER A 261 -8.74 -33.43 3.91
C SER A 261 -7.31 -33.80 3.47
N LEU A 262 -6.71 -34.77 4.15
CA LEU A 262 -5.38 -35.31 3.88
C LEU A 262 -5.57 -36.81 4.10
N LYS A 263 -5.61 -37.58 3.00
CA LYS A 263 -5.84 -39.03 3.05
C LYS A 263 -4.76 -39.75 2.28
N LEU A 264 -4.23 -40.84 2.85
CA LEU A 264 -3.21 -41.67 2.20
C LEU A 264 -3.44 -43.15 2.49
N THR A 265 -3.46 -43.97 1.41
CA THR A 265 -3.59 -45.42 1.44
C THR A 265 -2.50 -46.02 0.56
N ILE A 266 -1.57 -46.77 1.16
CA ILE A 266 -0.52 -47.42 0.39
C ILE A 266 -1.11 -48.70 -0.19
N LEU A 267 -1.00 -48.85 -1.52
CA LEU A 267 -1.50 -50.02 -2.27
C LEU A 267 -0.37 -50.99 -2.54
N ASN A 268 0.82 -50.48 -2.89
CA ASN A 268 2.00 -51.26 -3.22
C ASN A 268 3.27 -50.45 -2.85
N PRO A 269 3.98 -50.80 -1.74
CA PRO A 269 5.22 -50.07 -1.39
C PRO A 269 6.30 -50.06 -2.48
N GLU A 270 6.40 -51.19 -3.25
CA GLU A 270 7.38 -51.37 -4.33
C GLU A 270 6.91 -50.83 -5.70
N GLY A 271 5.77 -50.14 -5.67
CA GLY A 271 5.15 -49.53 -6.84
C GLY A 271 5.92 -48.36 -7.42
N ARG A 272 5.91 -48.29 -8.77
CA ARG A 272 6.58 -47.27 -9.58
C ARG A 272 5.82 -45.91 -9.63
N VAL A 273 4.49 -45.96 -9.85
CA VAL A 273 3.65 -44.77 -10.00
C VAL A 273 3.09 -44.27 -8.66
N TRP A 274 3.57 -43.08 -8.24
CA TRP A 274 3.15 -42.36 -7.03
C TRP A 274 2.29 -41.15 -7.41
N THR A 275 1.26 -40.83 -6.60
CA THR A 275 0.33 -39.74 -6.88
C THR A 275 0.09 -38.82 -5.71
N MET A 276 -0.03 -37.53 -6.00
CA MET A 276 -0.39 -36.50 -5.03
C MET A 276 -1.40 -35.61 -5.69
N VAL A 277 -2.63 -36.11 -5.72
CA VAL A 277 -3.76 -35.48 -6.40
C VAL A 277 -4.64 -34.74 -5.41
N ALA A 278 -5.05 -33.54 -5.81
CA ALA A 278 -5.95 -32.70 -5.04
C ALA A 278 -7.40 -33.05 -5.35
N GLY A 279 -8.19 -33.25 -4.30
CA GLY A 279 -9.63 -33.55 -4.38
C GLY A 279 -10.00 -35.01 -4.49
N GLY A 280 -11.12 -35.37 -3.86
CA GLY A 280 -11.70 -36.72 -3.83
C GLY A 280 -12.11 -37.21 -5.21
N GLY A 281 -12.81 -36.35 -5.95
CA GLY A 281 -13.26 -36.62 -7.31
C GLY A 281 -12.14 -36.90 -8.29
N ALA A 282 -11.19 -35.96 -8.41
CA ALA A 282 -10.04 -36.01 -9.30
C ALA A 282 -9.06 -37.15 -9.03
N SER A 283 -8.81 -37.51 -7.75
CA SER A 283 -7.85 -38.57 -7.39
C SER A 283 -8.29 -39.94 -7.87
N VAL A 284 -9.61 -40.17 -7.83
CA VAL A 284 -10.29 -41.36 -8.28
C VAL A 284 -10.12 -41.43 -9.79
N ILE A 285 -10.32 -40.29 -10.49
CA ILE A 285 -10.19 -40.19 -11.96
C ILE A 285 -8.77 -40.48 -12.40
N TYR A 286 -7.75 -39.98 -11.66
CA TYR A 286 -6.35 -40.25 -12.00
C TYR A 286 -6.03 -41.73 -11.85
N ALA A 287 -6.58 -42.37 -10.80
CA ALA A 287 -6.44 -43.82 -10.55
C ALA A 287 -7.14 -44.62 -11.68
N ASP A 288 -8.34 -44.16 -12.12
CA ASP A 288 -9.08 -44.78 -13.22
C ASP A 288 -8.25 -44.80 -14.49
N THR A 289 -7.61 -43.66 -14.83
CA THR A 289 -6.77 -43.50 -16.03
C THR A 289 -5.53 -44.41 -15.98
N ILE A 290 -4.84 -44.48 -14.81
CA ILE A 290 -3.66 -45.35 -14.63
C ILE A 290 -4.06 -46.83 -14.85
N CYS A 291 -5.21 -47.28 -14.28
CA CYS A 291 -5.76 -48.64 -14.45
C CYS A 291 -6.17 -48.88 -15.89
N ASP A 292 -6.76 -47.84 -16.55
CA ASP A 292 -7.20 -47.90 -17.94
C ASP A 292 -6.03 -48.09 -18.91
N LEU A 293 -4.82 -47.62 -18.51
CA LEU A 293 -3.61 -47.78 -19.32
C LEU A 293 -2.85 -49.08 -18.97
N GLY A 294 -3.40 -49.86 -18.05
CA GLY A 294 -2.87 -51.15 -17.62
C GLY A 294 -1.74 -51.09 -16.61
N HIS A 295 -1.68 -50.01 -15.82
CA HIS A 295 -0.63 -49.83 -14.82
C HIS A 295 -1.16 -49.95 -13.37
N ALA A 296 -2.28 -50.70 -13.20
CA ALA A 296 -2.92 -50.95 -11.90
C ALA A 296 -1.92 -51.54 -10.89
N ASP A 297 -1.06 -52.46 -11.37
CA ASP A 297 0.00 -53.13 -10.62
C ASP A 297 1.08 -52.16 -10.11
N GLU A 298 1.54 -51.22 -10.97
CA GLU A 298 2.56 -50.23 -10.60
C GLU A 298 2.06 -49.12 -9.65
N MET A 299 0.72 -48.94 -9.54
CA MET A 299 0.11 -47.93 -8.67
C MET A 299 0.43 -48.16 -7.20
N ALA A 300 1.40 -47.38 -6.72
CA ALA A 300 1.95 -47.44 -5.38
C ALA A 300 1.02 -47.00 -4.26
N ASN A 301 0.10 -46.05 -4.55
CA ASN A 301 -0.80 -45.52 -3.53
C ASN A 301 -2.05 -44.85 -4.11
N TYR A 302 -3.03 -44.67 -3.22
CA TYR A 302 -4.22 -43.88 -3.44
C TYR A 302 -4.20 -42.84 -2.33
N GLY A 303 -4.13 -41.57 -2.75
CA GLY A 303 -4.08 -40.42 -1.86
C GLY A 303 -5.04 -39.33 -2.29
N GLU A 304 -5.12 -38.27 -1.47
CA GLU A 304 -6.03 -37.15 -1.68
C GLU A 304 -5.79 -36.08 -0.62
N TYR A 305 -5.76 -34.82 -1.07
CA TYR A 305 -5.69 -33.62 -0.22
C TYR A 305 -6.62 -32.63 -0.83
N SER A 306 -7.38 -31.92 -0.01
CA SER A 306 -8.34 -30.93 -0.47
C SER A 306 -8.89 -30.16 0.72
N GLY A 307 -9.85 -29.26 0.45
CA GLY A 307 -10.51 -28.45 1.46
C GLY A 307 -9.60 -27.37 2.00
N ASP A 308 -8.69 -26.87 1.13
CA ASP A 308 -7.70 -25.82 1.36
C ASP A 308 -6.75 -26.09 2.56
N PRO A 309 -5.87 -27.14 2.50
CA PRO A 309 -4.90 -27.34 3.59
C PRO A 309 -3.78 -26.29 3.55
N ASN A 310 -3.24 -25.91 4.72
CA ASN A 310 -2.15 -24.92 4.77
C ASN A 310 -0.80 -25.51 4.31
N THR A 311 0.21 -24.64 4.17
CA THR A 311 1.59 -24.98 3.74
C THR A 311 2.21 -26.08 4.59
N GLU A 312 2.11 -25.98 5.91
CA GLU A 312 2.66 -26.93 6.88
C GLU A 312 2.02 -28.31 6.68
N GLU A 313 0.69 -28.36 6.52
CA GLU A 313 -0.02 -29.63 6.31
C GLU A 313 0.41 -30.32 5.02
N THR A 314 0.50 -29.56 3.90
CA THR A 314 0.91 -30.07 2.59
C THR A 314 2.39 -30.46 2.60
N TYR A 315 3.20 -29.75 3.39
CA TYR A 315 4.63 -30.03 3.52
C TYR A 315 4.84 -31.41 4.14
N HIS A 316 4.19 -31.69 5.29
CA HIS A 316 4.27 -32.98 6.00
C HIS A 316 3.75 -34.14 5.17
N TYR A 317 2.67 -33.89 4.39
CA TYR A 317 2.07 -34.85 3.47
C TYR A 317 3.05 -35.21 2.36
N THR A 318 3.64 -34.19 1.70
CA THR A 318 4.61 -34.36 0.60
C THR A 318 5.86 -35.07 1.11
N CYS A 319 6.31 -34.76 2.35
CA CYS A 319 7.47 -35.40 3.00
C CYS A 319 7.22 -36.88 3.18
N THR A 320 5.97 -37.25 3.55
CA THR A 320 5.54 -38.64 3.74
C THR A 320 5.59 -39.42 2.44
N ILE A 321 4.99 -38.87 1.36
CA ILE A 321 4.97 -39.49 0.03
C ILE A 321 6.40 -39.67 -0.50
N LEU A 322 7.23 -38.60 -0.40
CA LEU A 322 8.63 -38.61 -0.83
C LEU A 322 9.42 -39.64 -0.09
N ASP A 323 9.24 -39.73 1.24
CA ASP A 323 9.92 -40.71 2.09
C ASP A 323 9.72 -42.13 1.56
N LEU A 324 8.45 -42.55 1.43
CA LEU A 324 8.03 -43.86 0.96
C LEU A 324 8.51 -44.23 -0.44
N MET A 325 8.64 -43.23 -1.33
CA MET A 325 9.05 -43.51 -2.71
C MET A 325 10.58 -43.51 -2.89
N THR A 326 11.34 -43.04 -1.87
CA THR A 326 12.81 -43.00 -1.93
C THR A 326 13.51 -44.10 -1.10
N ARG A 327 12.72 -45.06 -0.59
CA ARG A 327 13.23 -46.17 0.21
C ARG A 327 13.89 -47.19 -0.70
N SER A 328 13.19 -47.59 -1.77
CA SER A 328 13.65 -48.59 -2.75
C SER A 328 14.08 -47.93 -4.06
N LYS A 329 15.13 -48.46 -4.70
CA LYS A 329 15.60 -47.95 -5.98
C LYS A 329 15.08 -48.92 -7.07
N ASN A 330 14.26 -48.39 -8.01
CA ASN A 330 13.66 -49.14 -9.11
C ASN A 330 14.52 -49.01 -10.41
N PRO A 331 14.68 -50.08 -11.26
CA PRO A 331 15.53 -49.95 -12.47
C PRO A 331 15.06 -48.94 -13.52
N ASN A 332 13.74 -48.89 -13.79
CA ASN A 332 13.15 -47.95 -14.76
C ASN A 332 12.74 -46.61 -14.11
N GLY A 333 13.19 -46.40 -12.88
CA GLY A 333 12.91 -45.21 -12.09
C GLY A 333 11.55 -45.22 -11.43
N LYS A 334 11.10 -44.04 -11.00
CA LYS A 334 9.81 -43.81 -10.34
C LYS A 334 9.17 -42.52 -10.86
N VAL A 335 7.83 -42.43 -10.81
CA VAL A 335 7.07 -41.29 -11.33
C VAL A 335 6.14 -40.68 -10.24
N LEU A 336 6.17 -39.35 -10.10
CA LEU A 336 5.30 -38.65 -9.16
C LEU A 336 4.40 -37.71 -9.93
N LEU A 337 3.08 -37.95 -9.84
CA LEU A 337 2.00 -37.22 -10.50
C LEU A 337 1.30 -36.28 -9.51
N ILE A 338 1.63 -34.97 -9.60
CA ILE A 338 1.10 -33.91 -8.74
C ILE A 338 -0.03 -33.23 -9.53
N GLY A 339 -1.19 -33.87 -9.51
CA GLY A 339 -2.33 -33.42 -10.30
C GLY A 339 -3.46 -32.82 -9.50
N GLY A 340 -4.57 -32.67 -10.19
CA GLY A 340 -5.80 -32.15 -9.63
C GLY A 340 -6.61 -31.39 -10.64
N ALA A 341 -7.84 -31.07 -10.27
CA ALA A 341 -8.74 -30.28 -11.10
C ALA A 341 -8.40 -28.80 -10.91
N ILE A 342 -9.22 -27.91 -11.48
CA ILE A 342 -9.09 -26.47 -11.30
C ILE A 342 -9.81 -26.23 -9.97
N ALA A 343 -9.05 -25.89 -8.91
CA ALA A 343 -9.59 -25.70 -7.56
C ALA A 343 -10.59 -24.57 -7.43
N ASN A 344 -11.55 -24.72 -6.52
CA ASN A 344 -12.56 -23.73 -6.21
C ASN A 344 -12.03 -22.79 -5.16
N PHE A 345 -11.36 -23.31 -4.11
CA PHE A 345 -10.87 -22.45 -3.02
C PHE A 345 -9.52 -22.84 -2.43
N THR A 346 -9.05 -24.08 -2.68
CA THR A 346 -7.75 -24.57 -2.21
C THR A 346 -6.70 -23.68 -2.87
N ASP A 347 -5.90 -22.99 -2.07
CA ASP A 347 -4.86 -22.08 -2.55
C ASP A 347 -3.67 -22.84 -3.13
N VAL A 348 -3.43 -22.70 -4.44
CA VAL A 348 -2.37 -23.44 -5.13
C VAL A 348 -0.98 -22.94 -4.73
N ALA A 349 -0.85 -21.63 -4.41
CA ALA A 349 0.41 -21.00 -4.01
C ALA A 349 0.88 -21.54 -2.66
N LYS A 350 -0.03 -21.57 -1.65
CA LYS A 350 0.23 -22.03 -0.28
C LYS A 350 0.50 -23.55 -0.24
N THR A 351 -0.34 -24.35 -0.94
CA THR A 351 -0.18 -25.80 -1.01
C THR A 351 1.11 -26.17 -1.74
N PHE A 352 1.35 -25.60 -2.95
CA PHE A 352 2.57 -25.89 -3.72
C PHE A 352 3.83 -25.34 -3.03
N LYS A 353 3.70 -24.35 -2.13
CA LYS A 353 4.85 -23.87 -1.33
C LYS A 353 5.31 -25.00 -0.41
N GLY A 354 4.37 -25.76 0.16
CA GLY A 354 4.62 -26.91 1.02
C GLY A 354 5.23 -28.07 0.24
N VAL A 355 4.72 -28.33 -0.98
CA VAL A 355 5.20 -29.35 -1.93
C VAL A 355 6.65 -29.02 -2.36
N VAL A 356 6.92 -27.76 -2.74
CA VAL A 356 8.25 -27.28 -3.15
C VAL A 356 9.25 -27.45 -2.00
N MET A 357 8.88 -27.07 -0.77
CA MET A 357 9.73 -27.20 0.43
C MET A 357 10.17 -28.65 0.71
N ALA A 358 9.23 -29.61 0.54
CA ALA A 358 9.52 -31.03 0.73
C ALA A 358 10.44 -31.54 -0.38
N LEU A 359 10.17 -31.18 -1.66
CA LEU A 359 10.97 -31.57 -2.82
C LEU A 359 12.42 -31.07 -2.71
N GLU A 360 12.60 -29.84 -2.18
CA GLU A 360 13.90 -29.22 -1.93
C GLU A 360 14.70 -30.08 -0.93
N GLU A 361 14.02 -30.56 0.13
CA GLU A 361 14.62 -31.38 1.18
C GLU A 361 14.99 -32.78 0.71
N TYR A 362 14.21 -33.35 -0.23
CA TYR A 362 14.43 -34.69 -0.78
C TYR A 362 15.26 -34.69 -2.08
N GLN A 363 15.92 -33.55 -2.42
CA GLN A 363 16.76 -33.32 -3.60
C GLN A 363 17.75 -34.46 -3.94
N GLN A 364 18.55 -34.92 -2.96
CA GLN A 364 19.55 -35.99 -3.15
C GLN A 364 18.85 -37.33 -3.43
N LYS A 365 17.86 -37.69 -2.59
CA LYS A 365 17.06 -38.91 -2.70
C LYS A 365 16.20 -38.96 -3.99
N LEU A 366 15.80 -37.78 -4.53
CA LEU A 366 15.03 -37.66 -5.78
C LEU A 366 15.88 -38.02 -7.00
N GLN A 367 17.12 -37.49 -7.07
CA GLN A 367 18.07 -37.72 -8.18
C GLN A 367 18.52 -39.19 -8.20
N GLU A 368 18.90 -39.73 -7.01
CA GLU A 368 19.35 -41.10 -6.80
C GLU A 368 18.29 -42.16 -7.15
N ALA A 369 16.99 -41.84 -6.99
CA ALA A 369 15.90 -42.78 -7.29
C ALA A 369 15.32 -42.66 -8.72
N ASP A 370 15.91 -41.75 -9.56
CA ASP A 370 15.51 -41.49 -10.96
C ASP A 370 14.02 -41.10 -11.08
N ILE A 371 13.58 -40.23 -10.16
CA ILE A 371 12.22 -39.73 -10.05
C ILE A 371 11.95 -38.61 -11.07
N GLU A 372 10.82 -38.70 -11.77
CA GLU A 372 10.33 -37.72 -12.73
C GLU A 372 9.00 -37.17 -12.19
N ILE A 373 8.91 -35.84 -12.08
CA ILE A 373 7.72 -35.16 -11.54
C ILE A 373 6.86 -34.57 -12.66
N TYR A 374 5.55 -34.84 -12.63
CA TYR A 374 4.57 -34.34 -13.60
C TYR A 374 3.47 -33.61 -12.84
N VAL A 375 3.26 -32.31 -13.18
CA VAL A 375 2.30 -31.43 -12.52
C VAL A 375 1.25 -30.89 -13.50
N ARG A 376 -0.03 -30.90 -13.10
CA ARG A 376 -1.16 -30.30 -13.82
C ARG A 376 -2.06 -29.69 -12.73
N ARG A 377 -2.14 -28.36 -12.68
CA ARG A 377 -2.95 -27.71 -11.68
C ARG A 377 -3.54 -26.38 -12.12
N GLY A 378 -4.74 -26.12 -11.63
CA GLY A 378 -5.50 -24.89 -11.77
C GLY A 378 -6.09 -24.56 -10.41
N GLY A 379 -6.60 -23.34 -10.26
CA GLY A 379 -7.21 -22.90 -9.00
C GLY A 379 -6.66 -21.58 -8.46
N PRO A 380 -7.15 -21.13 -7.27
CA PRO A 380 -6.66 -19.85 -6.69
C PRO A 380 -5.14 -19.74 -6.62
N ASN A 381 -4.59 -18.69 -7.27
CA ASN A 381 -3.16 -18.35 -7.38
C ASN A 381 -2.32 -19.45 -8.06
N TYR A 382 -2.94 -20.21 -9.01
CA TYR A 382 -2.23 -21.30 -9.69
C TYR A 382 -0.96 -20.85 -10.39
N GLU A 383 -1.00 -19.67 -11.08
CA GLU A 383 0.18 -19.15 -11.82
C GLU A 383 1.40 -19.01 -10.91
N GLN A 384 1.20 -18.50 -9.68
CA GLN A 384 2.24 -18.37 -8.66
C GLN A 384 2.75 -19.77 -8.22
N GLY A 385 1.83 -20.73 -8.07
CA GLY A 385 2.17 -22.11 -7.71
C GLY A 385 2.98 -22.82 -8.79
N LEU A 386 2.55 -22.71 -10.06
CA LEU A 386 3.25 -23.32 -11.20
C LEU A 386 4.62 -22.65 -11.39
N LYS A 387 4.74 -21.33 -11.07
CA LYS A 387 6.01 -20.57 -11.15
C LYS A 387 7.05 -21.17 -10.18
N LEU A 388 6.61 -21.50 -8.93
CA LEU A 388 7.43 -22.13 -7.88
C LEU A 388 7.98 -23.47 -8.35
N MET A 389 7.11 -24.31 -8.98
CA MET A 389 7.43 -25.64 -9.52
C MET A 389 8.39 -25.56 -10.71
N ARG A 390 8.22 -24.55 -11.58
CA ARG A 390 9.07 -24.31 -12.76
C ARG A 390 10.46 -23.87 -12.34
N ASP A 391 10.54 -22.96 -11.32
CA ASP A 391 11.80 -22.45 -10.76
C ASP A 391 12.57 -23.55 -10.04
N LEU A 392 11.83 -24.48 -9.42
CA LEU A 392 12.35 -25.65 -8.69
C LEU A 392 12.99 -26.65 -9.66
N GLY A 393 12.27 -27.01 -10.72
CA GLY A 393 12.73 -27.93 -11.77
C GLY A 393 14.00 -27.49 -12.47
N LYS A 394 14.24 -26.17 -12.47
CA LYS A 394 15.39 -25.48 -13.06
C LYS A 394 16.61 -25.46 -12.13
N ARG A 395 16.50 -26.02 -10.91
CA ARG A 395 17.61 -26.06 -9.96
C ARG A 395 17.79 -27.40 -9.20
N LEU A 396 16.72 -28.20 -9.09
CA LEU A 396 16.68 -29.48 -8.38
C LEU A 396 17.50 -30.59 -9.02
N GLY A 397 17.53 -30.64 -10.35
CA GLY A 397 18.26 -31.65 -11.09
C GLY A 397 17.44 -32.88 -11.43
N VAL A 398 16.11 -32.75 -11.33
CA VAL A 398 15.13 -33.81 -11.67
C VAL A 398 14.11 -33.25 -12.66
N PRO A 399 13.62 -34.04 -13.66
CA PRO A 399 12.64 -33.50 -14.62
C PRO A 399 11.27 -33.15 -14.00
N ILE A 400 10.87 -31.87 -14.11
CA ILE A 400 9.57 -31.42 -13.60
C ILE A 400 8.77 -30.77 -14.75
N GLN A 401 7.81 -31.55 -15.31
CA GLN A 401 6.90 -31.15 -16.40
C GLN A 401 5.71 -30.44 -15.77
N VAL A 402 5.57 -29.12 -16.02
CA VAL A 402 4.53 -28.27 -15.40
C VAL A 402 3.44 -27.84 -16.39
N HIS A 403 2.17 -28.14 -16.02
CA HIS A 403 0.96 -27.88 -16.81
C HIS A 403 -0.09 -27.13 -16.00
N GLY A 404 -0.99 -26.48 -16.72
CA GLY A 404 -2.07 -25.70 -16.14
C GLY A 404 -3.42 -26.07 -16.70
N PRO A 405 -4.43 -25.18 -16.54
CA PRO A 405 -5.80 -25.48 -17.02
C PRO A 405 -5.96 -25.70 -18.52
N GLU A 406 -4.95 -25.31 -19.33
CA GLU A 406 -4.95 -25.47 -20.80
C GLU A 406 -4.79 -26.95 -21.22
N THR A 407 -4.10 -27.75 -20.37
CA THR A 407 -3.88 -29.18 -20.55
C THR A 407 -5.05 -29.88 -19.89
N HIS A 408 -5.55 -30.94 -20.56
CA HIS A 408 -6.64 -31.77 -20.07
C HIS A 408 -6.19 -32.42 -18.75
N MET A 409 -7.06 -32.40 -17.72
CA MET A 409 -6.75 -32.87 -16.36
C MET A 409 -5.86 -34.11 -16.27
N THR A 410 -6.26 -35.18 -16.95
CA THR A 410 -5.56 -36.46 -16.86
C THR A 410 -4.54 -36.72 -17.99
N ARG A 411 -4.14 -35.67 -18.74
CA ARG A 411 -3.17 -35.78 -19.83
C ARG A 411 -1.74 -36.10 -19.35
N ILE A 412 -1.40 -35.75 -18.09
CA ILE A 412 -0.07 -36.03 -17.52
C ILE A 412 0.13 -37.54 -17.24
N VAL A 413 -0.96 -38.33 -17.19
CA VAL A 413 -0.91 -39.77 -16.97
C VAL A 413 -0.30 -40.49 -18.20
N PRO A 414 -0.86 -40.40 -19.45
CA PRO A 414 -0.21 -41.06 -20.60
C PRO A 414 1.16 -40.48 -20.93
N LEU A 415 1.35 -39.16 -20.71
CA LEU A 415 2.62 -38.43 -20.90
C LEU A 415 3.77 -39.01 -20.03
N ALA A 416 3.42 -39.56 -18.86
CA ALA A 416 4.35 -40.15 -17.91
C ALA A 416 4.50 -41.68 -18.02
N LEU A 417 3.41 -42.39 -18.39
CA LEU A 417 3.38 -43.85 -18.47
C LEU A 417 3.62 -44.43 -19.87
N GLU A 418 3.37 -43.65 -20.94
CA GLU A 418 3.58 -44.11 -22.33
C GLU A 418 4.97 -43.67 -22.84
N GLU A 419 5.45 -42.50 -22.31
CA GLU A 419 6.75 -41.91 -22.58
C GLU A 419 7.53 -41.76 -21.27
N LYS B 4 41.05 7.06 -22.08
CA LYS B 4 40.74 7.38 -20.69
C LYS B 4 40.09 8.78 -20.58
N ASP B 5 40.74 9.81 -21.15
CA ASP B 5 40.27 11.21 -21.20
C ASP B 5 38.94 11.35 -21.96
N TYR B 6 38.77 10.55 -23.05
CA TYR B 6 37.57 10.52 -23.87
C TYR B 6 36.35 9.90 -23.17
N VAL B 7 36.57 9.04 -22.15
CA VAL B 7 35.49 8.41 -21.39
C VAL B 7 34.87 9.41 -20.39
N LEU B 8 33.57 9.67 -20.49
CA LEU B 8 32.93 10.55 -19.52
C LEU B 8 32.47 9.67 -18.36
N PHE B 9 31.66 8.63 -18.67
CA PHE B 9 31.15 7.67 -17.70
C PHE B 9 31.32 6.27 -18.14
N ASP B 10 31.53 5.39 -17.18
CA ASP B 10 31.61 3.96 -17.43
C ASP B 10 30.79 3.22 -16.37
N ILE B 11 30.91 1.90 -16.38
CA ILE B 11 30.21 1.00 -15.47
C ILE B 11 30.76 1.12 -14.04
N ASN B 12 31.90 1.82 -13.84
CA ASN B 12 32.48 2.02 -12.50
C ASN B 12 32.27 3.45 -11.97
N THR B 13 31.59 4.31 -12.75
CA THR B 13 31.26 5.70 -12.37
C THR B 13 30.37 5.74 -11.12
N LYS B 14 30.80 6.54 -10.14
CA LYS B 14 30.12 6.82 -8.89
C LYS B 14 29.80 8.32 -8.86
N ALA B 15 28.61 8.64 -8.38
CA ALA B 15 28.10 9.99 -8.43
C ALA B 15 27.42 10.45 -7.15
N PHE B 16 27.27 11.79 -7.03
CA PHE B 16 26.49 12.45 -5.99
C PHE B 16 25.31 13.04 -6.71
N VAL B 17 24.16 12.99 -6.07
CA VAL B 17 22.97 13.64 -6.58
C VAL B 17 22.75 14.81 -5.63
N TYR B 18 22.95 16.03 -6.12
CA TYR B 18 22.71 17.25 -5.34
C TYR B 18 21.22 17.60 -5.52
N GLY B 19 20.50 17.59 -4.42
CA GLY B 19 19.07 17.89 -4.38
C GLY B 19 18.29 16.63 -4.10
N TYR B 20 17.26 16.73 -3.25
CA TYR B 20 16.45 15.57 -2.86
C TYR B 20 15.43 15.20 -3.93
N GLN B 21 15.91 14.61 -5.02
CA GLN B 21 15.08 14.22 -6.15
C GLN B 21 14.90 12.73 -6.14
N THR B 22 13.99 12.26 -5.33
CA THR B 22 13.74 10.83 -5.07
C THR B 22 13.41 10.03 -6.34
N ASN B 23 12.62 10.58 -7.25
CA ASN B 23 12.30 9.89 -8.52
C ASN B 23 13.52 9.73 -9.43
N ALA B 24 14.33 10.81 -9.55
CA ALA B 24 15.56 10.83 -10.33
C ALA B 24 16.57 9.82 -9.72
N ILE B 25 16.68 9.81 -8.37
CA ILE B 25 17.54 8.87 -7.65
C ILE B 25 17.11 7.45 -8.03
N GLN B 26 15.79 7.15 -7.90
CA GLN B 26 15.25 5.84 -8.25
C GLN B 26 15.51 5.45 -9.71
N ARG B 27 15.39 6.40 -10.66
CA ARG B 27 15.63 6.17 -12.08
C ARG B 27 17.06 5.73 -12.33
N MET B 28 18.03 6.42 -11.67
CA MET B 28 19.45 6.07 -11.80
C MET B 28 19.71 4.63 -11.31
N LEU B 29 19.20 4.29 -10.12
CA LEU B 29 19.36 2.97 -9.52
C LEU B 29 18.71 1.89 -10.37
N ASP B 30 17.53 2.18 -10.95
CA ASP B 30 16.81 1.24 -11.80
C ASP B 30 17.62 0.89 -13.05
N PHE B 31 18.30 1.88 -13.62
CA PHE B 31 19.16 1.71 -14.81
C PHE B 31 20.37 0.84 -14.45
N ASP B 32 21.01 1.11 -13.31
CA ASP B 32 22.15 0.35 -12.82
C ASP B 32 21.73 -1.12 -12.66
N TYR B 33 20.55 -1.36 -12.08
CA TYR B 33 20.02 -2.70 -11.92
C TYR B 33 19.82 -3.46 -13.28
N VAL B 34 19.09 -2.85 -14.26
CA VAL B 34 18.82 -3.46 -15.57
C VAL B 34 20.10 -3.62 -16.42
N CYS B 35 21.17 -2.85 -16.13
CA CYS B 35 22.47 -2.93 -16.80
C CYS B 35 23.36 -3.99 -16.20
N LYS B 36 22.90 -4.61 -15.10
CA LYS B 36 23.58 -5.66 -14.36
C LYS B 36 24.85 -5.14 -13.68
N ARG B 37 24.85 -3.86 -13.28
CA ARG B 37 25.97 -3.21 -12.59
C ARG B 37 26.23 -3.90 -11.26
N SER B 38 27.51 -3.95 -10.86
CA SER B 38 27.90 -4.56 -9.59
C SER B 38 27.48 -3.68 -8.44
N SER B 39 27.67 -2.37 -8.59
CA SER B 39 27.32 -1.43 -7.53
C SER B 39 26.39 -0.30 -8.02
N PRO B 40 25.60 0.34 -7.13
CA PRO B 40 24.81 1.51 -7.54
C PRO B 40 25.73 2.64 -8.05
N SER B 41 25.24 3.44 -8.98
CA SER B 41 26.01 4.56 -9.55
C SER B 41 26.05 5.80 -8.63
N ILE B 42 25.36 5.74 -7.46
CA ILE B 42 25.23 6.85 -6.52
C ILE B 42 25.91 6.48 -5.20
N SER B 43 26.93 7.27 -4.81
CA SER B 43 27.64 7.09 -3.55
C SER B 43 26.85 7.81 -2.45
N ALA B 44 26.36 9.07 -2.72
CA ALA B 44 25.61 9.84 -1.74
C ALA B 44 24.66 10.86 -2.37
N ILE B 45 23.73 11.33 -1.55
CA ILE B 45 22.80 12.41 -1.91
C ILE B 45 23.27 13.63 -1.14
N ILE B 46 23.20 14.81 -1.77
CA ILE B 46 23.54 16.03 -1.06
C ILE B 46 22.20 16.76 -0.87
N ASN B 47 21.76 16.87 0.38
CA ASN B 47 20.51 17.51 0.75
C ASN B 47 20.83 18.71 1.65
N PRO B 48 20.69 19.94 1.12
CA PRO B 48 21.06 21.13 1.91
C PRO B 48 20.25 21.38 3.17
N SER B 49 19.07 20.75 3.24
CA SER B 49 18.18 20.87 4.41
C SER B 49 18.51 19.85 5.47
N ARG B 50 19.06 18.68 5.08
CA ARG B 50 19.19 17.56 6.02
C ARG B 50 20.24 16.50 5.68
N ALA B 51 20.96 16.04 6.71
CA ALA B 51 21.89 14.93 6.62
C ALA B 51 21.08 13.70 7.12
N GLY B 52 21.45 12.51 6.68
CA GLY B 52 20.80 11.29 7.11
C GLY B 52 20.89 10.15 6.13
N ILE B 53 19.78 9.43 5.97
CA ILE B 53 19.68 8.30 5.06
C ILE B 53 18.52 8.46 4.11
N HIS B 54 18.64 7.78 2.97
CA HIS B 54 17.59 7.71 1.99
C HIS B 54 17.45 6.25 1.56
N LYS B 55 16.24 5.74 1.58
CA LYS B 55 15.97 4.37 1.17
C LYS B 55 15.37 4.35 -0.25
N ALA B 56 15.89 3.48 -1.09
CA ALA B 56 15.46 3.29 -2.47
C ALA B 56 15.53 1.80 -2.82
N PHE B 57 15.06 1.44 -4.01
CA PHE B 57 15.11 0.07 -4.49
C PHE B 57 16.34 -0.20 -5.34
N TRP B 58 16.81 -1.47 -5.28
CA TRP B 58 17.81 -2.11 -6.11
C TRP B 58 17.05 -3.33 -6.64
N GLY B 59 16.29 -3.13 -7.70
CA GLY B 59 15.40 -4.15 -8.25
C GLY B 59 14.15 -4.21 -7.39
N THR B 60 14.06 -5.25 -6.55
CA THR B 60 12.97 -5.47 -5.59
C THR B 60 13.54 -5.40 -4.18
N LYS B 61 14.87 -5.24 -4.04
CA LYS B 61 15.57 -5.20 -2.77
C LYS B 61 15.79 -3.73 -2.38
N GLU B 62 15.48 -3.37 -1.14
CA GLU B 62 15.65 -2.03 -0.65
C GLU B 62 17.06 -1.78 -0.12
N ILE B 63 17.64 -0.64 -0.49
CA ILE B 63 19.01 -0.28 -0.08
C ILE B 63 19.04 1.08 0.60
N ILE B 64 20.12 1.39 1.32
CA ILE B 64 20.26 2.67 2.02
C ILE B 64 21.35 3.51 1.36
N LEU B 65 21.04 4.76 1.05
CA LEU B 65 22.03 5.69 0.55
C LEU B 65 22.28 6.75 1.60
N PRO B 66 23.57 7.09 1.86
CA PRO B 66 23.86 8.18 2.81
C PRO B 66 23.51 9.55 2.22
N MET B 67 23.20 10.51 3.10
CA MET B 67 22.73 11.81 2.69
C MET B 67 23.44 12.90 3.50
N TYR B 68 24.17 13.79 2.79
CA TYR B 68 25.02 14.85 3.34
C TYR B 68 24.46 16.23 3.11
N LYS B 69 24.71 17.16 4.06
CA LYS B 69 24.23 18.54 3.97
C LYS B 69 25.03 19.38 2.96
N THR B 70 26.35 19.10 2.81
CA THR B 70 27.25 19.86 1.93
C THR B 70 28.04 18.99 0.94
N ILE B 71 28.52 19.63 -0.13
CA ILE B 71 29.37 19.02 -1.17
C ILE B 71 30.75 18.64 -0.58
N PRO B 72 31.51 19.53 0.14
CA PRO B 72 32.79 19.11 0.74
C PRO B 72 32.70 17.92 1.71
N LEU B 73 31.60 17.79 2.48
CA LEU B 73 31.45 16.69 3.42
C LEU B 73 31.23 15.36 2.70
N ALA B 74 30.43 15.38 1.63
CA ALA B 74 30.17 14.20 0.80
C ALA B 74 31.42 13.78 0.07
N ALA B 75 32.15 14.76 -0.54
CA ALA B 75 33.36 14.52 -1.30
C ALA B 75 34.45 13.86 -0.44
N LEU B 76 34.61 14.34 0.80
CA LEU B 76 35.55 13.77 1.76
C LEU B 76 35.17 12.33 2.18
N ALA B 77 33.85 12.05 2.30
CA ALA B 77 33.39 10.69 2.65
C ALA B 77 33.48 9.73 1.45
N TYR B 78 33.14 10.21 0.23
CA TYR B 78 33.16 9.39 -0.98
C TYR B 78 34.08 10.00 -2.05
N PRO B 79 35.44 9.93 -1.88
CA PRO B 79 36.34 10.49 -2.90
C PRO B 79 36.28 9.81 -4.25
N GLU B 80 35.77 8.57 -4.30
CA GLU B 80 35.63 7.79 -5.53
C GLU B 80 34.56 8.36 -6.48
N ALA B 81 33.63 9.16 -5.96
CA ALA B 81 32.56 9.77 -6.74
C ALA B 81 33.13 11.01 -7.48
N ASP B 82 33.20 10.95 -8.81
CA ASP B 82 33.77 12.02 -9.64
C ASP B 82 32.71 12.79 -10.47
N VAL B 83 31.44 12.40 -10.32
CA VAL B 83 30.32 13.02 -11.00
C VAL B 83 29.35 13.64 -9.99
N MET B 84 28.85 14.87 -10.26
CA MET B 84 27.75 15.45 -9.50
C MET B 84 26.57 15.76 -10.42
N VAL B 85 25.37 15.21 -10.10
CA VAL B 85 24.11 15.46 -10.81
C VAL B 85 23.45 16.54 -9.99
N ASN B 86 23.47 17.79 -10.50
CA ASN B 86 23.02 18.98 -9.81
C ASN B 86 21.59 19.37 -10.13
N PHE B 87 20.66 19.10 -9.19
CA PHE B 87 19.24 19.46 -9.31
C PHE B 87 18.89 20.74 -8.55
N ALA B 88 19.87 21.59 -8.26
CA ALA B 88 19.61 22.88 -7.60
C ALA B 88 18.79 23.76 -8.56
N SER B 89 17.98 24.66 -8.03
CA SER B 89 17.19 25.58 -8.88
C SER B 89 18.15 26.57 -9.65
N HIS B 90 17.60 27.39 -10.56
CA HIS B 90 18.40 28.36 -11.30
C HIS B 90 18.99 29.43 -10.38
N ARG B 91 18.43 29.56 -9.18
CA ARG B 91 18.86 30.52 -8.17
C ARG B 91 20.06 30.00 -7.41
N SER B 92 20.30 28.68 -7.41
CA SER B 92 21.37 28.03 -6.65
C SER B 92 22.37 27.23 -7.48
N ALA B 93 22.06 27.03 -8.76
CA ALA B 93 22.87 26.24 -9.70
C ALA B 93 24.32 26.71 -9.78
N PHE B 94 24.56 28.06 -9.87
CA PHE B 94 25.92 28.58 -9.95
C PHE B 94 26.77 28.27 -8.73
N GLU B 95 26.33 28.70 -7.54
CA GLU B 95 27.07 28.50 -6.30
C GLU B 95 27.43 27.02 -6.03
N THR B 96 26.47 26.13 -6.24
CA THR B 96 26.64 24.68 -6.00
C THR B 96 27.56 24.03 -7.06
N THR B 97 27.43 24.42 -8.34
CA THR B 97 28.32 23.90 -9.40
C THR B 97 29.76 24.36 -9.16
N MET B 98 29.92 25.65 -8.81
CA MET B 98 31.21 26.25 -8.54
C MET B 98 31.88 25.56 -7.35
N GLU B 99 31.11 25.27 -6.30
CA GLU B 99 31.62 24.55 -5.13
C GLU B 99 32.05 23.11 -5.51
N ALA B 100 31.24 22.40 -6.30
CA ALA B 100 31.60 21.06 -6.76
C ALA B 100 32.86 21.07 -7.63
N LEU B 101 33.01 22.08 -8.54
CA LEU B 101 34.17 22.22 -9.44
C LEU B 101 35.48 22.49 -8.66
N LYS B 102 35.36 23.17 -7.51
CA LYS B 102 36.49 23.47 -6.63
C LYS B 102 36.98 22.22 -5.86
N GLU B 103 36.15 21.16 -5.81
CA GLU B 103 36.49 19.87 -5.19
C GLU B 103 37.44 19.11 -6.12
N ASP B 104 38.59 18.68 -5.60
CA ASP B 104 39.62 17.95 -6.36
C ASP B 104 39.16 16.61 -6.92
N THR B 105 38.19 15.96 -6.25
CA THR B 105 37.68 14.64 -6.65
C THR B 105 36.56 14.68 -7.68
N ILE B 106 35.87 15.83 -7.86
CA ILE B 106 34.79 15.93 -8.84
C ILE B 106 35.36 16.40 -10.18
N ARG B 107 34.99 15.71 -11.26
CA ARG B 107 35.42 15.97 -12.64
C ARG B 107 34.27 16.44 -13.54
N ILE B 108 33.04 15.90 -13.33
CA ILE B 108 31.85 16.22 -14.14
C ILE B 108 30.69 16.73 -13.27
N VAL B 109 30.07 17.85 -13.70
CA VAL B 109 28.90 18.40 -13.07
C VAL B 109 27.84 18.55 -14.16
N ALA B 110 26.66 17.96 -13.96
CA ALA B 110 25.53 18.09 -14.87
C ALA B 110 24.55 19.05 -14.21
N VAL B 111 24.31 20.20 -14.84
CA VAL B 111 23.42 21.27 -14.36
C VAL B 111 22.05 21.11 -15.04
N ILE B 112 21.05 20.73 -14.27
CA ILE B 112 19.70 20.49 -14.78
C ILE B 112 18.87 21.78 -14.89
N ALA B 113 19.07 22.75 -13.99
CA ALA B 113 18.26 23.97 -13.94
C ALA B 113 18.17 24.74 -15.23
N GLU B 114 16.96 25.20 -15.51
CA GLU B 114 16.62 26.05 -16.62
C GLU B 114 16.47 27.47 -16.03
N GLY B 115 16.94 28.48 -16.79
CA GLY B 115 16.87 29.87 -16.38
C GLY B 115 18.07 30.41 -15.66
N VAL B 116 19.25 29.80 -15.89
CA VAL B 116 20.53 30.21 -15.30
C VAL B 116 21.07 31.39 -16.13
N PRO B 117 21.49 32.52 -15.50
CA PRO B 117 22.06 33.64 -16.28
C PRO B 117 23.18 33.22 -17.20
N GLU B 118 23.24 33.86 -18.38
CA GLU B 118 24.27 33.60 -19.39
C GLU B 118 25.67 33.88 -18.85
N ARG B 119 25.82 34.95 -18.03
CA ARG B 119 27.10 35.29 -17.40
C ARG B 119 27.63 34.18 -16.46
N GLN B 120 26.75 33.61 -15.62
CA GLN B 120 27.02 32.52 -14.69
C GLN B 120 27.46 31.26 -15.45
N SER B 121 26.76 30.92 -16.56
CA SER B 121 27.10 29.77 -17.41
C SER B 121 28.48 29.94 -18.04
N ARG B 122 28.80 31.16 -18.52
N ARG B 122 28.80 31.15 -18.55
CA ARG B 122 30.08 31.52 -19.11
CA ARG B 122 30.11 31.46 -19.12
C ARG B 122 31.21 31.35 -18.08
C ARG B 122 31.21 31.28 -18.05
N VAL B 123 30.95 31.75 -16.82
CA VAL B 123 31.91 31.61 -15.69
C VAL B 123 32.08 30.13 -15.31
N MET B 124 31.00 29.31 -15.37
CA MET B 124 31.08 27.88 -15.08
C MET B 124 31.89 27.14 -16.15
N ALA B 125 31.61 27.44 -17.45
CA ALA B 125 32.28 26.89 -18.62
C ALA B 125 33.76 27.17 -18.58
N ALA B 126 34.15 28.45 -18.31
CA ALA B 126 35.54 28.88 -18.21
C ALA B 126 36.25 28.20 -17.01
N THR B 127 35.54 28.08 -15.86
CA THR B 127 36.06 27.42 -14.66
C THR B 127 36.34 25.95 -14.99
N ALA B 128 35.41 25.31 -15.71
CA ALA B 128 35.53 23.92 -16.12
C ALA B 128 36.73 23.70 -17.02
N ARG B 129 36.88 24.55 -18.05
CA ARG B 129 38.00 24.47 -19.02
C ARG B 129 39.36 24.68 -18.35
N LYS B 130 39.46 25.65 -17.42
CA LYS B 130 40.67 25.96 -16.67
C LYS B 130 41.14 24.78 -15.79
N LEU B 131 40.18 24.04 -15.19
CA LEU B 131 40.46 22.91 -14.29
C LEU B 131 40.40 21.53 -14.98
N ASP B 132 40.30 21.48 -16.32
CA ASP B 132 40.17 20.24 -17.13
C ASP B 132 38.95 19.37 -16.66
N LYS B 133 37.84 20.04 -16.34
CA LYS B 133 36.61 19.41 -15.87
C LYS B 133 35.50 19.56 -16.91
N ILE B 134 34.35 18.92 -16.70
CA ILE B 134 33.24 19.00 -17.67
C ILE B 134 31.95 19.49 -17.01
N VAL B 135 31.27 20.45 -17.66
CA VAL B 135 29.98 20.92 -17.22
C VAL B 135 28.96 20.58 -18.33
N ILE B 136 28.00 19.70 -18.04
CA ILE B 136 26.94 19.36 -18.98
C ILE B 136 25.76 20.19 -18.50
N GLY B 137 25.30 21.09 -19.35
CA GLY B 137 24.21 22.00 -19.04
C GLY B 137 24.69 23.43 -19.00
N PRO B 138 23.91 24.38 -18.43
CA PRO B 138 22.59 24.22 -17.76
C PRO B 138 21.46 23.89 -18.72
N ALA B 139 20.25 23.70 -18.16
CA ALA B 139 19.02 23.43 -18.91
C ALA B 139 19.09 22.13 -19.74
N THR B 140 19.56 21.05 -19.12
CA THR B 140 19.66 19.74 -19.76
C THR B 140 19.11 18.66 -18.84
N VAL B 141 18.83 17.46 -19.38
CA VAL B 141 18.47 16.27 -18.61
C VAL B 141 19.76 15.58 -18.24
N GLY B 142 20.77 15.79 -19.08
CA GLY B 142 22.10 15.25 -18.91
C GLY B 142 22.56 14.49 -20.12
N GLY B 143 22.55 13.17 -20.00
CA GLY B 143 23.04 12.24 -20.99
C GLY B 143 23.27 10.88 -20.37
N MET B 144 23.83 9.96 -21.13
CA MET B 144 24.08 8.61 -20.65
C MET B 144 25.04 7.82 -21.50
N THR B 145 25.68 6.81 -20.90
CA THR B 145 26.52 5.81 -21.56
C THR B 145 25.64 4.56 -21.44
N ALA B 146 25.17 4.03 -22.58
CA ALA B 146 24.32 2.86 -22.62
C ALA B 146 24.97 1.65 -21.95
N GLY B 147 24.23 1.02 -21.07
CA GLY B 147 24.70 -0.12 -20.29
C GLY B 147 25.68 0.21 -19.18
N ALA B 148 25.92 1.51 -18.88
CA ALA B 148 26.91 1.89 -17.86
C ALA B 148 26.44 2.94 -16.82
N PHE B 149 25.95 4.11 -17.26
CA PHE B 149 25.55 5.18 -16.35
C PHE B 149 24.52 6.10 -17.00
N ARG B 150 23.61 6.64 -16.17
CA ARG B 150 22.64 7.62 -16.64
C ARG B 150 22.68 8.85 -15.72
N ILE B 151 22.53 10.05 -16.31
CA ILE B 151 22.45 11.28 -15.53
C ILE B 151 20.98 11.52 -15.17
N GLY B 152 20.65 11.43 -13.88
CA GLY B 152 19.31 11.68 -13.35
C GLY B 152 18.18 11.04 -14.12
N ASN B 153 17.32 11.87 -14.71
CA ASN B 153 16.14 11.43 -15.47
C ASN B 153 16.41 11.09 -16.93
N THR B 154 17.66 11.18 -17.40
CA THR B 154 17.95 10.90 -18.81
C THR B 154 17.39 9.55 -19.26
N ALA B 155 16.57 9.58 -20.33
CA ALA B 155 15.94 8.44 -21.02
C ALA B 155 14.70 7.88 -20.32
N GLY B 156 14.13 8.64 -19.39
CA GLY B 156 12.85 8.38 -18.76
C GLY B 156 12.60 7.07 -18.05
N THR B 157 11.49 6.42 -18.39
CA THR B 157 11.03 5.19 -17.74
C THR B 157 11.87 3.98 -18.08
N ILE B 158 11.84 2.95 -17.21
CA ILE B 158 12.56 1.68 -17.46
C ILE B 158 11.98 0.99 -18.70
N GLU B 159 10.67 1.17 -18.97
CA GLU B 159 10.00 0.64 -20.17
C GLU B 159 10.64 1.24 -21.43
N ASN B 160 10.85 2.57 -21.42
CA ASN B 160 11.51 3.30 -22.49
C ASN B 160 12.97 2.84 -22.63
N ILE B 161 13.70 2.63 -21.50
CA ILE B 161 15.09 2.14 -21.54
C ILE B 161 15.15 0.78 -22.23
N ILE B 162 14.20 -0.12 -21.89
CA ILE B 162 14.09 -1.46 -22.48
C ILE B 162 13.72 -1.36 -23.96
N ALA B 163 12.65 -0.60 -24.29
CA ALA B 163 12.18 -0.43 -25.69
C ALA B 163 13.23 0.17 -26.61
N SER B 164 14.09 1.05 -26.07
CA SER B 164 15.18 1.67 -26.86
C SER B 164 16.50 0.91 -26.73
N LYS B 165 16.49 -0.26 -26.04
CA LYS B 165 17.66 -1.13 -25.86
C LYS B 165 18.90 -0.37 -25.32
N LEU B 166 18.67 0.49 -24.34
CA LEU B 166 19.68 1.32 -23.71
C LEU B 166 20.48 0.64 -22.59
N TYR B 167 20.12 -0.61 -22.24
CA TYR B 167 20.80 -1.43 -21.23
C TYR B 167 22.10 -2.08 -21.80
N ARG B 168 22.34 -1.96 -23.13
CA ARG B 168 23.52 -2.44 -23.87
C ARG B 168 24.06 -1.35 -24.83
N PRO B 169 25.40 -1.16 -24.93
CA PRO B 169 25.92 -0.16 -25.87
C PRO B 169 25.87 -0.55 -27.35
N GLY B 170 25.80 0.47 -28.19
CA GLY B 170 25.88 0.37 -29.65
C GLY B 170 27.16 1.05 -30.11
N CYS B 171 27.18 1.53 -31.36
CA CYS B 171 28.35 2.18 -31.96
C CYS B 171 28.18 3.69 -32.18
N VAL B 172 27.00 4.25 -31.84
CA VAL B 172 26.69 5.66 -32.11
C VAL B 172 27.03 6.60 -30.95
N GLY B 173 27.75 7.67 -31.27
CA GLY B 173 28.08 8.74 -30.34
C GLY B 173 27.15 9.88 -30.66
N PHE B 174 26.20 10.17 -29.76
CA PHE B 174 25.16 11.18 -29.96
C PHE B 174 25.27 12.46 -29.10
N VAL B 175 25.00 13.63 -29.71
CA VAL B 175 24.99 14.91 -28.99
C VAL B 175 23.87 15.84 -29.52
N SER B 176 23.09 16.42 -28.61
CA SER B 176 22.04 17.35 -28.97
C SER B 176 22.07 18.60 -28.06
N LYS B 177 21.18 19.55 -28.34
CA LYS B 177 20.99 20.71 -27.47
C LYS B 177 19.80 20.37 -26.56
N SER B 178 18.73 19.86 -27.16
CA SER B 178 17.48 19.51 -26.50
C SER B 178 17.56 18.21 -25.68
N GLY B 179 16.95 18.26 -24.50
CA GLY B 179 16.86 17.11 -23.61
C GLY B 179 15.81 16.10 -24.06
N GLY B 180 14.61 16.59 -24.38
CA GLY B 180 13.50 15.76 -24.84
C GLY B 180 13.77 15.08 -26.17
N MET B 181 14.47 15.83 -27.07
CA MET B 181 14.87 15.32 -28.37
C MET B 181 16.00 14.32 -28.26
N LEU B 182 16.76 14.35 -27.15
CA LEU B 182 17.82 13.36 -26.86
C LEU B 182 17.12 11.99 -26.64
N ASN B 183 15.95 12.01 -26.00
CA ASN B 183 15.21 10.79 -25.74
C ASN B 183 14.54 10.26 -26.98
N GLU B 184 13.99 11.16 -27.81
CA GLU B 184 13.41 10.79 -29.10
C GLU B 184 14.54 10.23 -30.00
N ALA B 185 15.73 10.87 -29.97
CA ALA B 185 16.90 10.43 -30.76
C ALA B 185 17.35 9.03 -30.35
N PHE B 186 17.33 8.71 -29.04
CA PHE B 186 17.67 7.38 -28.54
C PHE B 186 16.77 6.30 -29.19
N ASN B 187 15.46 6.62 -29.31
CA ASN B 187 14.46 5.77 -29.96
C ASN B 187 14.74 5.66 -31.47
N ILE B 188 14.97 6.80 -32.15
CA ILE B 188 15.25 6.87 -33.58
C ILE B 188 16.45 5.97 -33.91
N ILE B 189 17.60 6.22 -33.25
CA ILE B 189 18.89 5.54 -33.42
C ILE B 189 18.83 4.01 -33.13
N SER B 190 18.13 3.59 -32.07
CA SER B 190 17.99 2.17 -31.73
C SER B 190 17.23 1.39 -32.83
N ARG B 191 16.34 2.09 -33.54
CA ARG B 191 15.53 1.49 -34.61
C ARG B 191 16.26 1.47 -35.97
N ASN B 192 17.30 2.29 -36.12
CA ASN B 192 18.01 2.44 -37.37
C ASN B 192 19.52 2.10 -37.31
N SER B 193 19.98 1.52 -36.20
CA SER B 193 21.38 1.10 -35.99
C SER B 193 21.44 0.11 -34.82
N ASP B 194 22.66 -0.14 -34.27
CA ASP B 194 22.81 -0.97 -33.08
C ASP B 194 22.61 -0.14 -31.79
N GLY B 195 22.18 1.10 -31.98
CA GLY B 195 21.88 2.02 -30.89
C GLY B 195 23.06 2.87 -30.46
N ILE B 196 22.81 3.75 -29.50
CA ILE B 196 23.86 4.61 -28.96
C ILE B 196 24.84 3.85 -28.08
N TYR B 197 26.08 4.30 -28.09
CA TYR B 197 27.11 3.90 -27.16
C TYR B 197 26.91 4.94 -26.01
N GLU B 198 26.93 6.23 -26.37
CA GLU B 198 26.80 7.37 -25.47
C GLU B 198 25.95 8.47 -26.12
N GLY B 199 25.23 9.21 -25.30
CA GLY B 199 24.41 10.33 -25.74
C GLY B 199 24.47 11.49 -24.75
N VAL B 200 24.61 12.73 -25.24
CA VAL B 200 24.68 13.91 -24.36
C VAL B 200 23.81 15.05 -24.89
N ALA B 201 23.06 15.73 -24.00
CA ALA B 201 22.32 16.92 -24.38
C ALA B 201 23.09 18.09 -23.69
N ILE B 202 23.59 19.06 -24.47
CA ILE B 202 24.36 20.16 -23.88
C ILE B 202 23.46 21.29 -23.28
N GLY B 203 22.14 21.17 -23.48
CA GLY B 203 21.16 22.16 -23.04
C GLY B 203 20.90 23.15 -24.16
N GLY B 204 19.88 23.97 -24.00
CA GLY B 204 19.50 24.95 -25.01
C GLY B 204 19.90 26.39 -24.73
N ASP B 205 20.79 26.59 -23.77
CA ASP B 205 21.24 27.92 -23.42
C ASP B 205 22.27 28.45 -24.44
N ARG B 206 22.29 29.78 -24.64
CA ARG B 206 23.23 30.43 -25.56
C ARG B 206 24.72 30.16 -25.22
N TYR B 207 25.04 30.04 -23.91
CA TYR B 207 26.41 29.83 -23.44
C TYR B 207 26.45 28.56 -22.61
N PRO B 208 26.66 27.37 -23.23
CA PRO B 208 26.62 26.14 -22.42
C PRO B 208 27.90 25.90 -21.64
N GLY B 209 27.88 24.97 -20.69
CA GLY B 209 29.04 24.58 -19.89
C GLY B 209 30.06 23.89 -20.76
N SER B 210 29.57 23.13 -21.75
CA SER B 210 30.37 22.42 -22.75
C SER B 210 29.62 22.49 -24.08
N ASN B 211 30.37 22.73 -25.15
CA ASN B 211 29.83 22.84 -26.50
C ASN B 211 29.69 21.45 -27.09
N MET B 212 28.93 21.32 -28.18
CA MET B 212 28.74 20.01 -28.81
C MET B 212 30.07 19.41 -29.25
N LEU B 213 30.99 20.24 -29.79
CA LEU B 213 32.31 19.77 -30.28
C LEU B 213 33.14 19.09 -29.22
N ASP B 214 33.08 19.55 -27.95
CA ASP B 214 33.82 18.94 -26.82
C ASP B 214 33.51 17.44 -26.79
N HIS B 215 32.20 17.09 -26.80
CA HIS B 215 31.69 15.72 -26.78
C HIS B 215 31.97 15.01 -28.09
N ILE B 216 31.82 15.69 -29.26
CA ILE B 216 32.10 15.09 -30.58
C ILE B 216 33.57 14.64 -30.67
N LEU B 217 34.49 15.47 -30.10
CA LEU B 217 35.92 15.18 -30.08
C LEU B 217 36.26 13.98 -29.22
N ARG B 218 35.49 13.76 -28.13
CA ARG B 218 35.66 12.59 -27.27
C ARG B 218 35.21 11.33 -28.04
N TYR B 219 34.10 11.41 -28.81
CA TYR B 219 33.59 10.29 -29.59
C TYR B 219 34.60 9.89 -30.67
N GLU B 220 35.33 10.88 -31.22
CA GLU B 220 36.35 10.70 -32.27
C GLU B 220 37.58 9.93 -31.77
N ARG B 221 37.88 10.06 -30.47
CA ARG B 221 39.00 9.39 -29.81
C ARG B 221 38.60 8.00 -29.31
N ASN B 222 37.32 7.81 -28.93
CA ASN B 222 36.80 6.53 -28.43
C ASN B 222 36.76 5.43 -29.50
N PRO B 223 37.53 4.32 -29.31
CA PRO B 223 37.51 3.24 -30.33
C PRO B 223 36.17 2.49 -30.47
N ALA B 224 35.40 2.43 -29.38
CA ALA B 224 34.09 1.76 -29.33
C ALA B 224 33.03 2.38 -30.27
N ILE B 225 33.13 3.73 -30.48
CA ILE B 225 32.27 4.56 -31.33
C ILE B 225 32.81 4.57 -32.77
N LYS B 226 31.97 4.19 -33.74
CA LYS B 226 32.29 4.16 -35.18
C LYS B 226 31.42 5.19 -35.95
N MET B 227 30.41 5.75 -35.27
CA MET B 227 29.45 6.65 -35.90
C MET B 227 29.12 7.83 -34.98
N ILE B 228 29.07 9.07 -35.54
CA ILE B 228 28.70 10.26 -34.76
C ILE B 228 27.38 10.84 -35.30
N ALA B 229 26.48 11.24 -34.41
CA ALA B 229 25.19 11.82 -34.82
C ALA B 229 24.91 13.04 -33.96
N CYS B 230 24.49 14.15 -34.59
CA CYS B 230 24.14 15.31 -33.77
C CYS B 230 22.92 16.05 -34.27
N LEU B 231 22.25 16.71 -33.35
CA LEU B 231 21.03 17.47 -33.60
C LEU B 231 21.19 18.84 -32.94
N GLY B 232 21.35 19.87 -33.75
CA GLY B 232 21.48 21.23 -33.30
C GLY B 232 20.22 22.03 -33.53
N GLU B 233 20.30 23.36 -33.34
CA GLU B 233 19.19 24.29 -33.55
C GLU B 233 19.71 25.70 -33.89
N LEU B 234 18.83 26.54 -34.45
CA LEU B 234 19.14 27.92 -34.82
C LEU B 234 19.59 28.74 -33.59
N GLY B 235 20.29 29.86 -33.87
CA GLY B 235 20.80 30.76 -32.84
C GLY B 235 22.16 30.30 -32.34
N GLY B 236 23.06 31.27 -32.17
CA GLY B 236 24.42 31.00 -31.73
C GLY B 236 25.27 30.36 -32.81
N GLU B 237 26.57 30.20 -32.53
CA GLU B 237 27.52 29.67 -33.53
C GLU B 237 28.22 28.37 -33.14
N ASP B 238 27.63 27.60 -32.21
CA ASP B 238 28.17 26.34 -31.71
C ASP B 238 28.48 25.32 -32.83
N GLU B 239 27.51 25.09 -33.73
CA GLU B 239 27.59 24.11 -34.83
C GLU B 239 28.73 24.45 -35.82
N TYR B 240 29.13 25.73 -35.87
CA TYR B 240 30.25 26.18 -36.71
C TYR B 240 31.61 25.72 -36.16
N MET B 241 31.65 25.24 -34.89
CA MET B 241 32.88 24.68 -34.31
C MET B 241 33.07 23.29 -34.91
N ILE B 242 31.94 22.57 -35.11
CA ILE B 242 31.87 21.21 -35.67
C ILE B 242 32.25 21.24 -37.12
N ILE B 243 31.61 22.12 -37.91
CA ILE B 243 31.85 22.30 -39.36
C ILE B 243 33.31 22.64 -39.62
N GLN B 244 33.93 23.48 -38.76
CA GLN B 244 35.35 23.85 -38.89
C GLN B 244 36.25 22.66 -38.56
N ALA B 245 35.86 21.85 -37.56
CA ALA B 245 36.60 20.65 -37.17
C ALA B 245 36.49 19.57 -38.25
N LEU B 246 35.32 19.50 -38.91
CA LEU B 246 34.98 18.59 -40.01
C LEU B 246 35.83 18.99 -41.24
N LYS B 247 36.01 20.32 -41.47
CA LYS B 247 36.80 20.86 -42.56
C LYS B 247 38.30 20.65 -42.35
N GLU B 248 38.79 20.79 -41.11
CA GLU B 248 40.19 20.62 -40.69
C GLU B 248 40.59 19.13 -40.48
N LYS B 249 39.71 18.18 -40.92
CA LYS B 249 39.87 16.73 -40.81
C LYS B 249 40.08 16.23 -39.36
N LYS B 250 39.52 16.96 -38.36
CA LYS B 250 39.59 16.62 -36.93
C LYS B 250 38.54 15.57 -36.57
N ILE B 251 37.52 15.39 -37.45
CA ILE B 251 36.44 14.40 -37.32
C ILE B 251 36.48 13.54 -38.58
N THR B 252 37.06 12.34 -38.47
CA THR B 252 37.21 11.38 -39.58
C THR B 252 36.06 10.36 -39.63
N LYS B 253 35.41 10.08 -38.48
CA LYS B 253 34.27 9.15 -38.37
C LYS B 253 33.06 9.76 -39.07
N PRO B 254 32.16 8.96 -39.71
CA PRO B 254 31.01 9.58 -40.38
C PRO B 254 30.07 10.25 -39.39
N LEU B 255 29.70 11.52 -39.68
CA LEU B 255 28.87 12.37 -38.84
C LEU B 255 27.50 12.71 -39.47
N VAL B 256 26.40 12.31 -38.80
CA VAL B 256 25.03 12.63 -39.23
C VAL B 256 24.71 13.95 -38.53
N ALA B 257 24.18 14.92 -39.26
CA ALA B 257 23.89 16.22 -38.65
C ALA B 257 22.59 16.86 -39.13
N TRP B 258 21.83 17.42 -38.18
CA TRP B 258 20.61 18.17 -38.49
C TRP B 258 20.43 19.33 -37.54
N VAL B 259 20.10 20.51 -38.10
CA VAL B 259 19.88 21.74 -37.34
C VAL B 259 18.39 22.12 -37.49
N THR B 260 17.68 22.15 -36.35
CA THR B 260 16.24 22.49 -36.28
C THR B 260 16.04 24.02 -36.29
N GLY B 261 14.86 24.47 -36.67
CA GLY B 261 14.53 25.89 -36.74
C GLY B 261 14.38 26.41 -38.15
N THR B 262 13.99 25.53 -39.09
CA THR B 262 13.78 25.87 -40.50
C THR B 262 12.50 26.71 -40.67
N CYS B 263 11.63 26.73 -39.63
CA CYS B 263 10.37 27.49 -39.59
C CYS B 263 10.60 29.01 -39.53
N SER B 264 11.66 29.44 -38.81
CA SER B 264 12.03 30.84 -38.53
C SER B 264 11.86 31.84 -39.71
N PRO B 265 12.41 31.63 -40.94
CA PRO B 265 12.23 32.64 -42.00
C PRO B 265 10.77 32.90 -42.43
N TYR B 266 9.87 31.93 -42.21
CA TYR B 266 8.46 32.01 -42.59
C TYR B 266 7.66 32.85 -41.59
N LEU B 267 8.16 32.95 -40.35
CA LEU B 267 7.55 33.62 -39.20
C LEU B 267 8.25 34.99 -38.91
N PRO B 268 7.75 35.84 -37.95
CA PRO B 268 8.44 37.13 -37.67
C PRO B 268 9.85 36.95 -37.11
N ALA B 269 10.77 37.87 -37.46
CA ALA B 269 12.17 37.86 -37.02
C ALA B 269 12.34 38.02 -35.50
N SER B 270 11.29 38.52 -34.83
CA SER B 270 11.23 38.78 -33.39
C SER B 270 11.01 37.52 -32.53
N VAL B 271 10.54 36.42 -33.16
CA VAL B 271 10.18 35.18 -32.44
C VAL B 271 11.39 34.51 -31.73
N GLN B 272 11.27 34.45 -30.39
CA GLN B 272 12.21 33.78 -29.50
C GLN B 272 11.60 32.40 -29.28
N PHE B 273 12.37 31.34 -29.55
CA PHE B 273 11.85 29.99 -29.38
C PHE B 273 12.13 29.47 -27.97
N GLY B 274 11.58 28.29 -27.66
CA GLY B 274 11.63 27.62 -26.36
C GLY B 274 12.91 27.76 -25.57
N HIS B 275 14.01 27.20 -26.10
CA HIS B 275 15.33 27.29 -25.46
C HIS B 275 15.83 28.72 -25.45
N ALA B 276 16.50 29.14 -24.35
CA ALA B 276 17.04 30.51 -24.23
C ALA B 276 17.92 30.92 -25.44
N GLY B 277 18.72 29.99 -25.96
CA GLY B 277 19.59 30.26 -27.10
C GLY B 277 18.98 30.10 -28.48
N ALA B 278 17.72 29.63 -28.59
CA ALA B 278 17.06 29.40 -29.88
C ALA B 278 16.43 30.66 -30.49
N LYS B 279 17.29 31.59 -30.93
CA LYS B 279 16.94 32.84 -31.64
C LYS B 279 18.07 33.27 -32.59
N ALA B 280 17.86 33.12 -33.92
CA ALA B 280 18.85 33.49 -34.93
C ALA B 280 18.97 35.02 -35.07
N ASN B 281 20.04 35.59 -34.49
CA ASN B 281 20.30 37.04 -34.52
C ASN B 281 20.77 37.46 -35.89
N THR B 282 21.62 36.64 -36.53
CA THR B 282 22.17 36.89 -37.86
C THR B 282 21.70 35.81 -38.81
N GLU B 283 22.00 35.96 -40.13
CA GLU B 283 21.65 34.95 -41.14
C GLU B 283 22.47 33.67 -40.90
N LYS B 284 23.75 33.82 -40.47
CA LYS B 284 24.66 32.72 -40.15
C LYS B 284 24.07 31.84 -39.04
N GLU B 285 23.35 32.46 -38.09
CA GLU B 285 22.73 31.76 -36.96
C GLU B 285 21.48 30.92 -37.34
N THR B 286 20.91 31.10 -38.54
CA THR B 286 19.72 30.36 -38.99
C THR B 286 19.99 28.87 -39.23
N ALA B 287 18.92 28.05 -39.16
CA ALA B 287 18.99 26.61 -39.41
C ALA B 287 19.44 26.32 -40.85
N GLN B 288 18.98 27.11 -41.83
CA GLN B 288 19.34 26.97 -43.26
C GLN B 288 20.84 27.14 -43.48
N ALA B 289 21.43 28.26 -43.00
CA ALA B 289 22.86 28.54 -43.09
C ALA B 289 23.70 27.44 -42.42
N LYS B 290 23.22 26.88 -41.30
CA LYS B 290 23.88 25.80 -40.56
C LYS B 290 23.84 24.45 -41.28
N ASN B 291 22.65 24.03 -41.77
CA ASN B 291 22.46 22.77 -42.49
C ASN B 291 23.22 22.79 -43.81
N ASP B 292 23.28 23.95 -44.48
CA ASP B 292 24.00 24.10 -45.74
C ASP B 292 25.51 23.97 -45.51
N ALA B 293 26.06 24.67 -44.48
CA ALA B 293 27.47 24.62 -44.11
C ALA B 293 27.86 23.20 -43.65
N PHE B 294 26.90 22.46 -43.04
CA PHE B 294 27.11 21.06 -42.62
C PHE B 294 27.22 20.15 -43.85
N ARG B 295 26.32 20.34 -44.85
CA ARG B 295 26.31 19.56 -46.09
C ARG B 295 27.67 19.71 -46.81
N GLN B 296 28.12 20.99 -46.98
CA GLN B 296 29.36 21.41 -47.63
C GLN B 296 30.64 20.94 -46.91
N ALA B 297 30.55 20.65 -45.59
CA ALA B 297 31.68 20.17 -44.79
C ALA B 297 31.91 18.65 -44.88
N GLY B 298 30.95 17.92 -45.47
CA GLY B 298 31.04 16.47 -45.62
C GLY B 298 30.24 15.65 -44.63
N ALA B 299 29.35 16.29 -43.86
CA ALA B 299 28.47 15.59 -42.93
C ALA B 299 27.29 14.97 -43.72
N TYR B 300 26.62 13.97 -43.13
CA TYR B 300 25.43 13.33 -43.70
C TYR B 300 24.22 14.11 -43.17
N VAL B 301 23.65 14.97 -44.02
CA VAL B 301 22.54 15.85 -43.63
C VAL B 301 21.21 15.42 -44.27
N PRO B 302 20.14 15.11 -43.49
CA PRO B 302 18.86 14.72 -44.11
C PRO B 302 18.12 15.91 -44.74
N ARG B 303 17.01 15.65 -45.45
CA ARG B 303 16.16 16.66 -46.12
C ARG B 303 15.37 17.46 -45.06
N SER B 304 14.94 16.77 -43.99
CA SER B 304 14.21 17.33 -42.83
C SER B 304 14.42 16.40 -41.62
N PHE B 305 13.85 16.77 -40.44
CA PHE B 305 13.95 15.90 -39.27
C PHE B 305 13.31 14.50 -39.48
N ASP B 306 12.26 14.42 -40.34
CA ASP B 306 11.57 13.19 -40.69
C ASP B 306 12.49 12.09 -41.23
N ASP B 307 13.50 12.47 -42.06
CA ASP B 307 14.44 11.47 -42.55
C ASP B 307 15.80 11.45 -41.76
N TYR B 308 15.79 11.76 -40.41
CA TYR B 308 17.01 11.68 -39.57
C TYR B 308 17.43 10.19 -39.42
N GLY B 309 16.50 9.35 -38.94
CA GLY B 309 16.72 7.92 -38.73
C GLY B 309 17.15 7.22 -40.00
N GLU B 310 16.58 7.62 -41.14
CA GLU B 310 16.97 7.02 -42.42
C GLU B 310 18.45 7.28 -42.73
N MET B 311 18.93 8.53 -42.49
CA MET B 311 20.33 8.89 -42.67
C MET B 311 21.21 8.06 -41.70
N VAL B 312 20.73 7.85 -40.46
CA VAL B 312 21.40 7.02 -39.45
C VAL B 312 21.52 5.58 -40.01
N ARG B 313 20.41 5.03 -40.56
CA ARG B 313 20.31 3.70 -41.17
C ARG B 313 21.30 3.54 -42.32
N GLN B 314 21.44 4.58 -43.15
CA GLN B 314 22.32 4.62 -44.31
C GLN B 314 23.78 4.56 -43.90
N VAL B 315 24.17 5.38 -42.89
CA VAL B 315 25.54 5.46 -42.38
C VAL B 315 25.94 4.17 -41.62
N TYR B 316 25.00 3.61 -40.81
CA TYR B 316 25.22 2.37 -40.08
C TYR B 316 25.45 1.21 -41.08
N ASP B 317 24.57 1.08 -42.09
CA ASP B 317 24.66 0.04 -43.13
C ASP B 317 26.00 0.10 -43.85
N MET B 318 26.52 1.30 -44.11
CA MET B 318 27.82 1.53 -44.73
C MET B 318 28.94 0.98 -43.83
N LEU B 319 28.83 1.16 -42.49
CA LEU B 319 29.81 0.63 -41.54
C LEU B 319 29.75 -0.89 -41.46
N LEU B 320 28.53 -1.47 -41.62
CA LEU B 320 28.27 -2.92 -41.64
C LEU B 320 28.92 -3.60 -42.84
N THR B 321 28.83 -2.97 -44.04
CA THR B 321 29.38 -3.45 -45.32
C THR B 321 30.90 -3.53 -45.24
N ARG B 322 31.54 -2.42 -44.85
CA ARG B 322 32.97 -2.23 -44.66
C ARG B 322 33.52 -3.08 -43.50
N GLY B 323 32.63 -3.58 -42.65
CA GLY B 323 32.98 -4.41 -41.51
C GLY B 323 33.44 -3.63 -40.30
N ILE B 324 33.37 -2.28 -40.37
CA ILE B 324 33.76 -1.37 -39.27
C ILE B 324 32.96 -1.72 -38.00
N VAL B 325 31.67 -2.04 -38.20
CA VAL B 325 30.73 -2.45 -37.17
C VAL B 325 30.33 -3.91 -37.45
N GLN B 326 30.32 -4.74 -36.39
CA GLN B 326 29.93 -6.15 -36.47
C GLN B 326 28.58 -6.34 -35.77
N LYS B 327 27.76 -7.29 -36.27
CA LYS B 327 26.44 -7.60 -35.73
C LYS B 327 26.48 -8.54 -34.51
N PHE B 328 26.23 -7.97 -33.31
CA PHE B 328 26.22 -8.69 -32.03
C PHE B 328 24.85 -9.26 -31.64
N ASP B 329 24.86 -10.25 -30.74
CA ASP B 329 23.69 -10.96 -30.25
C ASP B 329 22.98 -10.14 -29.19
N GLU B 330 21.64 -10.03 -29.31
CA GLU B 330 20.82 -9.29 -28.35
C GLU B 330 20.91 -9.90 -26.94
N PRO B 331 21.44 -9.14 -25.93
CA PRO B 331 21.56 -9.71 -24.57
C PRO B 331 20.19 -9.92 -23.91
N GLU B 332 20.16 -10.64 -22.79
CA GLU B 332 18.91 -10.95 -22.07
C GLU B 332 18.12 -9.67 -21.75
N VAL B 333 16.82 -9.66 -22.09
CA VAL B 333 15.92 -8.51 -21.86
C VAL B 333 15.66 -8.40 -20.33
N PRO B 334 16.12 -7.30 -19.69
CA PRO B 334 15.94 -7.16 -18.23
C PRO B 334 14.50 -6.89 -17.78
N ARG B 335 14.22 -7.09 -16.46
CA ARG B 335 12.87 -6.92 -15.93
C ARG B 335 12.82 -6.41 -14.49
N ILE B 336 12.04 -5.34 -14.29
CA ILE B 336 11.79 -4.72 -12.97
C ILE B 336 10.26 -4.71 -12.76
N PRO B 337 9.76 -5.09 -11.56
CA PRO B 337 8.30 -5.04 -11.34
C PRO B 337 7.77 -3.62 -11.37
N THR B 338 6.49 -3.49 -11.69
CA THR B 338 5.80 -2.19 -11.74
C THR B 338 5.77 -1.63 -10.34
N ASP B 339 5.92 -0.30 -10.21
CA ASP B 339 5.81 0.37 -8.93
C ASP B 339 4.35 0.26 -8.51
N TYR B 340 4.13 -0.01 -7.22
CA TYR B 340 2.80 -0.11 -6.62
C TYR B 340 1.93 1.09 -6.96
N SER B 341 2.43 2.32 -6.75
CA SER B 341 1.67 3.55 -7.00
C SER B 341 1.20 3.67 -8.45
N LYS B 342 1.98 3.16 -9.42
CA LYS B 342 1.59 3.19 -10.83
C LYS B 342 0.43 2.20 -11.07
N ALA B 343 0.57 0.96 -10.56
CA ALA B 343 -0.43 -0.10 -10.62
C ALA B 343 -1.76 0.35 -9.99
N LEU B 344 -1.68 1.06 -8.85
CA LEU B 344 -2.88 1.56 -8.20
C LEU B 344 -3.52 2.72 -8.98
N ALA B 345 -2.71 3.72 -9.43
CA ALA B 345 -3.18 4.90 -10.17
C ALA B 345 -3.85 4.55 -11.49
N THR B 346 -3.34 3.52 -12.19
CA THR B 346 -3.88 3.07 -13.45
C THR B 346 -5.10 2.15 -13.27
N GLY B 347 -5.39 1.75 -12.05
CA GLY B 347 -6.48 0.81 -11.79
C GLY B 347 -6.12 -0.61 -12.19
N ASP B 348 -4.82 -0.91 -12.31
CA ASP B 348 -4.35 -2.26 -12.62
C ASP B 348 -4.68 -3.16 -11.44
N ILE B 349 -4.57 -2.61 -10.21
CA ILE B 349 -4.86 -3.33 -8.97
C ILE B 349 -5.95 -2.60 -8.17
N ARG B 350 -6.52 -3.31 -7.20
CA ARG B 350 -7.47 -2.74 -6.25
C ARG B 350 -6.91 -3.04 -4.88
N LYS B 351 -6.97 -2.07 -3.96
CA LYS B 351 -6.41 -2.28 -2.62
C LYS B 351 -7.45 -1.96 -1.56
N PRO B 352 -7.76 -2.92 -0.66
CA PRO B 352 -8.76 -2.63 0.38
C PRO B 352 -8.28 -1.64 1.42
N THR B 353 -9.21 -0.86 1.96
CA THR B 353 -8.87 0.13 2.96
C THR B 353 -8.84 -0.55 4.34
N THR B 354 -8.02 -0.05 5.24
CA THR B 354 -7.99 -0.63 6.57
C THR B 354 -8.99 0.09 7.46
N PHE B 355 -9.09 1.39 7.31
CA PHE B 355 -9.98 2.19 8.13
C PHE B 355 -11.15 2.75 7.45
N ILE B 356 -12.21 2.95 8.22
CA ILE B 356 -13.35 3.70 7.78
C ILE B 356 -13.32 5.02 8.58
N CYS B 357 -13.66 6.15 7.94
CA CYS B 357 -13.81 7.45 8.57
C CYS B 357 -15.15 8.05 8.09
N THR B 358 -16.03 8.33 9.02
CA THR B 358 -17.31 8.90 8.63
C THR B 358 -17.43 10.36 9.10
N ILE B 359 -16.43 10.94 9.80
CA ILE B 359 -16.63 12.28 10.39
C ILE B 359 -15.92 13.44 9.68
N SER B 360 -14.88 13.17 8.91
CA SER B 360 -14.14 14.26 8.29
C SER B 360 -13.39 13.74 7.11
N ASP B 361 -13.05 14.62 6.20
CA ASP B 361 -12.39 14.26 4.96
C ASP B 361 -11.54 15.43 4.49
N ASP B 362 -10.23 15.20 4.47
CA ASP B 362 -9.24 16.17 4.02
C ASP B 362 -8.70 15.85 2.60
N SER B 363 -9.24 14.80 1.95
CA SER B 363 -8.85 14.31 0.61
C SER B 363 -9.16 15.22 -0.54
N GLY B 364 -10.25 15.98 -0.45
CA GLY B 364 -10.72 16.84 -1.53
C GLY B 364 -10.13 18.21 -1.61
N GLU B 365 -10.79 19.07 -2.41
CA GLU B 365 -10.43 20.47 -2.64
C GLU B 365 -10.53 21.21 -1.30
N GLU B 366 -11.46 20.78 -0.44
CA GLU B 366 -11.70 21.44 0.84
C GLU B 366 -12.02 20.46 1.95
N LEU B 367 -11.54 20.76 3.16
CA LEU B 367 -11.79 19.98 4.35
C LEU B 367 -13.29 19.92 4.63
N LEU B 368 -13.80 18.69 4.93
CA LEU B 368 -15.20 18.44 5.24
C LEU B 368 -15.33 17.97 6.68
N TYR B 369 -16.32 18.47 7.41
CA TYR B 369 -16.62 18.00 8.77
C TYR B 369 -18.00 17.40 8.61
N ALA B 370 -18.11 16.07 8.71
CA ALA B 370 -19.36 15.27 8.57
C ALA B 370 -20.04 15.60 7.25
N GLY B 371 -19.25 15.74 6.20
CA GLY B 371 -19.75 16.03 4.87
C GLY B 371 -20.02 17.48 4.57
N LYS B 372 -19.85 18.39 5.53
CA LYS B 372 -20.11 19.83 5.32
C LYS B 372 -18.75 20.54 5.11
N LYS B 373 -18.61 21.35 4.05
CA LYS B 373 -17.37 22.11 3.80
C LYS B 373 -17.03 23.03 5.01
N LEU B 374 -15.78 23.11 5.39
CA LEU B 374 -15.34 23.95 6.50
C LEU B 374 -15.76 25.42 6.32
N SER B 375 -15.66 25.96 5.08
CA SER B 375 -16.04 27.34 4.77
C SER B 375 -17.52 27.55 5.04
N ASP B 376 -18.38 26.54 4.80
CA ASP B 376 -19.81 26.59 5.12
C ASP B 376 -20.06 26.56 6.64
N VAL B 377 -19.25 25.80 7.41
CA VAL B 377 -19.35 25.70 8.88
C VAL B 377 -19.11 27.09 9.50
N LEU B 378 -18.04 27.76 9.00
CA LEU B 378 -17.63 29.08 9.48
C LEU B 378 -18.44 30.21 8.93
N ASP B 379 -18.86 30.14 7.62
CA ASP B 379 -19.72 31.20 7.09
C ASP B 379 -21.06 31.19 7.80
N ARG B 380 -21.53 30.02 8.28
CA ARG B 380 -22.81 29.90 8.97
C ARG B 380 -22.73 30.14 10.46
N LYS B 381 -21.52 30.45 10.96
CA LYS B 381 -21.29 30.74 12.39
C LYS B 381 -21.83 29.64 13.29
N MET B 382 -21.62 28.38 12.89
CA MET B 382 -22.01 27.17 13.64
C MET B 382 -21.37 27.12 15.02
N GLY B 383 -20.23 27.78 15.15
CA GLY B 383 -19.52 27.88 16.41
C GLY B 383 -18.87 26.56 16.81
N ILE B 384 -18.18 26.58 17.94
CA ILE B 384 -17.51 25.42 18.49
C ILE B 384 -18.54 24.33 18.79
N GLY B 385 -19.71 24.70 19.34
CA GLY B 385 -20.77 23.74 19.65
C GLY B 385 -21.26 23.03 18.41
N GLY B 386 -21.37 23.77 17.28
CA GLY B 386 -21.79 23.24 15.99
C GLY B 386 -20.75 22.31 15.43
N VAL B 387 -19.46 22.66 15.58
CA VAL B 387 -18.34 21.84 15.12
C VAL B 387 -18.30 20.49 15.91
N ILE B 388 -18.56 20.52 17.20
CA ILE B 388 -18.65 19.31 18.03
C ILE B 388 -19.88 18.50 17.58
N GLY B 389 -21.00 19.17 17.29
CA GLY B 389 -22.19 18.51 16.77
C GLY B 389 -21.88 17.71 15.54
N LEU B 390 -21.11 18.27 14.62
CA LEU B 390 -20.73 17.57 13.39
C LEU B 390 -19.74 16.45 13.60
N LEU B 391 -18.63 16.77 14.27
CA LEU B 391 -17.52 15.82 14.49
C LEU B 391 -17.82 14.71 15.46
N TRP B 392 -18.65 14.94 16.49
CA TRP B 392 -18.96 13.89 17.45
C TRP B 392 -20.33 13.24 17.21
N PHE B 393 -21.38 14.01 16.89
CA PHE B 393 -22.70 13.39 16.77
C PHE B 393 -23.15 13.23 15.35
N LYS B 394 -22.35 13.74 14.40
CA LYS B 394 -22.66 13.77 12.96
C LYS B 394 -24.03 14.44 12.74
N LYS B 395 -24.27 15.57 13.45
CA LYS B 395 -25.51 16.32 13.38
C LYS B 395 -25.29 17.80 13.20
N GLU B 396 -26.21 18.43 12.51
CA GLU B 396 -26.28 19.88 12.37
C GLU B 396 -27.24 20.22 13.51
N LEU B 397 -26.69 20.64 14.65
CA LEU B 397 -27.53 20.83 15.84
C LEU B 397 -28.26 22.11 15.80
N PRO B 398 -29.45 22.19 16.46
CA PRO B 398 -30.12 23.49 16.55
C PRO B 398 -29.30 24.44 17.41
N GLU B 399 -29.49 25.74 17.23
CA GLU B 399 -28.80 26.80 17.98
C GLU B 399 -28.78 26.60 19.51
N TYR B 400 -29.91 26.24 20.14
CA TYR B 400 -29.93 26.01 21.59
C TYR B 400 -29.04 24.84 22.03
N ALA B 401 -28.92 23.79 21.20
CA ALA B 401 -28.09 22.63 21.53
C ALA B 401 -26.57 23.01 21.40
N ALA B 402 -26.17 23.65 20.30
CA ALA B 402 -24.78 24.08 20.08
C ALA B 402 -24.36 25.10 21.16
N HIS B 403 -25.24 26.02 21.58
CA HIS B 403 -24.92 26.96 22.64
C HIS B 403 -24.83 26.29 23.99
N PHE B 404 -25.64 25.26 24.23
CA PHE B 404 -25.57 24.50 25.46
C PHE B 404 -24.21 23.82 25.58
N ILE B 405 -23.71 23.23 24.49
CA ILE B 405 -22.39 22.58 24.47
C ILE B 405 -21.31 23.59 24.86
N GLU B 406 -21.38 24.80 24.28
CA GLU B 406 -20.42 25.86 24.57
C GLU B 406 -20.56 26.39 26.01
N LEU B 407 -21.79 26.40 26.57
CA LEU B 407 -22.03 26.81 27.95
C LEU B 407 -21.37 25.81 28.92
N VAL B 408 -21.54 24.50 28.69
CA VAL B 408 -20.99 23.42 29.49
C VAL B 408 -19.44 23.53 29.51
N ILE B 409 -18.81 23.75 28.33
CA ILE B 409 -17.35 23.94 28.19
C ILE B 409 -16.85 25.07 29.09
N GLN B 410 -17.55 26.23 29.11
CA GLN B 410 -17.21 27.38 29.96
C GLN B 410 -17.37 27.08 31.42
N ILE B 411 -18.45 26.38 31.75
CA ILE B 411 -18.76 26.02 33.15
C ILE B 411 -17.76 25.03 33.71
N VAL B 412 -17.31 24.06 32.89
CA VAL B 412 -16.37 23.06 33.38
C VAL B 412 -14.89 23.44 33.12
N ALA B 413 -14.61 24.63 32.52
CA ALA B 413 -13.25 25.05 32.15
C ALA B 413 -12.23 24.86 33.28
N ASP B 414 -12.62 25.22 34.49
CA ASP B 414 -11.75 25.05 35.62
C ASP B 414 -12.51 25.03 36.91
N HIS B 415 -11.99 24.33 37.90
CA HIS B 415 -12.55 24.29 39.23
C HIS B 415 -11.43 24.44 40.28
N GLY B 416 -10.44 25.26 39.98
CA GLY B 416 -9.36 25.56 40.90
C GLY B 416 -8.25 24.53 40.78
N PRO B 417 -7.12 24.83 41.44
CA PRO B 417 -5.93 23.97 41.29
C PRO B 417 -5.89 22.70 42.13
N ALA B 418 -6.79 22.56 43.10
CA ALA B 418 -6.79 21.51 44.07
C ALA B 418 -7.37 20.19 43.57
N VAL B 419 -8.20 20.22 42.53
CA VAL B 419 -8.80 18.96 42.03
C VAL B 419 -7.74 18.05 41.32
N SER B 420 -8.00 16.73 41.27
CA SER B 420 -7.05 15.72 40.78
C SER B 420 -6.32 16.11 39.48
N GLY B 421 -7.07 16.43 38.44
CA GLY B 421 -6.55 16.79 37.13
C GLY B 421 -5.65 18.00 37.14
N ALA B 422 -6.11 19.10 37.77
CA ALA B 422 -5.36 20.35 37.82
C ALA B 422 -4.10 20.08 38.67
N HIS B 423 -4.28 19.37 39.74
CA HIS B 423 -3.21 19.02 40.69
C HIS B 423 -2.10 18.22 40.00
N ASN B 424 -2.44 17.21 39.21
CA ASN B 424 -1.43 16.43 38.51
C ASN B 424 -0.70 17.22 37.43
N ALA B 425 -1.45 18.08 36.70
CA ALA B 425 -0.93 18.95 35.64
C ALA B 425 0.09 19.95 36.24
N ILE B 426 -0.15 20.45 37.47
CA ILE B 426 0.68 21.39 38.19
C ILE B 426 1.94 20.73 38.65
N VAL B 427 1.84 19.52 39.20
CA VAL B 427 3.00 18.76 39.63
C VAL B 427 3.92 18.50 38.42
N ALA B 428 3.41 18.00 37.32
CA ALA B 428 4.20 17.76 36.09
C ALA B 428 4.86 19.08 35.63
N SER B 429 4.09 20.20 35.63
CA SER B 429 4.62 21.53 35.23
C SER B 429 5.75 21.96 36.18
N CYS B 430 5.60 21.72 37.47
CA CYS B 430 6.61 22.01 38.48
C CYS B 430 7.86 21.10 38.30
N ALA B 431 7.68 19.93 37.68
CA ALA B 431 8.77 19.02 37.36
C ALA B 431 9.47 19.42 36.04
N GLY B 432 9.11 20.59 35.53
CA GLY B 432 9.67 21.18 34.31
C GLY B 432 9.24 20.51 33.06
N LYS B 433 8.09 19.85 33.07
CA LYS B 433 7.61 19.18 31.85
C LYS B 433 6.97 20.18 30.87
N ASP B 434 6.99 19.87 29.55
CA ASP B 434 6.37 20.70 28.53
C ASP B 434 4.84 20.73 28.75
N LEU B 435 4.12 21.67 28.11
CA LEU B 435 2.70 21.80 28.23
C LEU B 435 1.92 20.50 27.92
N ILE B 436 2.20 19.86 26.80
CA ILE B 436 1.49 18.64 26.34
C ILE B 436 1.61 17.49 27.28
N SER B 437 2.83 17.20 27.80
CA SER B 437 3.04 16.10 28.76
C SER B 437 2.30 16.39 30.03
N SER B 438 2.45 17.63 30.53
CA SER B 438 1.78 18.08 31.75
C SER B 438 0.26 18.00 31.60
N LEU B 439 -0.27 18.40 30.44
CA LEU B 439 -1.72 18.30 30.18
C LEU B 439 -2.22 16.87 30.26
N CYS B 440 -1.57 15.95 29.52
CA CYS B 440 -1.96 14.54 29.58
C CYS B 440 -1.78 13.95 30.96
N SER B 441 -0.75 14.35 31.71
CA SER B 441 -0.59 13.87 33.10
C SER B 441 -1.90 14.20 33.88
N GLY B 442 -2.46 15.42 33.69
CA GLY B 442 -3.71 15.89 34.30
C GLY B 442 -4.94 15.19 33.72
N LEU B 443 -5.01 15.06 32.41
CA LEU B 443 -6.18 14.42 31.76
C LEU B 443 -6.36 12.98 32.10
N LEU B 444 -5.26 12.25 32.39
CA LEU B 444 -5.28 10.84 32.70
C LEU B 444 -5.87 10.54 34.09
N THR B 445 -6.32 11.58 34.83
CA THR B 445 -7.00 11.35 36.10
C THR B 445 -8.51 11.28 35.85
N ILE B 446 -8.97 11.69 34.67
CA ILE B 446 -10.39 11.80 34.32
C ILE B 446 -10.96 10.41 34.11
N GLY B 447 -11.90 10.07 34.97
CA GLY B 447 -12.49 8.74 34.98
C GLY B 447 -13.63 8.65 35.93
N PRO B 448 -13.80 7.53 36.61
CA PRO B 448 -15.00 7.35 37.43
C PRO B 448 -15.20 8.31 38.59
N ARG B 449 -14.13 8.89 39.17
CA ARG B 449 -14.31 9.76 40.34
C ARG B 449 -14.06 11.20 40.05
N PHE B 450 -13.31 11.51 39.01
CA PHE B 450 -13.05 12.89 38.63
C PHE B 450 -13.60 13.04 37.21
N GLY B 451 -14.77 13.63 37.10
CA GLY B 451 -15.47 13.84 35.83
C GLY B 451 -16.50 12.77 35.45
N GLY B 452 -16.37 11.58 36.01
CA GLY B 452 -17.22 10.42 35.74
C GLY B 452 -18.65 10.46 36.24
N ALA B 453 -18.96 11.31 37.19
CA ALA B 453 -20.32 11.40 37.74
C ALA B 453 -21.30 11.94 36.69
N ILE B 454 -20.77 12.58 35.59
CA ILE B 454 -21.57 13.15 34.51
C ILE B 454 -22.27 12.03 33.79
N ASP B 455 -21.50 11.01 33.40
CA ASP B 455 -21.98 9.81 32.70
C ASP B 455 -22.88 8.96 33.60
N ASP B 456 -22.46 8.73 34.84
CA ASP B 456 -23.21 7.93 35.80
C ASP B 456 -24.56 8.54 36.04
N ALA B 457 -24.66 9.89 36.17
CA ALA B 457 -25.95 10.58 36.39
C ALA B 457 -26.83 10.42 35.19
N ALA B 458 -26.29 10.67 33.97
CA ALA B 458 -27.06 10.47 32.75
C ALA B 458 -27.62 9.02 32.69
N ARG B 459 -26.78 8.03 32.95
N ARG B 459 -26.79 7.99 32.92
CA ARG B 459 -27.05 6.59 32.96
CA ARG B 459 -27.23 6.59 32.89
C ARG B 459 -28.16 6.21 33.94
C ARG B 459 -28.26 6.25 33.94
N GLU B 460 -27.95 6.52 35.25
CA GLU B 460 -28.85 6.18 36.34
C GLU B 460 -30.18 6.87 36.28
N PHE B 461 -30.20 8.19 35.99
CA PHE B 461 -31.47 8.94 35.88
C PHE B 461 -32.27 8.47 34.66
N LYS B 462 -31.61 8.26 33.50
CA LYS B 462 -32.30 7.82 32.27
C LYS B 462 -33.02 6.47 32.52
N ARG B 463 -32.30 5.51 33.10
CA ARG B 463 -32.81 4.17 33.41
C ARG B 463 -34.04 4.23 34.35
N ALA B 464 -33.94 4.96 35.46
CA ALA B 464 -35.04 5.09 36.40
C ALA B 464 -36.29 5.62 35.73
N GLN B 465 -36.17 6.76 35.01
CA GLN B 465 -37.25 7.43 34.33
C GLN B 465 -37.81 6.60 33.18
N GLU B 466 -36.97 5.82 32.47
CA GLU B 466 -37.38 4.95 31.35
C GLU B 466 -38.19 3.76 31.88
N THR B 467 -37.59 2.96 32.80
CA THR B 467 -38.19 1.77 33.40
C THR B 467 -39.47 2.10 34.21
N GLY B 468 -39.83 3.37 34.24
CA GLY B 468 -41.03 3.84 34.91
C GLY B 468 -40.98 4.06 36.41
N LEU B 469 -39.81 3.80 37.06
CA LEU B 469 -39.63 4.00 38.52
C LEU B 469 -40.11 5.39 38.97
N ALA B 470 -40.95 5.44 40.01
CA ALA B 470 -41.36 6.74 40.54
C ALA B 470 -40.11 7.34 41.25
N PRO B 471 -39.88 8.69 41.24
CA PRO B 471 -38.69 9.25 41.92
C PRO B 471 -38.39 8.65 43.30
N GLU B 472 -39.45 8.39 44.11
CA GLU B 472 -39.39 7.78 45.45
C GLU B 472 -38.80 6.39 45.40
N GLN B 473 -39.22 5.58 44.40
CA GLN B 473 -38.75 4.22 44.17
C GLN B 473 -37.29 4.19 43.77
N PHE B 474 -36.84 5.18 42.95
CA PHE B 474 -35.45 5.31 42.52
C PHE B 474 -34.58 5.65 43.72
N VAL B 475 -35.00 6.67 44.51
CA VAL B 475 -34.31 7.10 45.73
C VAL B 475 -34.20 5.89 46.68
N GLY B 476 -35.32 5.17 46.88
CA GLY B 476 -35.37 3.97 47.70
C GLY B 476 -34.49 2.83 47.24
N GLU B 477 -34.54 2.48 45.94
CA GLU B 477 -33.72 1.41 45.33
C GLU B 477 -32.20 1.65 45.53
N MET B 478 -31.75 2.89 45.26
CA MET B 478 -30.35 3.28 45.37
C MET B 478 -29.84 3.19 46.80
N LYS B 479 -30.69 3.58 47.78
CA LYS B 479 -30.38 3.51 49.21
C LYS B 479 -30.18 2.03 49.63
N LYS B 480 -31.05 1.11 49.13
CA LYS B 480 -31.01 -0.35 49.43
C LYS B 480 -29.71 -0.98 48.97
N LYS B 481 -29.23 -0.58 47.78
CA LYS B 481 -28.00 -1.06 47.16
C LYS B 481 -26.77 -0.41 47.79
N GLY B 482 -26.98 0.60 48.63
CA GLY B 482 -25.90 1.36 49.27
C GLY B 482 -25.13 2.25 48.30
N ILE B 483 -25.81 2.73 47.24
CA ILE B 483 -25.19 3.57 46.22
C ILE B 483 -25.71 4.98 46.31
N ASN B 484 -24.80 5.95 46.53
CA ASN B 484 -25.19 7.34 46.52
C ASN B 484 -25.59 7.66 45.10
N ILE B 485 -26.59 8.52 44.95
CA ILE B 485 -27.07 8.84 43.62
C ILE B 485 -26.04 9.74 42.92
N PRO B 486 -25.51 9.30 41.75
CA PRO B 486 -24.56 10.15 41.04
C PRO B 486 -25.25 11.42 40.54
N GLY B 487 -24.57 12.56 40.70
CA GLY B 487 -25.12 13.86 40.33
C GLY B 487 -25.88 14.54 41.45
N ILE B 488 -25.96 13.88 42.61
CA ILE B 488 -26.64 14.38 43.81
C ILE B 488 -25.62 14.60 44.90
N GLY B 489 -25.66 15.79 45.53
CA GLY B 489 -24.82 16.13 46.67
C GLY B 489 -23.73 17.15 46.43
N HIS B 490 -23.49 17.98 47.44
CA HIS B 490 -22.48 19.03 47.44
C HIS B 490 -21.95 19.21 48.87
N LYS B 491 -20.67 19.59 49.02
CA LYS B 491 -20.04 19.82 50.33
C LYS B 491 -20.54 21.11 51.04
N ILE B 492 -20.72 22.24 50.30
CA ILE B 492 -21.15 23.52 50.93
C ILE B 492 -22.51 24.03 50.46
N LYS B 493 -22.79 23.93 49.15
CA LYS B 493 -24.03 24.41 48.55
C LYS B 493 -25.23 23.57 48.97
N SER B 494 -26.40 24.22 49.05
CA SER B 494 -27.64 23.64 49.53
C SER B 494 -28.84 24.27 48.86
N VAL B 495 -30.06 23.99 49.37
CA VAL B 495 -31.27 24.61 48.80
C VAL B 495 -31.31 26.13 49.02
N LYS B 496 -30.91 26.58 50.22
CA LYS B 496 -30.89 28.00 50.60
C LYS B 496 -29.68 28.73 49.97
N ASN B 497 -28.56 28.01 49.74
CA ASN B 497 -27.33 28.54 49.12
C ASN B 497 -26.95 27.70 47.85
N PRO B 498 -27.55 27.99 46.66
CA PRO B 498 -27.30 27.13 45.49
C PRO B 498 -25.97 27.29 44.76
N ASP B 499 -25.51 26.22 44.06
CA ASP B 499 -24.31 26.29 43.22
C ASP B 499 -24.71 27.07 41.96
N LYS B 500 -23.98 28.17 41.66
CA LYS B 500 -24.28 29.01 40.50
C LYS B 500 -24.15 28.26 39.16
N ARG B 501 -23.14 27.36 39.03
CA ARG B 501 -22.86 26.56 37.84
C ARG B 501 -24.12 25.78 37.41
N VAL B 502 -24.84 25.21 38.40
CA VAL B 502 -26.07 24.42 38.27
C VAL B 502 -27.18 25.30 37.83
N GLN B 503 -27.34 26.42 38.51
CA GLN B 503 -28.46 27.32 38.24
C GLN B 503 -28.37 27.93 36.86
N LEU B 504 -27.15 28.28 36.42
CA LEU B 504 -26.90 28.80 35.08
C LEU B 504 -27.34 27.77 34.00
N LEU B 505 -27.02 26.47 34.22
CA LEU B 505 -27.36 25.35 33.33
C LEU B 505 -28.83 25.05 33.31
N ILE B 506 -29.45 24.95 34.47
CA ILE B 506 -30.87 24.72 34.58
C ILE B 506 -31.70 25.90 34.05
N SER B 507 -31.31 27.15 34.36
CA SER B 507 -32.11 28.30 33.89
C SER B 507 -32.12 28.35 32.33
N TYR B 508 -30.96 28.13 31.74
CA TYR B 508 -30.86 28.05 30.28
C TYR B 508 -31.76 26.93 29.66
N ALA B 509 -31.74 25.72 30.17
CA ALA B 509 -32.53 24.61 29.64
C ALA B 509 -34.01 24.84 29.80
N ARG B 510 -34.42 25.31 30.97
N ARG B 510 -34.41 25.32 30.97
CA ARG B 510 -35.83 25.62 31.22
CA ARG B 510 -35.82 25.65 31.23
C ARG B 510 -36.32 26.67 30.20
C ARG B 510 -36.31 26.66 30.19
N ALA B 511 -35.53 27.74 29.99
CA ALA B 511 -35.88 28.82 29.05
C ALA B 511 -35.80 28.43 27.59
N ASN B 512 -34.80 27.59 27.17
CA ASN B 512 -34.55 27.32 25.74
C ASN B 512 -34.74 25.89 25.21
N PHE B 513 -34.77 24.87 26.08
CA PHE B 513 -34.94 23.52 25.54
C PHE B 513 -36.37 23.22 25.19
N PRO B 514 -36.64 22.68 23.99
CA PRO B 514 -38.02 22.30 23.65
C PRO B 514 -38.66 21.37 24.68
N SER B 515 -37.88 20.40 25.22
CA SER B 515 -38.30 19.45 26.26
C SER B 515 -37.23 19.27 27.33
N THR B 516 -37.65 19.16 28.60
CA THR B 516 -36.80 18.95 29.79
C THR B 516 -37.46 17.86 30.66
N GLU B 517 -37.87 16.72 30.05
CA GLU B 517 -38.53 15.60 30.74
C GLU B 517 -37.63 14.94 31.81
N LEU B 518 -36.36 14.67 31.47
CA LEU B 518 -35.46 14.05 32.43
C LEU B 518 -35.07 15.06 33.52
N LEU B 519 -35.05 16.36 33.16
CA LEU B 519 -34.79 17.39 34.16
C LEU B 519 -35.96 17.50 35.16
N ASN B 520 -37.21 17.40 34.67
CA ASN B 520 -38.38 17.45 35.56
C ASN B 520 -38.39 16.27 36.53
N TYR B 521 -38.01 15.07 36.06
CA TYR B 521 -37.87 13.88 36.90
C TYR B 521 -36.73 14.13 37.91
N ALA B 522 -35.58 14.63 37.42
CA ALA B 522 -34.42 14.88 38.27
C ALA B 522 -34.72 15.80 39.43
N LEU B 523 -35.52 16.87 39.17
CA LEU B 523 -35.94 17.85 40.17
C LEU B 523 -36.92 17.23 41.17
N GLN B 524 -37.71 16.19 40.79
CA GLN B 524 -38.60 15.45 41.69
C GLN B 524 -37.73 14.60 42.63
N VAL B 525 -36.67 13.93 42.09
CA VAL B 525 -35.68 13.14 42.87
C VAL B 525 -34.97 14.06 43.90
N GLU B 526 -34.55 15.28 43.44
CA GLU B 526 -33.88 16.29 44.25
C GLU B 526 -34.74 16.77 45.44
N GLU B 527 -36.07 16.89 45.26
CA GLU B 527 -36.98 17.31 46.33
C GLU B 527 -36.95 16.28 47.44
N LEU B 528 -36.87 14.98 47.06
CA LEU B 528 -36.76 13.88 48.01
C LEU B 528 -35.40 13.84 48.74
N THR B 529 -34.27 14.03 48.02
CA THR B 529 -32.94 13.98 48.63
C THR B 529 -32.73 15.20 49.54
N THR B 530 -33.17 16.41 49.11
CA THR B 530 -33.03 17.62 49.95
C THR B 530 -33.93 17.56 51.20
N ALA B 531 -34.99 16.72 51.19
CA ALA B 531 -35.87 16.48 52.35
C ALA B 531 -35.13 15.67 53.45
N LYS B 532 -33.96 15.07 53.11
CA LYS B 532 -33.12 14.32 54.04
C LYS B 532 -32.03 15.22 54.61
N LYS B 533 -31.27 15.87 53.71
CA LYS B 533 -30.16 16.78 53.99
C LYS B 533 -30.20 17.83 52.88
N GLY B 534 -30.17 19.09 53.29
CA GLY B 534 -30.23 20.25 52.39
C GLY B 534 -29.16 20.37 51.34
N ASN B 535 -27.99 19.77 51.58
CA ASN B 535 -26.83 19.75 50.66
C ASN B 535 -26.96 18.62 49.64
N LEU B 536 -28.10 17.89 49.62
CA LEU B 536 -28.27 16.80 48.64
C LEU B 536 -28.94 17.36 47.38
N ILE B 537 -28.32 18.40 46.84
CA ILE B 537 -28.83 19.13 45.68
C ILE B 537 -28.33 18.45 44.45
N LEU B 538 -28.93 18.79 43.31
CA LEU B 538 -28.50 18.31 42.02
C LEU B 538 -27.22 19.12 41.74
N ASN B 539 -26.08 18.43 41.72
CA ASN B 539 -24.79 19.07 41.50
C ASN B 539 -24.53 19.32 39.97
N VAL B 540 -23.39 19.94 39.63
CA VAL B 540 -23.00 20.32 38.25
C VAL B 540 -22.91 19.09 37.35
N ASP B 541 -22.26 18.01 37.82
CA ASP B 541 -22.11 16.77 37.06
C ASP B 541 -23.45 16.12 36.73
N GLY B 542 -24.36 16.12 37.69
CA GLY B 542 -25.71 15.60 37.51
C GLY B 542 -26.47 16.38 36.48
N CYS B 543 -26.41 17.70 36.61
N CYS B 543 -26.43 17.72 36.61
CA CYS B 543 -27.04 18.67 35.75
CA CYS B 543 -27.09 18.66 35.70
C CYS B 543 -26.62 18.49 34.28
C CYS B 543 -26.62 18.51 34.24
N ILE B 544 -25.32 18.28 34.00
CA ILE B 544 -24.78 18.11 32.64
C ILE B 544 -25.29 16.81 32.02
N GLY B 545 -25.12 15.68 32.73
CA GLY B 545 -25.57 14.38 32.25
C GLY B 545 -27.05 14.32 31.92
N ILE B 546 -27.89 14.82 32.83
CA ILE B 546 -29.33 14.83 32.67
C ILE B 546 -29.76 15.77 31.55
N LEU B 547 -29.22 17.02 31.52
CA LEU B 547 -29.63 17.96 30.48
C LEU B 547 -29.14 17.55 29.11
N PHE B 548 -28.02 16.78 29.07
CA PHE B 548 -27.52 16.29 27.79
C PHE B 548 -28.47 15.25 27.17
N ILE B 549 -29.08 14.38 28.01
CA ILE B 549 -30.14 13.44 27.56
C ILE B 549 -31.32 14.26 27.05
N ASP B 550 -31.73 15.31 27.78
CA ASP B 550 -32.84 16.18 27.34
C ASP B 550 -32.56 16.90 26.02
N LEU B 551 -31.32 17.36 25.81
CA LEU B 551 -30.89 18.01 24.57
C LEU B 551 -31.10 17.02 23.39
N MET B 552 -30.60 15.78 23.57
CA MET B 552 -30.71 14.73 22.57
C MET B 552 -32.15 14.36 22.27
N SER B 553 -33.01 14.26 23.30
CA SER B 553 -34.44 14.02 23.14
C SER B 553 -35.11 15.23 22.44
N SER B 554 -34.63 16.47 22.70
CA SER B 554 -35.16 17.68 22.04
C SER B 554 -34.77 17.70 20.55
N CYS B 555 -33.56 17.25 20.18
CA CYS B 555 -33.11 17.19 18.76
C CYS B 555 -34.08 16.32 17.91
N GLY B 556 -34.60 15.24 18.48
CA GLY B 556 -35.53 14.33 17.83
C GLY B 556 -34.88 13.29 16.91
N ALA B 557 -33.63 13.53 16.46
CA ALA B 557 -32.93 12.63 15.52
C ALA B 557 -32.22 11.43 16.17
N PHE B 558 -32.30 11.32 17.50
CA PHE B 558 -31.71 10.22 18.24
C PHE B 558 -32.79 9.29 18.82
N SER B 559 -32.69 7.98 18.57
CA SER B 559 -33.59 6.97 19.14
C SER B 559 -33.17 6.70 20.59
N LYS B 560 -33.95 5.90 21.34
CA LYS B 560 -33.60 5.52 22.73
C LYS B 560 -32.22 4.84 22.79
N GLU B 561 -31.95 3.92 21.83
CA GLU B 561 -30.73 3.13 21.64
C GLU B 561 -29.52 4.04 21.38
N GLU B 562 -29.68 4.98 20.40
CA GLU B 562 -28.66 5.97 20.04
C GLU B 562 -28.22 6.76 21.28
N ILE B 563 -29.20 7.19 22.09
CA ILE B 563 -28.96 7.92 23.33
C ILE B 563 -28.20 7.02 24.33
N ASP B 564 -28.62 5.75 24.45
CA ASP B 564 -27.93 4.81 25.35
C ASP B 564 -26.46 4.60 24.93
N GLU B 565 -26.24 4.55 23.60
CA GLU B 565 -24.89 4.42 23.01
C GLU B 565 -24.04 5.65 23.38
N VAL B 566 -24.61 6.87 23.25
CA VAL B 566 -23.92 8.10 23.62
C VAL B 566 -23.42 8.03 25.08
N VAL B 567 -24.26 7.57 25.99
CA VAL B 567 -23.91 7.45 27.42
C VAL B 567 -22.82 6.38 27.61
N ARG B 568 -23.03 5.20 27.00
N ARG B 568 -23.02 5.19 27.03
CA ARG B 568 -22.14 4.03 27.02
CA ARG B 568 -22.07 4.07 27.11
C ARG B 568 -20.72 4.35 26.48
C ARG B 568 -20.68 4.42 26.53
N LEU B 569 -20.61 5.08 25.35
CA LEU B 569 -19.32 5.37 24.70
C LEU B 569 -18.49 6.48 25.37
N GLY B 570 -19.10 7.22 26.29
CA GLY B 570 -18.39 8.22 27.06
C GLY B 570 -18.16 9.55 26.38
N TYR B 571 -19.12 9.95 25.50
CA TYR B 571 -19.11 11.24 24.82
C TYR B 571 -19.02 12.35 25.86
N LEU B 572 -19.69 12.16 26.97
CA LEU B 572 -19.78 13.09 28.11
C LEU B 572 -18.46 13.22 28.85
N ASN B 573 -17.65 12.15 28.91
CA ASN B 573 -16.31 12.25 29.47
C ASN B 573 -15.43 13.09 28.55
N GLY B 574 -15.65 12.98 27.24
CA GLY B 574 -14.95 13.78 26.25
C GLY B 574 -15.24 15.26 26.39
N LEU B 575 -16.53 15.62 26.61
CA LEU B 575 -16.94 17.01 26.78
C LEU B 575 -16.29 17.61 28.02
N PHE B 576 -16.28 16.84 29.13
CA PHE B 576 -15.59 17.27 30.34
C PHE B 576 -14.08 17.44 30.10
N ALA B 577 -13.48 16.52 29.38
CA ALA B 577 -12.04 16.54 29.06
C ALA B 577 -11.63 17.72 28.21
N LEU B 578 -12.45 18.03 27.23
CA LEU B 578 -12.23 19.16 26.35
C LEU B 578 -12.34 20.48 27.14
N GLY B 579 -13.42 20.64 27.91
CA GLY B 579 -13.56 21.84 28.71
C GLY B 579 -12.52 21.99 29.80
N ARG B 580 -12.29 20.93 30.59
CA ARG B 580 -11.32 21.01 31.69
C ARG B 580 -9.86 21.17 31.18
N SER B 581 -9.60 20.93 29.86
CA SER B 581 -8.28 21.13 29.25
C SER B 581 -7.88 22.58 29.31
N ILE B 582 -8.85 23.44 29.18
CA ILE B 582 -8.65 24.86 29.26
C ILE B 582 -8.02 25.23 30.58
N GLY B 583 -8.63 24.83 31.71
CA GLY B 583 -8.09 25.19 33.03
C GLY B 583 -6.79 24.43 33.30
N LEU B 584 -6.66 23.24 32.75
CA LEU B 584 -5.40 22.43 32.93
C LEU B 584 -4.22 23.15 32.26
N ILE B 585 -4.38 23.57 31.02
CA ILE B 585 -3.39 24.37 30.26
C ILE B 585 -3.13 25.69 31.05
N GLY B 586 -4.19 26.34 31.50
CA GLY B 586 -4.07 27.54 32.34
C GLY B 586 -3.16 27.32 33.54
N HIS B 587 -3.43 26.30 34.33
CA HIS B 587 -2.60 26.02 35.54
C HIS B 587 -1.12 25.64 35.20
N ILE B 588 -0.93 24.88 34.14
CA ILE B 588 0.45 24.53 33.71
C ILE B 588 1.24 25.81 33.39
N LEU B 589 0.65 26.75 32.60
CA LEU B 589 1.25 28.01 32.17
C LEU B 589 1.49 28.94 33.35
N ASP B 590 0.56 28.95 34.31
CA ASP B 590 0.62 29.73 35.53
C ASP B 590 1.86 29.33 36.34
N GLN B 591 2.13 28.02 36.51
CA GLN B 591 3.31 27.54 37.23
C GLN B 591 4.60 27.91 36.45
N LYS B 592 4.54 27.88 35.11
CA LYS B 592 5.66 28.28 34.29
C LYS B 592 5.95 29.79 34.48
N ARG B 593 4.92 30.67 34.46
CA ARG B 593 5.09 32.11 34.71
C ARG B 593 5.67 32.39 36.10
N LEU B 594 5.19 31.70 37.13
CA LEU B 594 5.64 31.84 38.50
C LEU B 594 7.06 31.29 38.76
N GLY B 595 7.60 30.46 37.85
CA GLY B 595 8.92 29.85 38.02
C GLY B 595 8.90 28.86 39.18
N SER B 596 7.78 28.13 39.33
CA SER B 596 7.56 27.16 40.41
C SER B 596 8.59 26.07 40.44
N ARG B 597 8.95 25.62 41.64
CA ARG B 597 9.97 24.58 41.83
C ARG B 597 9.35 23.20 41.79
N LEU B 598 10.19 22.14 41.72
CA LEU B 598 9.82 20.75 41.78
C LEU B 598 8.99 20.49 43.06
N TYR B 599 7.89 19.75 42.91
CA TYR B 599 7.08 19.41 44.07
C TYR B 599 7.54 18.10 44.64
N ARG B 600 7.51 17.97 45.97
CA ARG B 600 7.75 16.73 46.67
C ARG B 600 6.65 16.70 47.73
N HIS B 601 5.85 15.63 47.78
CA HIS B 601 4.80 15.58 48.79
C HIS B 601 5.36 15.60 50.25
N PRO B 602 4.83 16.42 51.19
CA PRO B 602 5.42 16.41 52.56
C PRO B 602 5.37 15.03 53.23
N ALA B 603 6.52 14.62 53.79
CA ALA B 603 6.78 13.35 54.47
C ALA B 603 5.78 13.07 55.59
N GLU B 604 5.35 14.11 56.33
CA GLU B 604 4.39 13.97 57.43
C GLU B 604 2.96 13.71 56.92
N ASP B 605 2.71 13.81 55.61
CA ASP B 605 1.39 13.55 55.10
C ASP B 605 1.20 12.06 54.68
N ILE B 606 2.20 11.26 54.95
CA ILE B 606 2.28 9.86 54.59
C ILE B 606 2.48 8.98 55.82
N ALA B 607 1.59 7.97 56.01
CA ALA B 607 1.74 7.00 57.09
C ALA B 607 2.40 5.78 56.48
N TYR B 608 3.66 5.54 56.83
CA TYR B 608 4.47 4.40 56.34
C TYR B 608 4.14 3.19 57.15
N MET B 609 3.53 2.20 56.52
CA MET B 609 3.14 1.02 57.28
C MET B 609 3.68 -0.22 56.60
N MET B 610 4.99 -0.44 56.81
CA MET B 610 5.74 -1.57 56.22
C MET B 610 5.28 -2.88 56.76
N PRO B 611 5.15 -3.94 55.95
CA PRO B 611 4.82 -5.26 56.52
C PRO B 611 6.05 -5.80 57.25
N SER B 612 5.83 -6.75 58.17
CA SER B 612 6.90 -7.37 58.95
C SER B 612 7.61 -8.42 58.13
N GLU B 613 8.78 -8.91 58.63
CA GLU B 613 9.57 -9.97 58.03
C GLU B 613 8.73 -11.24 57.84
N GLU B 614 7.87 -11.56 58.82
CA GLU B 614 6.98 -12.72 58.84
C GLU B 614 5.89 -12.58 57.78
N GLU B 615 5.31 -11.36 57.64
CA GLU B 615 4.27 -11.05 56.66
C GLU B 615 4.74 -11.21 55.21
N ILE B 616 6.04 -10.99 54.95
CA ILE B 616 6.53 -11.07 53.55
C ILE B 616 6.97 -12.50 53.18
N GLN B 617 6.90 -13.47 54.10
CA GLN B 617 7.32 -14.82 53.78
C GLN B 617 6.29 -15.61 52.94
N CYS B 618 6.81 -16.48 52.05
CA CYS B 618 6.06 -17.43 51.21
C CYS B 618 6.08 -18.77 51.93
N LYS B 619 4.91 -19.39 52.14
CA LYS B 619 4.72 -20.71 52.77
C LYS B 619 3.37 -21.26 52.33
N ALA C 2 16.49 34.24 -22.14
CA ALA C 2 16.40 34.93 -23.44
C ALA C 2 16.88 36.35 -23.39
N GLN C 3 17.48 36.81 -24.47
CA GLN C 3 17.97 38.17 -24.58
C GLN C 3 16.80 39.07 -24.98
N ARG C 4 16.46 40.04 -24.14
CA ARG C 4 15.30 40.93 -24.39
C ARG C 4 15.74 42.37 -24.50
N GLY C 5 15.33 43.00 -25.60
CA GLY C 5 15.64 44.39 -25.91
C GLY C 5 14.91 45.36 -25.01
N ILE C 6 15.55 46.50 -24.69
CA ILE C 6 14.95 47.51 -23.81
C ILE C 6 14.93 48.87 -24.49
N ARG C 7 13.98 49.73 -24.10
CA ARG C 7 13.88 51.08 -24.63
C ARG C 7 15.13 51.86 -24.27
N GLU C 8 15.52 52.74 -25.20
CA GLU C 8 16.65 53.68 -25.07
C GLU C 8 16.45 54.46 -23.76
N TYR C 9 15.18 54.83 -23.44
CA TYR C 9 14.76 55.51 -22.22
C TYR C 9 15.24 54.75 -20.98
N ASP C 10 14.97 53.44 -20.94
CA ASP C 10 15.33 52.52 -19.86
C ASP C 10 16.85 52.29 -19.75
N ALA C 11 17.54 52.10 -20.90
CA ALA C 11 18.98 51.88 -20.97
C ALA C 11 19.78 53.10 -20.47
N LYS C 12 19.38 54.31 -20.93
CA LYS C 12 19.97 55.59 -20.54
C LYS C 12 19.70 55.91 -19.08
N ASN C 13 18.50 55.55 -18.58
CA ASN C 13 18.11 55.74 -17.18
C ASN C 13 18.97 54.88 -16.28
N LEU C 14 19.23 53.59 -16.71
CA LEU C 14 20.11 52.65 -16.01
C LEU C 14 21.53 53.23 -15.98
N LEU C 15 22.01 53.72 -17.14
CA LEU C 15 23.32 54.33 -17.26
C LEU C 15 23.45 55.58 -16.36
N ALA C 16 22.41 56.42 -16.35
CA ALA C 16 22.37 57.64 -15.53
C ALA C 16 22.40 57.30 -14.04
N ARG C 17 21.67 56.25 -13.64
CA ARG C 17 21.59 55.80 -12.25
C ARG C 17 22.81 55.05 -11.75
N TYR C 18 23.24 53.99 -12.47
CA TYR C 18 24.27 53.10 -11.96
C TYR C 18 25.71 53.32 -12.51
N LEU C 19 25.90 54.00 -13.66
CA LEU C 19 27.28 54.27 -14.11
C LEU C 19 28.09 55.21 -13.17
N PRO C 20 27.50 56.25 -12.51
CA PRO C 20 28.31 57.09 -11.59
C PRO C 20 28.86 56.37 -10.33
N GLU C 21 28.64 55.05 -10.20
CA GLU C 21 29.10 54.19 -9.11
C GLU C 21 30.45 53.53 -9.44
N TYR C 22 30.80 53.48 -10.72
CA TYR C 22 32.03 52.91 -11.28
C TYR C 22 32.95 54.04 -11.81
N LEU C 23 32.33 55.11 -12.31
CA LEU C 23 32.94 56.29 -12.90
C LEU C 23 32.52 57.54 -12.10
N ASP C 24 33.01 58.73 -12.49
CA ASP C 24 32.59 60.00 -11.88
C ASP C 24 31.60 60.62 -12.87
N ASP C 25 30.63 59.79 -13.33
CA ASP C 25 29.61 60.10 -14.32
C ASP C 25 28.42 60.85 -13.73
N PHE C 26 28.72 61.86 -12.91
CA PHE C 26 27.71 62.72 -12.33
C PHE C 26 27.47 63.81 -13.37
N SER C 27 28.29 63.78 -14.46
CA SER C 27 28.23 64.68 -15.60
C SER C 27 26.97 64.42 -16.41
N TYR C 28 26.64 63.14 -16.66
CA TYR C 28 25.41 62.82 -17.37
C TYR C 28 24.22 62.72 -16.40
N LYS C 29 23.34 63.72 -16.49
CA LYS C 29 22.11 63.79 -15.70
C LYS C 29 21.10 62.81 -16.30
N GLY C 30 20.10 62.42 -15.53
CA GLY C 30 19.09 61.50 -16.02
C GLY C 30 17.90 62.13 -16.70
N ASN C 31 18.09 63.31 -17.35
CA ASN C 31 17.03 64.08 -18.02
C ASN C 31 16.43 63.30 -19.19
N LEU C 32 15.41 62.50 -18.88
CA LEU C 32 14.71 61.64 -19.84
C LEU C 32 13.20 61.66 -19.60
N ALA C 33 12.44 61.62 -20.70
CA ALA C 33 10.98 61.60 -20.69
C ALA C 33 10.48 60.63 -21.76
N LEU C 34 9.60 59.68 -21.38
CA LEU C 34 9.03 58.72 -22.32
C LEU C 34 7.56 59.06 -22.56
N VAL C 35 7.16 59.11 -23.85
CA VAL C 35 5.80 59.43 -24.27
C VAL C 35 5.12 58.22 -24.93
N GLY C 36 4.21 57.59 -24.18
CA GLY C 36 3.41 56.45 -24.61
C GLY C 36 2.05 56.87 -25.15
N PRO C 37 1.15 55.92 -25.49
CA PRO C 37 -0.18 56.32 -26.00
C PRO C 37 -1.04 57.05 -24.97
N GLU C 38 -1.18 56.49 -23.76
CA GLU C 38 -1.98 57.07 -22.68
C GLU C 38 -1.14 57.88 -21.66
N THR C 39 -0.23 58.73 -22.17
CA THR C 39 0.63 59.60 -21.37
C THR C 39 0.03 61.00 -21.27
N ASP C 40 -0.32 61.44 -20.04
CA ASP C 40 -0.82 62.80 -19.83
C ASP C 40 0.39 63.72 -19.85
N ILE C 41 0.52 64.50 -20.95
CA ILE C 41 1.61 65.43 -21.25
C ILE C 41 1.90 66.37 -20.06
N GLU C 42 0.85 66.96 -19.48
CA GLU C 42 0.89 67.89 -18.34
C GLU C 42 1.46 67.27 -17.06
N GLY C 43 1.30 65.96 -16.91
CA GLY C 43 1.82 65.20 -15.77
C GLY C 43 3.33 65.06 -15.87
N LEU C 44 3.81 64.69 -17.08
CA LEU C 44 5.23 64.53 -17.44
C LEU C 44 5.93 65.90 -17.40
N GLU C 45 5.21 66.97 -17.73
CA GLU C 45 5.67 68.36 -17.72
C GLU C 45 5.90 68.83 -16.27
N ALA C 46 5.05 68.34 -15.33
CA ALA C 46 5.12 68.62 -13.90
C ALA C 46 6.19 67.73 -13.24
N GLU C 47 6.47 66.57 -13.84
CA GLU C 47 7.49 65.61 -13.43
C GLU C 47 8.87 66.08 -13.92
N ASN C 48 8.92 66.72 -15.11
CA ASN C 48 10.15 67.21 -15.72
C ASN C 48 10.08 68.70 -16.03
N PRO C 49 10.47 69.59 -15.07
CA PRO C 49 10.42 71.03 -15.33
C PRO C 49 11.42 71.45 -16.41
N TRP C 50 12.59 70.78 -16.48
CA TRP C 50 13.67 71.01 -17.45
C TRP C 50 13.20 71.03 -18.93
N LEU C 51 12.10 70.32 -19.25
CA LEU C 51 11.51 70.23 -20.59
C LEU C 51 11.24 71.60 -21.22
N LYS C 52 10.57 72.48 -20.46
CA LYS C 52 10.16 73.80 -20.89
C LYS C 52 11.32 74.81 -21.10
N THR C 53 12.48 74.59 -20.45
CA THR C 53 13.64 75.51 -20.48
C THR C 53 14.92 74.95 -21.18
N THR C 54 14.84 73.79 -21.85
CA THR C 54 16.00 73.18 -22.53
C THR C 54 15.72 72.90 -24.01
N ARG C 55 16.78 72.88 -24.86
CA ARG C 55 16.65 72.50 -26.27
C ARG C 55 16.58 70.98 -26.30
N LEU C 56 15.60 70.44 -27.03
CA LEU C 56 15.27 69.01 -27.04
C LEU C 56 15.62 68.24 -28.32
N VAL C 57 15.50 66.90 -28.19
CA VAL C 57 15.59 65.84 -29.19
C VAL C 57 14.41 64.89 -28.89
N VAL C 58 13.60 64.59 -29.89
CA VAL C 58 12.47 63.67 -29.73
C VAL C 58 12.51 62.67 -30.90
N LYS C 59 12.55 61.37 -30.55
CA LYS C 59 12.67 60.26 -31.49
C LYS C 59 11.87 59.02 -31.04
N PRO C 60 11.36 58.16 -31.98
CA PRO C 60 10.61 56.97 -31.54
C PRO C 60 11.50 55.92 -30.84
N ASP C 61 11.02 55.39 -29.70
CA ASP C 61 11.70 54.40 -28.89
C ASP C 61 10.95 53.06 -28.93
N GLN C 62 10.92 52.44 -30.12
CA GLN C 62 10.21 51.16 -30.31
C GLN C 62 11.13 50.06 -30.86
N LEU C 63 12.43 50.14 -30.51
CA LEU C 63 13.50 49.20 -30.85
C LEU C 63 13.82 49.21 -32.37
N PHE C 64 14.41 50.33 -32.83
CA PHE C 64 14.78 50.56 -34.24
C PHE C 64 16.30 50.59 -34.50
N GLY C 65 16.70 51.31 -35.56
CA GLY C 65 18.09 51.48 -35.99
C GLY C 65 18.47 52.94 -36.20
N GLY C 68 17.10 58.02 -37.46
CA GLY C 68 18.08 58.91 -38.09
C GLY C 68 18.02 58.87 -39.60
N LYS C 69 18.24 57.66 -40.17
CA LYS C 69 18.22 57.39 -41.62
C LYS C 69 16.80 57.24 -42.19
N LEU C 70 15.80 57.10 -41.31
CA LEU C 70 14.38 57.00 -41.69
C LEU C 70 13.77 58.40 -41.66
N GLY C 71 14.56 59.36 -41.15
CA GLY C 71 14.20 60.76 -41.01
C GLY C 71 13.13 61.00 -39.98
N LEU C 72 13.27 60.32 -38.82
CA LEU C 72 12.31 60.39 -37.71
C LEU C 72 12.80 61.14 -36.47
N VAL C 73 14.14 61.32 -36.31
CA VAL C 73 14.73 62.02 -35.17
C VAL C 73 14.54 63.54 -35.35
N LEU C 74 13.92 64.21 -34.35
CA LEU C 74 13.73 65.65 -34.35
C LEU C 74 14.85 66.25 -33.49
N LEU C 75 15.77 67.00 -34.12
CA LEU C 75 16.93 67.60 -33.44
C LEU C 75 16.79 69.10 -33.21
N ASP C 76 17.27 69.56 -32.03
CA ASP C 76 17.29 70.96 -31.57
C ASP C 76 15.92 71.65 -31.68
N ALA C 77 15.03 71.39 -30.70
CA ALA C 77 13.68 71.95 -30.69
C ALA C 77 13.21 72.44 -29.31
N ASP C 78 12.14 73.25 -29.30
CA ASP C 78 11.50 73.81 -28.12
C ASP C 78 10.51 72.77 -27.60
N TRP C 79 10.07 72.91 -26.33
CA TRP C 79 9.06 72.02 -25.73
C TRP C 79 7.74 72.08 -26.52
N GLU C 80 7.38 73.28 -27.06
CA GLU C 80 6.20 73.51 -27.90
C GLU C 80 6.38 72.70 -29.19
N GLU C 81 7.54 72.91 -29.88
CA GLU C 81 7.93 72.23 -31.12
C GLU C 81 7.96 70.72 -30.95
N ALA C 82 8.33 70.25 -29.73
CA ALA C 82 8.37 68.84 -29.37
C ALA C 82 6.96 68.27 -29.32
N LYS C 83 6.00 69.00 -28.69
CA LYS C 83 4.58 68.62 -28.61
C LYS C 83 3.94 68.53 -30.00
N GLU C 84 4.41 69.38 -30.95
CA GLU C 84 3.95 69.37 -32.34
C GLU C 84 4.35 68.05 -33.02
N TYR C 85 5.62 67.62 -32.83
CA TYR C 85 6.15 66.36 -33.36
C TYR C 85 5.39 65.16 -32.76
N LEU C 86 5.09 65.22 -31.45
CA LEU C 86 4.37 64.17 -30.72
C LEU C 86 2.89 64.10 -31.15
N ASN C 87 2.21 65.28 -31.29
CA ASN C 87 0.79 65.35 -31.69
C ASN C 87 0.55 64.93 -33.14
N GLU C 88 1.60 64.98 -33.98
CA GLU C 88 1.54 64.60 -35.39
C GLU C 88 1.87 63.12 -35.61
N LYS C 89 3.06 62.67 -35.14
CA LYS C 89 3.63 61.33 -35.34
C LYS C 89 2.96 60.18 -34.52
N MET C 90 2.28 60.48 -33.40
CA MET C 90 1.63 59.45 -32.57
C MET C 90 0.56 58.69 -33.39
N GLY C 91 0.58 57.36 -33.30
CA GLY C 91 -0.34 56.47 -34.01
C GLY C 91 -0.09 56.40 -35.50
N LEU C 92 1.02 56.99 -35.99
CA LEU C 92 1.38 57.02 -37.41
C LEU C 92 1.75 55.64 -37.94
N GLU C 93 1.08 55.22 -39.02
CA GLU C 93 1.32 53.93 -39.68
C GLU C 93 2.61 54.02 -40.49
N VAL C 94 3.62 53.22 -40.11
CA VAL C 94 4.95 53.18 -40.74
C VAL C 94 5.41 51.74 -40.99
N THR C 95 6.16 51.53 -42.08
CA THR C 95 6.72 50.23 -42.45
C THR C 95 8.22 50.26 -42.17
N ILE C 96 8.66 49.42 -41.22
CA ILE C 96 10.06 49.28 -40.82
C ILE C 96 10.39 47.78 -40.77
N GLY C 97 11.36 47.37 -41.59
CA GLY C 97 11.81 46.00 -41.70
C GLY C 97 10.82 45.07 -42.36
N GLY C 98 9.90 45.65 -43.14
CA GLY C 98 8.84 44.92 -43.82
C GLY C 98 7.58 44.80 -42.97
N ILE C 99 7.68 45.25 -41.70
CA ILE C 99 6.61 45.21 -40.71
C ILE C 99 5.93 46.58 -40.63
N THR C 100 4.61 46.59 -40.86
CA THR C 100 3.79 47.81 -40.84
C THR C 100 3.06 47.92 -39.49
N GLY C 101 3.55 48.82 -38.65
CA GLY C 101 2.99 49.11 -37.34
C GLY C 101 2.82 50.58 -37.06
N ARG C 102 2.11 50.91 -35.96
CA ARG C 102 1.88 52.31 -35.57
C ARG C 102 2.96 52.79 -34.61
N LEU C 103 3.32 54.09 -34.67
CA LEU C 103 4.30 54.68 -33.76
C LEU C 103 3.58 54.99 -32.43
N SER C 104 4.10 54.50 -31.28
CA SER C 104 3.41 54.71 -30.00
C SER C 104 4.30 55.19 -28.85
N TYR C 105 5.62 54.95 -28.92
CA TYR C 105 6.56 55.36 -27.85
C TYR C 105 7.66 56.26 -28.38
N PHE C 106 7.86 57.40 -27.70
CA PHE C 106 8.83 58.43 -28.08
C PHE C 106 9.68 58.90 -26.90
N LEU C 107 10.98 59.05 -27.13
CA LEU C 107 11.88 59.52 -26.09
C LEU C 107 12.18 61.01 -26.27
N ILE C 108 12.08 61.78 -25.17
CA ILE C 108 12.44 63.20 -25.12
C ILE C 108 13.65 63.38 -24.22
N GLU C 109 14.67 64.03 -24.75
CA GLU C 109 15.90 64.30 -24.02
C GLU C 109 16.57 65.63 -24.45
N PRO C 110 17.48 66.21 -23.62
CA PRO C 110 18.16 67.45 -24.05
C PRO C 110 19.08 67.27 -25.26
N PHE C 111 19.16 68.30 -26.11
CA PHE C 111 20.02 68.32 -27.30
C PHE C 111 21.44 68.67 -26.87
N THR C 112 22.38 67.75 -27.10
CA THR C 112 23.78 68.01 -26.75
C THR C 112 24.54 68.45 -28.01
N PRO C 113 24.95 69.74 -28.09
CA PRO C 113 25.75 70.19 -29.24
C PRO C 113 27.14 69.58 -29.10
N HIS C 114 27.55 68.80 -30.11
CA HIS C 114 28.78 68.02 -30.08
C HIS C 114 29.67 68.15 -31.32
N LYS C 115 30.93 67.69 -31.19
CA LYS C 115 31.92 67.62 -32.25
C LYS C 115 32.29 66.14 -32.45
N GLU C 116 32.85 65.51 -31.41
CA GLU C 116 33.27 64.10 -31.43
C GLU C 116 32.10 63.15 -31.44
N GLU C 117 32.26 62.02 -32.15
CA GLU C 117 31.28 60.96 -32.22
C GLU C 117 32.04 59.64 -32.12
N TYR C 118 32.09 59.04 -30.92
CA TYR C 118 32.77 57.76 -30.70
C TYR C 118 31.75 56.64 -30.48
N TYR C 119 32.11 55.42 -30.90
CA TYR C 119 31.26 54.24 -30.78
C TYR C 119 31.82 53.27 -29.76
N VAL C 120 30.94 52.66 -28.95
CA VAL C 120 31.29 51.63 -27.97
C VAL C 120 30.18 50.55 -27.91
N ALA C 121 30.57 49.28 -27.96
CA ALA C 121 29.63 48.17 -27.85
C ALA C 121 30.19 46.99 -27.06
N ILE C 122 29.36 46.42 -26.17
CA ILE C 122 29.74 45.26 -25.39
C ILE C 122 28.77 44.13 -25.70
N SER C 123 29.35 42.99 -26.09
CA SER C 123 28.67 41.76 -26.45
C SER C 123 29.45 40.63 -25.82
N SER C 124 28.87 39.44 -25.69
CA SER C 124 29.61 38.33 -25.13
C SER C 124 29.81 37.18 -26.11
N ASP C 125 30.92 36.43 -25.94
CA ASP C 125 31.24 35.23 -26.71
C ASP C 125 31.45 34.07 -25.73
N TYR C 126 31.79 32.85 -26.20
CA TYR C 126 31.95 31.71 -25.28
C TYR C 126 33.12 31.84 -24.27
N GLU C 127 34.08 32.74 -24.52
CA GLU C 127 35.28 32.88 -23.67
C GLU C 127 35.24 34.10 -22.74
N GLY C 128 34.32 35.02 -23.00
CA GLY C 128 34.14 36.22 -22.20
C GLY C 128 33.31 37.27 -22.89
N ASP C 129 33.64 38.54 -22.63
CA ASP C 129 32.96 39.72 -23.19
C ASP C 129 33.90 40.45 -24.13
N ASN C 130 33.34 41.01 -25.21
CA ASN C 130 34.11 41.77 -26.18
C ASN C 130 33.65 43.22 -26.20
N ILE C 131 34.60 44.16 -26.03
CA ILE C 131 34.35 45.60 -26.08
C ILE C 131 34.81 46.09 -27.45
N PHE C 132 33.96 46.81 -28.16
CA PHE C 132 34.24 47.36 -29.49
C PHE C 132 34.30 48.87 -29.40
N PHE C 133 35.33 49.49 -29.99
CA PHE C 133 35.50 50.93 -29.97
C PHE C 133 35.98 51.45 -31.31
N SER C 134 35.44 52.61 -31.72
CA SER C 134 35.84 53.32 -32.93
C SER C 134 35.68 54.84 -32.74
N MET C 135 36.40 55.63 -33.55
CA MET C 135 36.29 57.09 -33.44
C MET C 135 35.38 57.67 -34.51
N ASP C 136 34.67 56.77 -35.23
CA ASP C 136 33.71 57.06 -36.28
C ASP C 136 32.33 56.49 -35.89
N GLY C 137 31.62 57.25 -35.06
CA GLY C 137 30.28 56.90 -34.57
C GLY C 137 29.21 57.38 -35.53
N GLY C 138 28.17 56.56 -35.70
CA GLY C 138 27.06 56.87 -36.60
C GLY C 138 27.22 56.28 -38.00
N VAL C 139 28.49 56.16 -38.47
CA VAL C 139 28.87 55.60 -39.78
C VAL C 139 30.11 54.69 -39.70
N GLY C 140 29.97 53.46 -40.19
CA GLY C 140 31.03 52.46 -40.19
C GLY C 140 30.52 51.05 -40.47
N LYS C 147 39.04 49.53 -38.73
CA LYS C 147 38.37 50.77 -38.33
C LYS C 147 37.87 50.72 -36.87
N VAL C 148 37.49 49.50 -36.41
CA VAL C 148 36.99 49.24 -35.07
C VAL C 148 38.00 48.35 -34.33
N ILE C 149 38.38 48.76 -33.10
CA ILE C 149 39.27 47.98 -32.25
C ILE C 149 38.45 47.11 -31.31
N SER C 150 38.91 45.88 -31.07
CA SER C 150 38.24 44.91 -30.20
C SER C 150 39.09 44.59 -28.99
N ILE C 151 38.48 44.58 -27.78
CA ILE C 151 39.12 44.27 -26.48
C ILE C 151 38.37 43.11 -25.86
N HIS C 152 39.02 41.95 -25.72
CA HIS C 152 38.40 40.78 -25.11
C HIS C 152 38.66 40.75 -23.60
N VAL C 153 37.59 40.58 -22.80
CA VAL C 153 37.64 40.50 -21.34
C VAL C 153 37.31 39.06 -20.97
N ASP C 154 38.30 38.32 -20.46
CA ASP C 154 38.14 36.91 -20.08
C ASP C 154 37.14 36.81 -18.92
N SER C 155 36.30 35.76 -18.95
CA SER C 155 35.25 35.48 -17.97
C SER C 155 35.76 35.42 -16.54
N LEU C 156 36.91 34.77 -16.32
CA LEU C 156 37.47 34.62 -14.98
C LEU C 156 38.42 35.72 -14.55
N GLU C 157 39.18 36.29 -15.49
CA GLU C 157 40.16 37.33 -15.19
C GLU C 157 39.56 38.72 -14.95
N GLY C 158 38.51 39.08 -15.69
CA GLY C 158 37.88 40.39 -15.56
C GLY C 158 38.64 41.51 -16.23
N ILE C 159 38.16 42.76 -16.06
CA ILE C 159 38.77 43.96 -16.68
C ILE C 159 40.11 44.38 -16.03
N ASP C 160 40.26 44.19 -14.69
CA ASP C 160 41.46 44.55 -13.92
C ASP C 160 42.74 43.88 -14.43
N ALA C 161 42.58 42.70 -15.06
CA ALA C 161 43.66 41.93 -15.68
C ALA C 161 44.12 42.54 -17.02
N LEU C 162 43.47 43.64 -17.47
CA LEU C 162 43.76 44.29 -18.75
C LEU C 162 44.17 45.76 -18.68
N ASP C 163 45.14 46.13 -19.53
CA ASP C 163 45.55 47.52 -19.70
C ASP C 163 44.75 48.02 -20.91
N VAL C 164 43.55 48.59 -20.63
CA VAL C 164 42.61 49.12 -21.63
C VAL C 164 43.24 50.28 -22.39
N GLY C 165 44.15 51.01 -21.72
CA GLY C 165 44.93 52.12 -22.25
C GLY C 165 45.34 51.93 -23.69
N SER C 166 45.91 50.74 -24.02
CA SER C 166 46.30 50.33 -25.38
C SER C 166 45.03 50.19 -26.26
N LYS C 167 44.60 51.36 -26.75
CA LYS C 167 43.46 51.70 -27.59
C LYS C 167 44.02 52.65 -28.69
N LEU C 168 43.14 53.41 -29.39
CA LEU C 168 43.54 54.29 -30.48
C LEU C 168 44.44 55.47 -30.05
N PRO C 169 45.65 55.58 -30.68
CA PRO C 169 46.57 56.69 -30.33
C PRO C 169 46.08 58.07 -30.76
N ALA C 170 45.29 58.13 -31.86
CA ALA C 170 44.68 59.33 -32.44
C ALA C 170 43.88 60.18 -31.43
N GLU C 171 43.37 59.55 -30.34
CA GLU C 171 42.61 60.17 -29.24
C GLU C 171 43.48 61.18 -28.50
N LEU C 172 42.84 62.19 -27.88
CA LEU C 172 43.55 63.23 -27.12
C LEU C 172 44.26 62.65 -25.89
N GLY C 173 45.19 63.42 -25.32
CA GLY C 173 45.94 63.01 -24.15
C GLY C 173 45.00 62.66 -23.02
N ASP C 174 44.18 63.66 -22.62
CA ASP C 174 43.16 63.54 -21.57
C ASP C 174 42.03 62.62 -22.03
N LYS C 175 41.60 62.73 -23.33
CA LYS C 175 40.53 61.91 -23.91
C LYS C 175 40.80 60.42 -23.85
N ARG C 176 42.02 59.97 -24.22
CA ARG C 176 42.40 58.55 -24.16
C ARG C 176 42.20 57.96 -22.77
N ALA C 177 42.57 58.70 -21.70
CA ALA C 177 42.40 58.25 -20.32
C ALA C 177 40.91 58.29 -19.91
N LEU C 178 40.16 59.28 -20.43
CA LEU C 178 38.72 59.45 -20.15
C LEU C 178 37.89 58.37 -20.80
N VAL C 179 38.27 57.92 -22.02
CA VAL C 179 37.57 56.85 -22.74
C VAL C 179 37.91 55.49 -22.12
N GLU C 180 39.20 55.29 -21.73
CA GLU C 180 39.72 54.08 -21.07
C GLU C 180 38.89 53.85 -19.79
N GLU C 181 38.72 54.91 -18.96
CA GLU C 181 37.96 54.91 -17.73
C GLU C 181 36.46 54.69 -17.98
N PHE C 182 35.92 55.32 -19.06
CA PHE C 182 34.51 55.21 -19.40
C PHE C 182 34.11 53.81 -19.86
N ILE C 183 34.92 53.19 -20.73
CA ILE C 183 34.61 51.84 -21.26
C ILE C 183 34.89 50.76 -20.20
N THR C 184 35.81 51.05 -19.23
CA THR C 184 36.12 50.16 -18.10
C THR C 184 34.90 50.12 -17.17
N ALA C 185 34.30 51.30 -16.92
CA ALA C 185 33.10 51.50 -16.10
C ALA C 185 31.89 50.86 -16.79
N LEU C 186 31.80 51.03 -18.13
CA LEU C 186 30.71 50.49 -18.95
C LEU C 186 30.69 48.98 -18.90
N TRP C 187 31.89 48.32 -18.89
CA TRP C 187 32.01 46.87 -18.76
C TRP C 187 31.48 46.41 -17.38
N ARG C 188 31.83 47.16 -16.31
CA ARG C 188 31.41 46.86 -14.94
C ARG C 188 29.90 46.99 -14.85
N PHE C 189 29.36 48.02 -15.50
CA PHE C 189 27.93 48.28 -15.60
C PHE C 189 27.25 47.12 -16.37
N TYR C 190 27.85 46.68 -17.47
CA TYR C 190 27.36 45.57 -18.32
C TYR C 190 27.31 44.26 -17.48
N SER C 191 28.41 43.98 -16.78
CA SER C 191 28.65 42.81 -15.95
C SER C 191 27.79 42.69 -14.70
N ASP C 192 27.54 43.81 -14.01
CA ASP C 192 26.77 43.81 -12.78
C ASP C 192 25.28 44.02 -12.96
N THR C 193 24.85 44.58 -14.13
CA THR C 193 23.43 44.89 -14.38
C THR C 193 22.74 43.85 -15.32
N GLY C 194 23.42 42.75 -15.64
CA GLY C 194 22.84 41.65 -16.42
C GLY C 194 22.49 41.92 -17.86
N PHE C 195 23.35 42.68 -18.54
CA PHE C 195 23.18 42.99 -19.96
C PHE C 195 23.71 41.86 -20.79
N ALA C 196 23.12 41.68 -21.96
CA ALA C 196 23.55 40.68 -22.93
C ALA C 196 24.16 41.43 -24.14
N TYR C 197 23.84 42.73 -24.26
CA TYR C 197 24.27 43.64 -25.31
C TYR C 197 24.07 45.11 -24.92
N VAL C 198 25.05 45.96 -25.23
CA VAL C 198 25.01 47.40 -25.04
C VAL C 198 25.71 48.08 -26.21
N GLU C 199 25.10 49.12 -26.75
CA GLU C 199 25.68 49.88 -27.85
C GLU C 199 25.40 51.37 -27.67
N ILE C 200 26.48 52.16 -27.60
CA ILE C 200 26.41 53.62 -27.52
C ILE C 200 27.03 54.10 -28.83
N ASN C 201 26.13 54.41 -29.78
CA ASN C 201 26.47 54.81 -31.13
C ASN C 201 25.65 56.03 -31.57
N PRO C 202 26.15 57.25 -31.30
CA PRO C 202 27.46 57.59 -30.71
C PRO C 202 27.43 58.10 -29.25
N PHE C 203 28.62 58.24 -28.65
CA PHE C 203 28.81 58.89 -27.37
C PHE C 203 29.69 60.12 -27.60
N THR C 204 29.63 61.13 -26.71
CA THR C 204 30.42 62.36 -26.81
C THR C 204 30.87 62.88 -25.44
N PHE C 205 31.54 64.04 -25.46
CA PHE C 205 32.07 64.77 -24.33
C PHE C 205 31.32 66.08 -24.08
N SER C 206 31.08 66.36 -22.80
CA SER C 206 30.47 67.58 -22.25
C SER C 206 31.52 68.06 -21.27
N GLY C 207 32.52 68.77 -21.80
CA GLY C 207 33.68 69.20 -21.04
C GLY C 207 34.60 68.01 -20.82
N ARG C 208 34.77 67.62 -19.54
CA ARG C 208 35.56 66.44 -19.15
C ARG C 208 34.61 65.30 -18.76
N GLY C 209 33.32 65.50 -19.03
CA GLY C 209 32.25 64.54 -18.77
C GLY C 209 31.93 63.70 -19.98
N ILE C 210 31.13 62.64 -19.80
CA ILE C 210 30.79 61.71 -20.88
C ILE C 210 29.26 61.62 -21.11
N VAL C 211 28.81 61.86 -22.36
CA VAL C 211 27.40 61.90 -22.74
C VAL C 211 26.98 60.86 -23.81
N PRO C 212 26.01 59.95 -23.51
CA PRO C 212 25.55 59.01 -24.54
C PRO C 212 24.50 59.66 -25.45
N LEU C 213 24.63 59.56 -26.80
CA LEU C 213 23.66 60.17 -27.69
C LEU C 213 22.58 59.22 -28.16
N ASP C 214 22.95 58.00 -28.52
CA ASP C 214 22.02 56.96 -28.95
C ASP C 214 22.40 55.68 -28.25
N MET C 215 21.39 54.91 -27.81
CA MET C 215 21.59 53.68 -27.05
C MET C 215 20.68 52.53 -27.50
N VAL C 216 21.25 51.34 -27.57
CA VAL C 216 20.59 50.08 -27.93
C VAL C 216 21.07 49.10 -26.89
N ALA C 217 20.14 48.41 -26.24
CA ALA C 217 20.51 47.47 -25.18
C ALA C 217 19.61 46.29 -25.11
N LYS C 218 20.18 45.15 -24.68
CA LYS C 218 19.50 43.88 -24.45
C LYS C 218 19.88 43.38 -23.06
N LEU C 219 18.89 42.92 -22.30
CA LEU C 219 19.14 42.36 -20.97
C LEU C 219 18.92 40.86 -21.04
N ASP C 220 19.75 40.07 -20.32
CA ASP C 220 19.56 38.63 -20.23
C ASP C 220 18.41 38.49 -19.22
N ASP C 221 17.19 38.13 -19.68
CA ASP C 221 15.99 38.09 -18.82
C ASP C 221 16.13 37.10 -17.62
N ALA C 222 17.05 36.11 -17.72
CA ALA C 222 17.37 35.12 -16.66
C ALA C 222 18.01 35.78 -15.42
N GLU C 223 18.51 37.02 -15.55
CA GLU C 223 19.16 37.83 -14.50
C GLU C 223 18.17 38.47 -13.52
N GLU C 224 16.85 38.47 -13.86
CA GLU C 224 15.76 39.11 -13.11
C GLU C 224 15.86 39.01 -11.59
N TYR C 225 16.08 37.79 -11.07
CA TYR C 225 16.18 37.47 -9.64
C TYR C 225 17.32 38.22 -8.92
N TRP C 226 18.41 38.47 -9.64
CA TRP C 226 19.60 39.16 -9.13
C TRP C 226 19.56 40.66 -9.39
N GLN C 227 18.55 41.15 -10.18
CA GLN C 227 18.45 42.55 -10.59
C GLN C 227 17.19 43.28 -10.15
N LYS C 228 16.58 42.86 -9.01
CA LYS C 228 15.31 43.42 -8.53
C LYS C 228 15.37 44.91 -8.24
N LYS C 229 16.53 45.43 -7.78
CA LYS C 229 16.68 46.86 -7.48
C LYS C 229 17.10 47.68 -8.71
N ARG C 230 18.03 47.17 -9.55
CA ARG C 230 18.48 47.91 -10.72
C ARG C 230 17.42 47.97 -11.83
N TRP C 231 16.66 46.90 -12.03
CA TRP C 231 15.61 46.83 -13.06
C TRP C 231 14.23 47.32 -12.57
N SER C 232 14.15 47.83 -11.32
CA SER C 232 12.91 48.28 -10.66
C SER C 232 11.99 49.16 -11.50
N GLU C 233 12.56 50.16 -12.19
CA GLU C 233 11.86 51.14 -13.02
C GLU C 233 11.62 50.73 -14.48
N LEU C 234 11.92 49.48 -14.86
CA LEU C 234 11.70 49.12 -16.27
C LEU C 234 10.82 47.87 -16.49
N ALA C 235 10.26 47.80 -17.70
CA ALA C 235 9.44 46.71 -18.21
C ALA C 235 9.89 46.42 -19.65
N PHE C 236 9.93 45.13 -20.05
CA PHE C 236 10.34 44.75 -21.40
C PHE C 236 9.28 45.12 -22.45
N PRO C 237 9.66 45.88 -23.49
CA PRO C 237 8.67 46.25 -24.50
C PRO C 237 8.43 45.15 -25.55
N GLU C 238 7.28 45.22 -26.24
CA GLU C 238 6.99 44.26 -27.32
C GLU C 238 7.74 44.74 -28.57
N PRO C 239 8.15 43.87 -29.52
CA PRO C 239 8.82 44.38 -30.74
C PRO C 239 7.87 45.24 -31.58
N PHE C 240 8.42 46.12 -32.45
CA PHE C 240 7.64 47.02 -33.29
C PHE C 240 6.61 46.27 -34.13
N GLY C 241 5.39 46.81 -34.16
CA GLY C 241 4.28 46.22 -34.89
C GLY C 241 3.30 45.46 -34.00
N ARG C 242 3.81 44.52 -33.17
CA ARG C 242 2.90 43.75 -32.31
C ARG C 242 2.56 44.48 -31.01
N THR C 243 1.32 44.27 -30.57
CA THR C 243 0.68 44.84 -29.38
C THR C 243 0.74 43.85 -28.22
N PRO C 244 0.86 44.31 -26.93
CA PRO C 244 0.87 43.35 -25.81
C PRO C 244 -0.39 42.46 -25.74
N SER C 245 -0.18 41.19 -25.33
CA SER C 245 -1.23 40.19 -25.21
C SER C 245 -1.43 39.78 -23.75
N LYS C 246 -2.67 39.97 -23.25
CA LYS C 246 -3.16 39.65 -21.90
C LYS C 246 -2.95 38.16 -21.58
N GLU C 247 -3.15 37.31 -22.59
CA GLU C 247 -3.00 35.85 -22.55
C GLU C 247 -1.52 35.46 -22.43
N GLU C 248 -0.65 36.10 -23.26
CA GLU C 248 0.79 35.86 -23.26
C GLU C 248 1.42 36.26 -21.93
N LEU C 249 0.98 37.40 -21.37
CA LEU C 249 1.48 37.92 -20.09
C LEU C 249 0.99 37.07 -18.91
N PHE C 250 -0.17 36.41 -19.06
CA PHE C 250 -0.74 35.49 -18.07
C PHE C 250 0.11 34.22 -18.00
N ILE C 251 0.58 33.72 -19.17
CA ILE C 251 1.41 32.52 -19.31
C ILE C 251 2.81 32.79 -18.74
N LYS C 252 3.36 33.99 -19.04
CA LYS C 252 4.64 34.50 -18.55
C LYS C 252 4.61 34.59 -17.03
N GLU C 253 3.43 34.94 -16.47
CA GLU C 253 3.19 35.04 -15.04
C GLU C 253 3.23 33.64 -14.36
N ILE C 254 2.67 32.61 -15.00
CA ILE C 254 2.71 31.23 -14.51
C ILE C 254 4.16 30.72 -14.56
N ASP C 255 4.84 30.95 -15.68
CA ASP C 255 6.24 30.57 -15.94
C ASP C 255 7.25 31.12 -14.89
N SER C 256 6.93 32.27 -14.24
CA SER C 256 7.81 32.94 -13.27
C SER C 256 7.79 32.32 -11.88
N LYS C 257 6.71 31.59 -11.53
CA LYS C 257 6.58 30.95 -10.22
C LYS C 257 6.89 29.46 -10.26
N THR C 258 7.70 29.02 -11.26
CA THR C 258 8.07 27.62 -11.41
C THR C 258 9.42 27.40 -12.14
N GLY C 259 10.06 26.29 -11.82
CA GLY C 259 11.27 25.80 -12.47
C GLY C 259 10.94 25.22 -13.84
N ALA C 260 9.67 24.78 -14.02
CA ALA C 260 9.10 24.27 -15.29
C ALA C 260 8.98 25.43 -16.29
N SER C 261 8.77 25.09 -17.56
CA SER C 261 8.64 26.07 -18.65
C SER C 261 7.24 26.05 -19.23
N LEU C 262 6.64 27.25 -19.38
CA LEU C 262 5.32 27.49 -19.95
C LEU C 262 5.54 28.76 -20.79
N LYS C 263 5.59 28.59 -22.13
CA LYS C 263 5.85 29.69 -23.05
C LYS C 263 4.78 29.73 -24.12
N LEU C 264 4.25 30.93 -24.42
CA LEU C 264 3.24 31.13 -25.46
C LEU C 264 3.49 32.44 -26.22
N THR C 265 3.53 32.34 -27.55
CA THR C 265 3.70 33.45 -28.48
C THR C 265 2.61 33.32 -29.54
N ILE C 266 1.69 34.28 -29.61
CA ILE C 266 0.64 34.27 -30.63
C ILE C 266 1.25 34.85 -31.91
N LEU C 267 1.15 34.08 -33.01
CA LEU C 267 1.68 34.47 -34.31
C LEU C 267 0.56 35.03 -35.17
N ASN C 268 -0.63 34.40 -35.13
CA ASN C 268 -1.80 34.79 -35.92
C ASN C 268 -3.08 34.38 -35.15
N PRO C 269 -3.83 35.32 -34.53
CA PRO C 269 -5.08 34.92 -33.82
C PRO C 269 -6.12 34.21 -34.70
N GLU C 270 -6.19 34.57 -36.00
CA GLU C 270 -7.12 33.98 -36.97
C GLU C 270 -6.61 32.70 -37.66
N GLY C 271 -5.51 32.13 -37.15
CA GLY C 271 -4.92 30.90 -37.66
C GLY C 271 -5.71 29.67 -37.24
N ARG C 272 -5.82 28.67 -38.14
CA ARG C 272 -6.56 27.44 -37.85
C ARG C 272 -5.68 26.30 -37.29
N VAL C 273 -4.32 26.49 -37.24
CA VAL C 273 -3.43 25.47 -36.66
C VAL C 273 -2.90 25.90 -35.27
N TRP C 274 -3.36 25.22 -34.24
CA TRP C 274 -2.88 25.53 -32.91
C TRP C 274 -2.03 24.38 -32.38
N THR C 275 -1.04 24.71 -31.56
CA THR C 275 -0.15 23.71 -31.04
C THR C 275 0.06 23.81 -29.53
N MET C 276 0.17 22.64 -28.90
CA MET C 276 0.49 22.52 -27.48
C MET C 276 1.50 21.40 -27.39
N VAL C 277 2.73 21.75 -27.74
CA VAL C 277 3.86 20.82 -27.81
C VAL C 277 4.73 20.90 -26.57
N ALA C 278 5.12 19.74 -26.05
CA ALA C 278 5.99 19.62 -24.91
C ALA C 278 7.45 19.67 -25.36
N GLY C 279 8.22 20.57 -24.77
CA GLY C 279 9.66 20.68 -25.03
C GLY C 279 10.07 21.74 -26.01
N GLY C 280 11.21 22.38 -25.71
CA GLY C 280 11.80 23.40 -26.58
C GLY C 280 12.23 22.83 -27.92
N GLY C 281 12.92 21.69 -27.90
CA GLY C 281 13.39 20.99 -29.09
C GLY C 281 12.29 20.54 -30.02
N ALA C 282 11.33 19.77 -29.50
CA ALA C 282 10.19 19.22 -30.24
C ALA C 282 9.23 20.26 -30.81
N SER C 283 8.97 21.38 -30.09
CA SER C 283 8.04 22.42 -30.53
C SER C 283 8.51 23.12 -31.80
N VAL C 284 9.83 23.30 -31.90
CA VAL C 284 10.55 23.89 -33.02
C VAL C 284 10.38 22.95 -34.20
N ILE C 285 10.55 21.63 -33.96
CA ILE C 285 10.42 20.59 -35.00
C ILE C 285 9.00 20.52 -35.54
N TYR C 286 7.98 20.63 -34.67
CA TYR C 286 6.58 20.63 -35.11
C TYR C 286 6.29 21.86 -35.95
N ALA C 287 6.84 23.03 -35.59
CA ALA C 287 6.72 24.28 -36.35
C ALA C 287 7.43 24.14 -37.72
N ASP C 288 8.61 23.48 -37.76
CA ASP C 288 9.38 23.22 -38.98
C ASP C 288 8.53 22.41 -39.97
N THR C 289 7.87 21.33 -39.47
CA THR C 289 7.01 20.44 -40.27
C THR C 289 5.79 21.18 -40.82
N ILE C 290 5.12 22.02 -39.99
CA ILE C 290 3.95 22.79 -40.43
C ILE C 290 4.35 23.76 -41.57
N CYS C 291 5.50 24.47 -41.44
CA CYS C 291 6.07 25.37 -42.46
C CYS C 291 6.49 24.59 -43.70
N ASP C 292 7.07 23.39 -43.50
CA ASP C 292 7.49 22.49 -44.59
C ASP C 292 6.32 22.01 -45.42
N LEU C 293 5.11 21.92 -44.83
CA LEU C 293 3.90 21.54 -45.54
C LEU C 293 3.16 22.74 -46.16
N GLY C 294 3.71 23.94 -45.97
CA GLY C 294 3.20 25.20 -46.51
C GLY C 294 2.08 25.84 -45.70
N HIS C 295 2.01 25.55 -44.40
CA HIS C 295 0.95 26.07 -43.52
C HIS C 295 1.46 27.10 -42.50
N ALA C 296 2.55 27.82 -42.81
CA ALA C 296 3.15 28.88 -41.97
C ALA C 296 2.12 29.96 -41.63
N ASP C 297 1.29 30.30 -42.62
CA ASP C 297 0.21 31.28 -42.54
C ASP C 297 -0.85 30.82 -41.54
N GLU C 298 -1.18 29.51 -41.54
CA GLU C 298 -2.18 28.97 -40.61
C GLU C 298 -1.63 28.68 -39.20
N MET C 299 -0.31 28.84 -39.00
CA MET C 299 0.29 28.63 -37.69
C MET C 299 -0.10 29.76 -36.76
N ALA C 300 -1.13 29.50 -35.94
CA ALA C 300 -1.71 30.45 -35.01
C ALA C 300 -0.83 30.85 -33.84
N ASN C 301 0.12 29.97 -33.45
CA ASN C 301 0.99 30.25 -32.31
C ASN C 301 2.23 29.37 -32.28
N TYR C 302 3.20 29.76 -31.43
CA TYR C 302 4.39 28.99 -31.08
C TYR C 302 4.34 28.91 -29.57
N GLY C 303 4.14 27.71 -29.07
CA GLY C 303 4.05 27.41 -27.65
C GLY C 303 4.95 26.26 -27.25
N GLU C 304 5.17 26.14 -25.94
CA GLU C 304 6.07 25.15 -25.35
C GLU C 304 5.80 25.07 -23.84
N TYR C 305 5.76 23.84 -23.34
CA TYR C 305 5.67 23.50 -21.91
C TYR C 305 6.62 22.32 -21.69
N SER C 306 7.42 22.35 -20.63
CA SER C 306 8.38 21.30 -20.31
C SER C 306 8.80 21.48 -18.86
N GLY C 307 9.81 20.75 -18.43
CA GLY C 307 10.33 20.84 -17.07
C GLY C 307 9.35 20.36 -16.00
N ASP C 308 8.56 19.34 -16.35
CA ASP C 308 7.54 18.70 -15.51
C ASP C 308 6.58 19.69 -14.81
N PRO C 309 5.71 20.43 -15.57
CA PRO C 309 4.74 21.32 -14.90
C PRO C 309 3.61 20.52 -14.26
N ASN C 310 3.05 21.01 -13.13
CA ASN C 310 1.95 20.33 -12.45
C ASN C 310 0.62 20.46 -13.21
N THR C 311 -0.40 19.71 -12.77
CA THR C 311 -1.76 19.68 -13.33
C THR C 311 -2.39 21.08 -13.45
N GLU C 312 -2.30 21.88 -12.37
CA GLU C 312 -2.84 23.24 -12.29
C GLU C 312 -2.18 24.13 -13.33
N GLU C 313 -0.84 24.07 -13.47
CA GLU C 313 -0.11 24.88 -14.46
C GLU C 313 -0.53 24.54 -15.88
N THR C 314 -0.63 23.23 -16.21
CA THR C 314 -1.01 22.76 -17.56
C THR C 314 -2.47 23.07 -17.82
N TYR C 315 -3.30 23.06 -16.77
CA TYR C 315 -4.74 23.36 -16.88
C TYR C 315 -4.92 24.81 -17.33
N HIS C 316 -4.28 25.78 -16.64
CA HIS C 316 -4.34 27.21 -16.98
C HIS C 316 -3.80 27.53 -18.35
N TYR C 317 -2.72 26.83 -18.76
CA TYR C 317 -2.10 26.93 -20.07
C TYR C 317 -3.08 26.47 -21.16
N THR C 318 -3.68 25.28 -20.98
CA THR C 318 -4.64 24.68 -21.93
C THR C 318 -5.89 25.56 -22.04
N CYS C 319 -6.34 26.15 -20.92
CA CYS C 319 -7.49 27.05 -20.85
C CYS C 319 -7.23 28.30 -21.69
N THR C 320 -5.97 28.81 -21.65
CA THR C 320 -5.54 29.98 -22.40
C THR C 320 -5.57 29.72 -23.91
N ILE C 321 -4.98 28.57 -24.36
CA ILE C 321 -4.94 28.16 -25.76
C ILE C 321 -6.36 27.95 -26.28
N LEU C 322 -7.20 27.22 -25.51
CA LEU C 322 -8.60 26.96 -25.86
C LEU C 322 -9.39 28.24 -25.99
N ASP C 323 -9.21 29.18 -25.05
CA ASP C 323 -9.88 30.48 -25.06
C ASP C 323 -9.67 31.19 -26.39
N LEU C 324 -8.39 31.41 -26.77
CA LEU C 324 -7.94 32.09 -27.98
C LEU C 324 -8.42 31.43 -29.28
N MET C 325 -8.53 30.09 -29.26
CA MET C 325 -8.95 29.21 -30.35
C MET C 325 -10.49 29.20 -30.59
N THR C 326 -11.27 29.62 -29.58
CA THR C 326 -12.74 29.57 -29.59
C THR C 326 -13.42 30.96 -29.71
N ARG C 327 -12.61 32.00 -29.95
CA ARG C 327 -13.11 33.37 -30.11
C ARG C 327 -13.77 33.53 -31.48
N SER C 328 -13.07 33.10 -32.55
CA SER C 328 -13.52 33.17 -33.93
C SER C 328 -13.95 31.79 -34.46
N LYS C 329 -15.01 31.76 -35.28
CA LYS C 329 -15.52 30.54 -35.91
C LYS C 329 -14.99 30.50 -37.34
N ASN C 330 -14.21 29.46 -37.66
CA ASN C 330 -13.56 29.31 -38.94
C ASN C 330 -14.05 28.11 -39.78
N PRO C 331 -14.43 28.30 -41.07
CA PRO C 331 -14.77 27.13 -41.92
C PRO C 331 -13.48 26.30 -42.14
N ASN C 332 -13.64 24.98 -42.42
CA ASN C 332 -12.59 23.94 -42.51
C ASN C 332 -12.26 23.50 -41.06
N GLY C 333 -12.85 24.20 -40.09
CA GLY C 333 -12.64 23.99 -38.66
C GLY C 333 -11.30 24.55 -38.22
N LYS C 334 -10.81 24.02 -37.10
CA LYS C 334 -9.51 24.37 -36.52
C LYS C 334 -8.87 23.08 -36.01
N VAL C 335 -7.54 23.00 -36.04
CA VAL C 335 -6.82 21.82 -35.55
C VAL C 335 -5.97 22.12 -34.30
N LEU C 336 -6.06 21.25 -33.25
CA LEU C 336 -5.26 21.31 -32.02
C LEU C 336 -4.27 20.14 -31.98
N LEU C 337 -2.96 20.46 -32.07
CA LEU C 337 -1.88 19.47 -32.06
C LEU C 337 -1.19 19.40 -30.71
N ILE C 338 -1.54 18.38 -29.93
CA ILE C 338 -0.99 18.09 -28.59
C ILE C 338 0.11 17.07 -28.77
N GLY C 339 1.29 17.56 -29.09
CA GLY C 339 2.43 16.70 -29.37
C GLY C 339 3.56 16.78 -28.38
N GLY C 340 4.68 16.20 -28.78
CA GLY C 340 5.90 16.18 -28.00
C GLY C 340 6.69 14.92 -28.24
N ALA C 341 7.92 14.91 -27.71
CA ALA C 341 8.80 13.75 -27.80
C ALA C 341 8.44 12.77 -26.69
N ILE C 342 9.26 11.73 -26.51
CA ILE C 342 9.10 10.78 -25.42
C ILE C 342 9.81 11.49 -24.25
N ALA C 343 9.05 12.00 -23.25
CA ALA C 343 9.64 12.74 -22.14
C ALA C 343 10.57 11.91 -21.31
N ASN C 344 11.52 12.60 -20.67
CA ASN C 344 12.48 11.99 -19.74
C ASN C 344 11.90 12.08 -18.33
N PHE C 345 11.18 13.15 -18.00
CA PHE C 345 10.71 13.27 -16.62
C PHE C 345 9.35 13.92 -16.48
N THR C 346 8.90 14.73 -17.45
CA THR C 346 7.58 15.36 -17.44
C THR C 346 6.56 14.26 -17.31
N ASP C 347 5.75 14.30 -16.27
CA ASP C 347 4.71 13.31 -16.02
C ASP C 347 3.53 13.50 -17.00
N VAL C 348 3.32 12.53 -17.89
CA VAL C 348 2.26 12.63 -18.90
C VAL C 348 0.85 12.53 -18.29
N ALA C 349 0.70 11.77 -17.19
CA ALA C 349 -0.56 11.58 -16.50
C ALA C 349 -1.04 12.87 -15.85
N LYS C 350 -0.13 13.56 -15.11
CA LYS C 350 -0.39 14.82 -14.39
C LYS C 350 -0.64 15.97 -15.36
N THR C 351 0.22 16.09 -16.41
CA THR C 351 0.08 17.15 -17.42
C THR C 351 -1.21 16.96 -18.23
N PHE C 352 -1.45 15.72 -18.77
CA PHE C 352 -2.65 15.45 -19.55
C PHE C 352 -3.91 15.50 -18.70
N LYS C 353 -3.81 15.35 -17.36
CA LYS C 353 -4.97 15.52 -16.47
C LYS C 353 -5.43 16.98 -16.52
N GLY C 354 -4.47 17.92 -16.58
CA GLY C 354 -4.72 19.35 -16.71
C GLY C 354 -5.32 19.72 -18.05
N VAL C 355 -4.80 19.10 -19.14
CA VAL C 355 -5.25 19.25 -20.53
C VAL C 355 -6.69 18.73 -20.66
N VAL C 356 -6.98 17.53 -20.13
CA VAL C 356 -8.31 16.91 -20.13
C VAL C 356 -9.32 17.80 -19.40
N MET C 357 -8.96 18.33 -18.21
CA MET C 357 -9.81 19.23 -17.40
C MET C 357 -10.24 20.50 -18.15
N ALA C 358 -9.30 21.10 -18.90
CA ALA C 358 -9.58 22.29 -19.71
C ALA C 358 -10.48 21.95 -20.89
N LEU C 359 -10.19 20.82 -21.60
CA LEU C 359 -10.99 20.36 -22.75
C LEU C 359 -12.43 20.05 -22.35
N GLU C 360 -12.64 19.48 -21.14
CA GLU C 360 -13.96 19.19 -20.55
C GLU C 360 -14.74 20.48 -20.38
N GLU C 361 -14.06 21.55 -19.89
CA GLU C 361 -14.67 22.86 -19.66
C GLU C 361 -15.03 23.61 -20.92
N TYR C 362 -14.23 23.42 -21.99
CA TYR C 362 -14.43 24.07 -23.29
C TYR C 362 -15.25 23.21 -24.29
N GLN C 363 -15.91 22.12 -23.79
CA GLN C 363 -16.75 21.17 -24.54
C GLN C 363 -17.72 21.80 -25.55
N GLN C 364 -18.53 22.80 -25.11
CA GLN C 364 -19.52 23.47 -25.97
C GLN C 364 -18.82 24.31 -27.07
N LYS C 365 -17.83 25.13 -26.65
CA LYS C 365 -17.03 25.98 -27.54
C LYS C 365 -16.17 25.17 -28.52
N LEU C 366 -15.76 23.93 -28.16
CA LEU C 366 -14.97 23.02 -29.00
C LEU C 366 -15.80 22.48 -30.17
N GLN C 367 -17.06 22.03 -29.88
CA GLN C 367 -17.99 21.47 -30.87
C GLN C 367 -18.42 22.56 -31.87
N GLU C 368 -18.80 23.74 -31.33
CA GLU C 368 -19.24 24.92 -32.08
C GLU C 368 -18.18 25.49 -33.03
N ALA C 369 -16.88 25.35 -32.68
CA ALA C 369 -15.78 25.85 -33.51
C ALA C 369 -15.18 24.81 -34.49
N ASP C 370 -15.75 23.58 -34.53
CA ASP C 370 -15.36 22.46 -35.42
C ASP C 370 -13.87 22.09 -35.23
N ILE C 371 -13.46 22.05 -33.96
CA ILE C 371 -12.08 21.76 -33.56
C ILE C 371 -11.84 20.24 -33.53
N GLU C 372 -10.70 19.81 -34.13
CA GLU C 372 -10.21 18.43 -34.19
C GLU C 372 -8.90 18.35 -33.42
N ILE C 373 -8.82 17.43 -32.45
CA ILE C 373 -7.65 17.27 -31.57
C ILE C 373 -6.80 16.09 -32.02
N TYR C 374 -5.47 16.29 -32.14
CA TYR C 374 -4.50 15.28 -32.52
C TYR C 374 -3.40 15.22 -31.45
N VAL C 375 -3.21 14.03 -30.84
CA VAL C 375 -2.27 13.78 -29.76
C VAL C 375 -1.21 12.72 -30.11
N ARG C 376 0.08 12.99 -29.79
CA ARG C 376 1.21 12.06 -29.91
C ARG C 376 2.11 12.32 -28.71
N ARG C 377 2.18 11.36 -27.79
CA ARG C 377 2.99 11.53 -26.60
C ARG C 377 3.54 10.23 -26.04
N GLY C 378 4.75 10.34 -25.50
CA GLY C 378 5.48 9.31 -24.77
C GLY C 378 6.07 9.95 -23.52
N GLY C 379 6.55 9.13 -22.61
CA GLY C 379 7.14 9.61 -21.35
C GLY C 379 6.57 8.99 -20.08
N PRO C 380 7.03 9.44 -18.87
CA PRO C 380 6.51 8.87 -17.62
C PRO C 380 4.99 8.85 -17.51
N ASN C 381 4.43 7.64 -17.31
CA ASN C 381 2.99 7.34 -17.19
C ASN C 381 2.19 7.70 -18.45
N TYR C 382 2.81 7.66 -19.65
CA TYR C 382 2.13 8.04 -20.88
C TYR C 382 0.86 7.25 -21.12
N GLU C 383 0.87 5.92 -20.88
CA GLU C 383 -0.29 5.05 -21.14
C GLU C 383 -1.52 5.53 -20.35
N GLN C 384 -1.34 5.94 -19.09
CA GLN C 384 -2.39 6.53 -18.26
C GLN C 384 -2.89 7.87 -18.85
N GLY C 385 -1.96 8.69 -19.35
CA GLY C 385 -2.28 9.97 -19.99
C GLY C 385 -3.07 9.80 -21.30
N LEU C 386 -2.64 8.87 -22.16
CA LEU C 386 -3.32 8.60 -23.43
C LEU C 386 -4.70 7.96 -23.15
N LYS C 387 -4.84 7.18 -22.05
CA LYS C 387 -6.11 6.56 -21.63
C LYS C 387 -7.15 7.66 -21.32
N LEU C 388 -6.73 8.72 -20.58
CA LEU C 388 -7.55 9.89 -20.22
C LEU C 388 -8.07 10.58 -21.48
N MET C 389 -7.19 10.79 -22.48
CA MET C 389 -7.48 11.45 -23.77
C MET C 389 -8.43 10.60 -24.63
N ARG C 390 -8.26 9.26 -24.61
CA ARG C 390 -9.10 8.33 -25.36
C ARG C 390 -10.51 8.27 -24.79
N ASP C 391 -10.62 8.25 -23.43
CA ASP C 391 -11.89 8.23 -22.69
C ASP C 391 -12.64 9.55 -22.89
N LEU C 392 -11.90 10.66 -23.03
CA LEU C 392 -12.41 12.01 -23.25
C LEU C 392 -13.03 12.13 -24.65
N GLY C 393 -12.29 11.69 -25.68
CA GLY C 393 -12.74 11.69 -27.06
C GLY C 393 -14.01 10.91 -27.33
N LYS C 394 -14.29 9.89 -26.52
CA LYS C 394 -15.49 9.07 -26.64
C LYS C 394 -16.74 9.74 -25.98
N ARG C 395 -16.54 10.84 -25.23
CA ARG C 395 -17.66 11.51 -24.54
C ARG C 395 -17.82 13.01 -24.87
N LEU C 396 -16.73 13.69 -25.29
CA LEU C 396 -16.69 15.12 -25.59
C LEU C 396 -17.49 15.54 -26.82
N GLY C 397 -17.52 14.71 -27.85
CA GLY C 397 -18.24 14.99 -29.09
C GLY C 397 -17.40 15.69 -30.14
N VAL C 398 -16.06 15.65 -29.97
CA VAL C 398 -15.07 16.22 -30.89
C VAL C 398 -14.05 15.12 -31.25
N PRO C 399 -13.53 15.08 -32.51
CA PRO C 399 -12.56 14.02 -32.85
C PRO C 399 -11.21 14.16 -32.15
N ILE C 400 -10.81 13.13 -31.39
CA ILE C 400 -9.53 13.11 -30.67
C ILE C 400 -8.72 11.87 -31.12
N GLN C 401 -7.74 12.07 -32.03
CA GLN C 401 -6.84 11.05 -32.56
C GLN C 401 -5.66 10.91 -31.61
N VAL C 402 -5.53 9.75 -30.91
CA VAL C 402 -4.52 9.53 -29.86
C VAL C 402 -3.41 8.54 -30.29
N HIS C 403 -2.14 9.01 -30.18
CA HIS C 403 -0.92 8.29 -30.58
C HIS C 403 0.10 8.25 -29.47
N GLY C 404 1.00 7.27 -29.56
CA GLY C 404 2.07 7.08 -28.60
C GLY C 404 3.43 6.97 -29.25
N PRO C 405 4.43 6.41 -28.52
CA PRO C 405 5.81 6.28 -29.08
C PRO C 405 5.96 5.44 -30.34
N GLU C 406 4.95 4.63 -30.71
CA GLU C 406 4.93 3.78 -31.90
C GLU C 406 4.78 4.61 -33.20
N THR C 407 4.12 5.77 -33.10
CA THR C 407 3.91 6.73 -34.19
C THR C 407 5.11 7.67 -34.16
N HIS C 408 5.61 8.01 -35.35
CA HIS C 408 6.72 8.95 -35.53
C HIS C 408 6.28 10.31 -34.97
N MET C 409 7.15 10.96 -34.19
CA MET C 409 6.86 12.22 -33.48
C MET C 409 5.98 13.22 -34.24
N THR C 410 6.37 13.58 -35.45
CA THR C 410 5.70 14.61 -36.23
C THR C 410 4.67 14.07 -37.25
N ARG C 411 4.26 12.79 -37.12
CA ARG C 411 3.29 12.16 -38.02
C ARG C 411 1.87 12.74 -37.89
N ILE C 412 1.53 13.33 -36.72
CA ILE C 412 0.20 13.93 -36.49
C ILE C 412 0.02 15.24 -37.28
N VAL C 413 1.13 15.86 -37.74
CA VAL C 413 1.09 17.09 -38.53
C VAL C 413 0.49 16.81 -39.94
N PRO C 414 1.07 15.92 -40.80
CA PRO C 414 0.43 15.66 -42.11
C PRO C 414 -0.95 15.02 -42.00
N LEU C 415 -1.16 14.19 -40.97
CA LEU C 415 -2.43 13.51 -40.64
C LEU C 415 -3.58 14.53 -40.40
N ALA C 416 -3.23 15.71 -39.88
CA ALA C 416 -4.17 16.79 -39.57
C ALA C 416 -4.29 17.86 -40.67
N LEU C 417 -3.19 18.14 -41.39
CA LEU C 417 -3.14 19.20 -42.42
C LEU C 417 -3.33 18.72 -43.85
N GLU C 418 -3.12 17.41 -44.13
CA GLU C 418 -3.30 16.84 -45.49
C GLU C 418 -4.68 16.16 -45.63
N GLU C 419 -5.00 15.20 -44.71
CA GLU C 419 -6.22 14.39 -44.58
C GLU C 419 -6.02 13.24 -43.61
N LYS D 4 -40.53 -19.65 -9.83
CA LYS D 4 -40.82 -21.03 -10.21
C LYS D 4 -40.12 -22.06 -9.30
N ASP D 5 -40.74 -23.27 -9.17
CA ASP D 5 -40.27 -24.36 -8.30
C ASP D 5 -38.94 -24.95 -8.75
N TYR D 6 -38.74 -25.07 -10.08
CA TYR D 6 -37.53 -25.59 -10.69
C TYR D 6 -36.31 -24.66 -10.56
N VAL D 7 -36.55 -23.35 -10.39
CA VAL D 7 -35.47 -22.36 -10.22
C VAL D 7 -34.95 -22.48 -8.79
N LEU D 8 -33.64 -22.64 -8.63
CA LEU D 8 -33.03 -22.64 -7.30
C LEU D 8 -32.61 -21.21 -7.00
N PHE D 9 -31.79 -20.63 -7.91
CA PHE D 9 -31.29 -19.26 -7.81
C PHE D 9 -31.46 -18.51 -9.08
N ASP D 10 -31.69 -17.22 -8.95
CA ASP D 10 -31.77 -16.31 -10.08
C ASP D 10 -30.97 -15.05 -9.76
N ILE D 11 -31.07 -14.07 -10.64
CA ILE D 11 -30.39 -12.79 -10.56
C ILE D 11 -30.97 -11.92 -9.41
N ASN D 12 -32.12 -12.33 -8.83
CA ASN D 12 -32.72 -11.59 -7.70
C ASN D 12 -32.53 -12.31 -6.35
N THR D 13 -31.84 -13.46 -6.34
CA THR D 13 -31.52 -14.24 -5.15
C THR D 13 -30.65 -13.43 -4.17
N LYS D 14 -31.09 -13.39 -2.90
CA LYS D 14 -30.44 -12.75 -1.77
C LYS D 14 -30.12 -13.83 -0.74
N ALA D 15 -28.92 -13.75 -0.16
CA ALA D 15 -28.43 -14.78 0.72
C ALA D 15 -27.78 -14.27 2.01
N PHE D 16 -27.64 -15.18 2.98
CA PHE D 16 -26.89 -14.98 4.20
C PHE D 16 -25.69 -15.88 4.09
N VAL D 17 -24.56 -15.40 4.56
CA VAL D 17 -23.36 -16.21 4.62
C VAL D 17 -23.17 -16.45 6.12
N TYR D 18 -23.35 -17.70 6.56
CA TYR D 18 -23.12 -18.09 7.95
C TYR D 18 -21.63 -18.45 8.07
N GLY D 19 -20.92 -17.72 8.91
CA GLY D 19 -19.49 -17.89 9.13
C GLY D 19 -18.72 -16.75 8.50
N TYR D 20 -17.71 -16.23 9.21
CA TYR D 20 -16.91 -15.11 8.74
C TYR D 20 -15.86 -15.52 7.72
N GLN D 21 -16.30 -15.81 6.51
CA GLN D 21 -15.45 -16.28 5.41
C GLN D 21 -15.26 -15.17 4.43
N THR D 22 -14.33 -14.27 4.75
CA THR D 22 -14.09 -13.03 4.00
C THR D 22 -13.76 -13.26 2.53
N ASN D 23 -12.95 -14.29 2.21
CA ASN D 23 -12.60 -14.60 0.82
C ASN D 23 -13.81 -15.09 0.02
N ALA D 24 -14.61 -15.99 0.62
CA ALA D 24 -15.84 -16.55 0.04
C ALA D 24 -16.84 -15.40 -0.18
N ILE D 25 -16.99 -14.49 0.82
CA ILE D 25 -17.84 -13.30 0.70
C ILE D 25 -17.41 -12.49 -0.51
N GLN D 26 -16.09 -12.18 -0.61
CA GLN D 26 -15.53 -11.42 -1.73
C GLN D 26 -15.76 -12.11 -3.08
N ARG D 27 -15.65 -13.44 -3.15
CA ARG D 27 -15.85 -14.24 -4.37
C ARG D 27 -17.29 -14.11 -4.86
N MET D 28 -18.27 -14.18 -3.93
CA MET D 28 -19.68 -14.02 -4.27
C MET D 28 -19.96 -12.63 -4.85
N LEU D 29 -19.47 -11.58 -4.19
CA LEU D 29 -19.63 -10.19 -4.63
C LEU D 29 -18.97 -9.94 -5.97
N ASP D 30 -17.79 -10.53 -6.19
CA ASP D 30 -17.05 -10.38 -7.44
C ASP D 30 -17.83 -10.96 -8.63
N PHE D 31 -18.52 -12.09 -8.40
CA PHE D 31 -19.34 -12.75 -9.42
C PHE D 31 -20.56 -11.89 -9.74
N ASP D 32 -21.22 -11.34 -8.70
CA ASP D 32 -22.36 -10.45 -8.86
C ASP D 32 -21.96 -9.25 -9.71
N TYR D 33 -20.77 -8.69 -9.44
CA TYR D 33 -20.25 -7.56 -10.20
C TYR D 33 -20.04 -7.90 -11.71
N VAL D 34 -19.29 -8.99 -12.03
CA VAL D 34 -18.99 -9.40 -13.41
C VAL D 34 -20.26 -9.83 -14.17
N CYS D 35 -21.34 -10.23 -13.45
CA CYS D 35 -22.63 -10.64 -14.02
C CYS D 35 -23.53 -9.46 -14.27
N LYS D 36 -23.09 -8.26 -13.89
CA LYS D 36 -23.77 -6.98 -14.05
C LYS D 36 -25.05 -6.94 -13.20
N ARG D 37 -25.06 -7.65 -12.04
CA ARG D 37 -26.20 -7.68 -11.13
C ARG D 37 -26.48 -6.29 -10.58
N SER D 38 -27.76 -5.99 -10.35
CA SER D 38 -28.18 -4.69 -9.82
C SER D 38 -27.79 -4.58 -8.38
N SER D 39 -28.00 -5.66 -7.61
CA SER D 39 -27.66 -5.68 -6.19
C SER D 39 -26.73 -6.84 -5.80
N PRO D 40 -25.95 -6.70 -4.69
CA PRO D 40 -25.15 -7.84 -4.21
C PRO D 40 -26.05 -9.03 -3.85
N SER D 41 -25.55 -10.25 -4.01
CA SER D 41 -26.29 -11.47 -3.70
C SER D 41 -26.35 -11.78 -2.18
N ILE D 42 -25.69 -10.96 -1.36
CA ILE D 42 -25.60 -11.12 0.10
C ILE D 42 -26.31 -9.99 0.83
N SER D 43 -27.32 -10.33 1.62
CA SER D 43 -28.06 -9.38 2.44
C SER D 43 -27.30 -9.16 3.76
N ALA D 44 -26.82 -10.26 4.40
CA ALA D 44 -26.08 -10.19 5.67
C ALA D 44 -25.13 -11.35 5.89
N ILE D 45 -24.22 -11.17 6.85
CA ILE D 45 -23.29 -12.19 7.28
C ILE D 45 -23.77 -12.59 8.67
N ILE D 46 -23.68 -13.89 8.99
CA ILE D 46 -24.02 -14.35 10.33
C ILE D 46 -22.67 -14.75 10.98
N ASN D 47 -22.25 -13.99 12.00
CA ASN D 47 -21.00 -14.20 12.70
C ASN D 47 -21.33 -14.51 14.17
N PRO D 48 -21.18 -15.78 14.59
CA PRO D 48 -21.58 -16.14 15.97
C PRO D 48 -20.79 -15.49 17.07
N SER D 49 -19.59 -14.98 16.74
CA SER D 49 -18.72 -14.28 17.69
C SER D 49 -19.05 -12.81 17.79
N ARG D 50 -19.60 -12.20 16.70
CA ARG D 50 -19.73 -10.75 16.67
C ARG D 50 -20.80 -10.18 15.70
N ALA D 51 -21.52 -9.15 16.16
CA ALA D 51 -22.46 -8.39 15.34
C ALA D 51 -21.68 -7.14 14.90
N GLY D 52 -22.09 -6.52 13.80
CA GLY D 52 -21.45 -5.31 13.30
C GLY D 52 -21.50 -5.14 11.81
N ILE D 53 -20.39 -4.69 11.24
CA ILE D 53 -20.27 -4.46 9.80
C ILE D 53 -19.09 -5.19 9.21
N HIS D 54 -19.18 -5.45 7.91
CA HIS D 54 -18.10 -6.03 7.14
C HIS D 54 -17.96 -5.21 5.86
N LYS D 55 -16.75 -4.79 5.56
CA LYS D 55 -16.49 -4.06 4.33
C LYS D 55 -15.86 -4.98 3.26
N ALA D 56 -16.36 -4.89 2.03
CA ALA D 56 -15.86 -5.65 0.88
C ALA D 56 -15.95 -4.79 -0.36
N PHE D 57 -15.45 -5.30 -1.49
CA PHE D 57 -15.50 -4.60 -2.77
C PHE D 57 -16.71 -4.97 -3.60
N TRP D 58 -17.18 -3.99 -4.38
CA TRP D 58 -18.17 -4.09 -5.46
C TRP D 58 -17.39 -3.49 -6.66
N GLY D 59 -16.61 -4.34 -7.31
CA GLY D 59 -15.73 -3.93 -8.39
C GLY D 59 -14.50 -3.30 -7.76
N THR D 60 -14.43 -1.96 -7.84
CA THR D 60 -13.35 -1.14 -7.25
C THR D 60 -13.93 -0.27 -6.14
N LYS D 61 -15.27 -0.32 -5.96
CA LYS D 61 -15.99 0.48 -4.97
C LYS D 61 -16.22 -0.37 -3.72
N GLU D 62 -15.93 0.19 -2.54
CA GLU D 62 -16.12 -0.51 -1.29
C GLU D 62 -17.52 -0.35 -0.75
N ILE D 63 -18.13 -1.44 -0.28
CA ILE D 63 -19.50 -1.46 0.25
C ILE D 63 -19.54 -2.03 1.67
N ILE D 64 -20.64 -1.79 2.40
CA ILE D 64 -20.80 -2.28 3.77
C ILE D 64 -21.87 -3.35 3.84
N LEU D 65 -21.53 -4.50 4.45
CA LEU D 65 -22.51 -5.55 4.67
C LEU D 65 -22.79 -5.65 6.14
N PRO D 66 -24.09 -5.75 6.54
CA PRO D 66 -24.41 -5.91 7.98
C PRO D 66 -24.05 -7.31 8.45
N MET D 67 -23.75 -7.44 9.76
CA MET D 67 -23.27 -8.69 10.32
C MET D 67 -23.99 -8.97 11.65
N TYR D 68 -24.71 -10.09 11.70
CA TYR D 68 -25.57 -10.54 12.81
C TYR D 68 -24.99 -11.72 13.57
N LYS D 69 -25.26 -11.79 14.88
CA LYS D 69 -24.78 -12.87 15.74
C LYS D 69 -25.57 -14.16 15.54
N THR D 70 -26.89 -14.06 15.24
CA THR D 70 -27.77 -15.23 15.07
C THR D 70 -28.54 -15.26 13.74
N ILE D 71 -29.03 -16.47 13.36
CA ILE D 71 -29.84 -16.69 12.16
C ILE D 71 -31.23 -16.03 12.32
N PRO D 72 -31.99 -16.23 13.43
CA PRO D 72 -33.29 -15.54 13.57
C PRO D 72 -33.21 -14.01 13.51
N LEU D 73 -32.13 -13.39 14.01
CA LEU D 73 -31.98 -11.93 13.97
C LEU D 73 -31.76 -11.42 12.56
N ALA D 74 -30.93 -12.13 11.79
CA ALA D 74 -30.66 -11.79 10.40
C ALA D 74 -31.92 -11.98 9.56
N ALA D 75 -32.63 -13.12 9.74
CA ALA D 75 -33.83 -13.47 8.98
C ALA D 75 -34.92 -12.42 9.16
N LEU D 76 -35.11 -11.95 10.41
CA LEU D 76 -36.07 -10.90 10.74
C LEU D 76 -35.69 -9.54 10.10
N ALA D 77 -34.39 -9.22 10.04
CA ALA D 77 -33.93 -7.98 9.41
C ALA D 77 -34.01 -8.06 7.87
N TYR D 78 -33.63 -9.21 7.27
CA TYR D 78 -33.63 -9.41 5.82
C TYR D 78 -34.52 -10.59 5.40
N PRO D 79 -35.88 -10.43 5.47
CA PRO D 79 -36.76 -11.55 5.06
C PRO D 79 -36.67 -11.93 3.59
N GLU D 80 -36.15 -11.02 2.73
CA GLU D 80 -35.99 -11.25 1.29
C GLU D 80 -34.92 -12.30 0.97
N ALA D 81 -33.99 -12.55 1.93
CA ALA D 81 -32.92 -13.53 1.77
C ALA D 81 -33.50 -14.94 2.02
N ASP D 82 -33.52 -15.78 0.98
CA ASP D 82 -34.08 -17.15 1.07
C ASP D 82 -33.01 -18.26 0.97
N VAL D 83 -31.75 -17.85 0.86
CA VAL D 83 -30.62 -18.76 0.79
C VAL D 83 -29.67 -18.54 1.96
N MET D 84 -29.16 -19.65 2.57
CA MET D 84 -28.09 -19.55 3.56
C MET D 84 -26.90 -20.40 3.09
N VAL D 85 -25.71 -19.76 2.99
CA VAL D 85 -24.43 -20.41 2.63
C VAL D 85 -23.78 -20.65 3.99
N ASN D 86 -23.81 -21.92 4.42
CA ASN D 86 -23.36 -22.34 5.74
C ASN D 86 -21.93 -22.84 5.78
N PHE D 87 -21.02 -22.00 6.31
CA PHE D 87 -19.61 -22.33 6.48
C PHE D 87 -19.26 -22.78 7.89
N ALA D 88 -20.25 -23.25 8.68
CA ALA D 88 -20.00 -23.77 10.02
C ALA D 88 -19.16 -25.06 9.90
N SER D 89 -18.38 -25.43 10.93
CA SER D 89 -17.60 -26.68 10.89
C SER D 89 -18.57 -27.86 10.93
N HIS D 90 -18.02 -29.10 10.78
CA HIS D 90 -18.79 -30.35 10.87
C HIS D 90 -19.38 -30.55 12.29
N ARG D 91 -18.81 -29.90 13.29
CA ARG D 91 -19.25 -29.93 14.70
C ARG D 91 -20.46 -28.97 14.96
N SER D 92 -20.74 -28.03 14.02
CA SER D 92 -21.80 -27.03 14.15
C SER D 92 -22.80 -27.00 12.97
N ALA D 93 -22.47 -27.66 11.86
CA ALA D 93 -23.25 -27.71 10.64
C ALA D 93 -24.70 -28.14 10.85
N PHE D 94 -24.96 -29.20 11.66
CA PHE D 94 -26.32 -29.66 11.92
C PHE D 94 -27.19 -28.61 12.62
N GLU D 95 -26.78 -28.16 13.81
CA GLU D 95 -27.53 -27.20 14.60
C GLU D 95 -27.88 -25.91 13.82
N THR D 96 -26.90 -25.36 13.09
CA THR D 96 -27.07 -24.13 12.31
C THR D 96 -27.98 -24.35 11.08
N THR D 97 -27.83 -25.49 10.37
CA THR D 97 -28.69 -25.80 9.21
C THR D 97 -30.14 -26.01 9.66
N MET D 98 -30.31 -26.74 10.78
CA MET D 98 -31.61 -27.01 11.36
C MET D 98 -32.30 -25.73 11.79
N GLU D 99 -31.55 -24.80 12.41
CA GLU D 99 -32.07 -23.50 12.81
C GLU D 99 -32.50 -22.68 11.56
N ALA D 100 -31.66 -22.65 10.51
CA ALA D 100 -32.00 -21.96 9.27
C ALA D 100 -33.25 -22.56 8.59
N LEU D 101 -33.38 -23.92 8.58
CA LEU D 101 -34.53 -24.63 7.97
C LEU D 101 -35.84 -24.32 8.72
N LYS D 102 -35.75 -24.08 10.04
CA LYS D 102 -36.91 -23.73 10.88
C LYS D 102 -37.40 -22.28 10.62
N GLU D 103 -36.56 -21.44 9.98
CA GLU D 103 -36.91 -20.07 9.58
C GLU D 103 -37.83 -20.13 8.37
N ASP D 104 -39.00 -19.47 8.47
CA ASP D 104 -40.02 -19.43 7.42
C ASP D 104 -39.55 -18.79 6.10
N THR D 105 -38.57 -17.87 6.16
CA THR D 105 -38.06 -17.15 5.01
C THR D 105 -36.93 -17.85 4.26
N ILE D 106 -36.24 -18.82 4.91
CA ILE D 106 -35.14 -19.54 4.24
C ILE D 106 -35.69 -20.79 3.54
N ARG D 107 -35.30 -20.98 2.26
CA ARG D 107 -35.72 -22.09 1.40
C ARG D 107 -34.54 -23.05 1.07
N ILE D 108 -33.30 -22.49 0.90
CA ILE D 108 -32.12 -23.25 0.52
C ILE D 108 -30.98 -23.06 1.53
N VAL D 109 -30.34 -24.18 1.94
CA VAL D 109 -29.17 -24.16 2.80
C VAL D 109 -28.11 -24.99 2.09
N ALA D 110 -26.92 -24.39 1.87
CA ALA D 110 -25.77 -25.07 1.29
C ALA D 110 -24.82 -25.34 2.44
N VAL D 111 -24.58 -26.62 2.73
CA VAL D 111 -23.70 -27.09 3.81
C VAL D 111 -22.33 -27.41 3.22
N ILE D 112 -21.33 -26.61 3.57
CA ILE D 112 -19.96 -26.76 3.06
C ILE D 112 -19.17 -27.80 3.83
N ALA D 113 -19.39 -27.92 5.14
CA ALA D 113 -18.58 -28.78 6.01
C ALA D 113 -18.47 -30.22 5.55
N GLU D 114 -17.25 -30.75 5.65
CA GLU D 114 -16.90 -32.13 5.38
C GLU D 114 -16.79 -32.80 6.75
N GLY D 115 -17.24 -34.05 6.85
CA GLY D 115 -17.17 -34.84 8.09
C GLY D 115 -18.38 -34.75 8.99
N VAL D 116 -19.55 -34.45 8.40
CA VAL D 116 -20.84 -34.39 9.09
C VAL D 116 -21.38 -35.86 9.24
N PRO D 117 -21.81 -36.28 10.47
CA PRO D 117 -22.38 -37.62 10.62
C PRO D 117 -23.49 -37.93 9.64
N GLU D 118 -23.54 -39.18 9.17
CA GLU D 118 -24.55 -39.67 8.21
C GLU D 118 -25.96 -39.52 8.77
N ARG D 119 -26.17 -39.74 10.11
CA ARG D 119 -27.48 -39.58 10.75
C ARG D 119 -27.99 -38.14 10.70
N GLN D 120 -27.10 -37.19 10.99
CA GLN D 120 -27.37 -35.75 10.95
C GLN D 120 -27.78 -35.31 9.55
N SER D 121 -27.06 -35.78 8.51
CA SER D 121 -27.38 -35.49 7.11
C SER D 121 -28.74 -36.06 6.71
N ARG D 122 -29.06 -37.29 7.17
N ARG D 122 -29.05 -37.30 7.14
CA ARG D 122 -30.33 -37.97 6.93
CA ARG D 122 -30.33 -37.97 6.91
C ARG D 122 -31.48 -37.18 7.57
C ARG D 122 -31.45 -37.10 7.52
N VAL D 123 -31.25 -36.63 8.78
CA VAL D 123 -32.22 -35.79 9.50
C VAL D 123 -32.39 -34.42 8.81
N MET D 124 -31.31 -33.85 8.25
CA MET D 124 -31.39 -32.58 7.51
C MET D 124 -32.17 -32.74 6.21
N ALA D 125 -31.86 -33.82 5.44
CA ALA D 125 -32.50 -34.18 4.16
C ALA D 125 -33.98 -34.39 4.36
N ALA D 126 -34.39 -35.15 5.40
CA ALA D 126 -35.79 -35.44 5.73
C ALA D 126 -36.50 -34.15 6.17
N THR D 127 -35.83 -33.31 6.99
CA THR D 127 -36.37 -32.01 7.45
C THR D 127 -36.64 -31.13 6.23
N ALA D 128 -35.68 -31.09 5.29
CA ALA D 128 -35.78 -30.33 4.06
C ALA D 128 -36.96 -30.79 3.20
N ARG D 129 -37.11 -32.10 2.99
CA ARG D 129 -38.19 -32.69 2.18
C ARG D 129 -39.58 -32.43 2.80
N LYS D 130 -39.69 -32.52 4.13
CA LYS D 130 -40.93 -32.27 4.89
C LYS D 130 -41.40 -30.81 4.76
N LEU D 131 -40.45 -29.85 4.75
CA LEU D 131 -40.74 -28.41 4.67
C LEU D 131 -40.65 -27.83 3.25
N ASP D 132 -40.53 -28.69 2.20
CA ASP D 132 -40.39 -28.29 0.78
C ASP D 132 -39.19 -27.32 0.57
N LYS D 133 -38.09 -27.61 1.28
CA LYS D 133 -36.86 -26.83 1.24
C LYS D 133 -35.73 -27.61 0.58
N ILE D 134 -34.56 -26.98 0.33
CA ILE D 134 -33.45 -27.69 -0.31
C ILE D 134 -32.17 -27.62 0.52
N VAL D 135 -31.48 -28.78 0.67
CA VAL D 135 -30.18 -28.83 1.33
C VAL D 135 -29.17 -29.30 0.29
N ILE D 136 -28.20 -28.44 -0.06
CA ILE D 136 -27.12 -28.79 -0.97
C ILE D 136 -25.94 -29.07 -0.05
N GLY D 137 -25.47 -30.31 -0.10
CA GLY D 137 -24.40 -30.78 0.76
C GLY D 137 -24.89 -31.82 1.75
N PRO D 138 -24.14 -32.14 2.82
CA PRO D 138 -22.85 -31.56 3.24
C PRO D 138 -21.68 -31.93 2.33
N ALA D 139 -20.48 -31.41 2.64
CA ALA D 139 -19.22 -31.69 1.92
C ALA D 139 -19.27 -31.28 0.44
N THR D 140 -19.74 -30.06 0.18
CA THR D 140 -19.80 -29.51 -1.17
C THR D 140 -19.27 -28.07 -1.18
N VAL D 141 -18.97 -27.52 -2.37
CA VAL D 141 -18.60 -26.14 -2.57
C VAL D 141 -19.91 -25.40 -2.78
N GLY D 142 -20.90 -26.13 -3.30
CA GLY D 142 -22.23 -25.63 -3.55
C GLY D 142 -22.62 -25.87 -4.99
N GLY D 143 -22.66 -24.79 -5.74
CA GLY D 143 -23.10 -24.76 -7.12
C GLY D 143 -23.33 -23.33 -7.55
N MET D 144 -23.88 -23.14 -8.75
CA MET D 144 -24.14 -21.82 -9.27
C MET D 144 -25.08 -21.81 -10.46
N THR D 145 -25.75 -20.67 -10.67
CA THR D 145 -26.57 -20.38 -11.85
C THR D 145 -25.69 -19.36 -12.58
N ALA D 146 -25.19 -19.75 -13.74
CA ALA D 146 -24.33 -18.87 -14.51
C ALA D 146 -25.03 -17.53 -14.80
N GLY D 147 -24.28 -16.44 -14.59
CA GLY D 147 -24.75 -15.08 -14.78
C GLY D 147 -25.76 -14.59 -13.75
N ALA D 148 -26.03 -15.38 -12.68
CA ALA D 148 -27.05 -15.01 -11.68
C ALA D 148 -26.62 -15.10 -10.21
N PHE D 149 -26.11 -16.26 -9.75
CA PHE D 149 -25.73 -16.46 -8.35
C PHE D 149 -24.70 -17.54 -8.19
N ARG D 150 -23.78 -17.39 -7.22
CA ARG D 150 -22.79 -18.41 -6.89
C ARG D 150 -22.85 -18.72 -5.39
N ILE D 151 -22.69 -20.01 -5.03
CA ILE D 151 -22.64 -20.41 -3.63
C ILE D 151 -21.17 -20.34 -3.20
N GLY D 152 -20.87 -19.42 -2.28
CA GLY D 152 -19.54 -19.23 -1.70
C GLY D 152 -18.39 -19.25 -2.68
N ASN D 153 -17.52 -20.25 -2.54
CA ASN D 153 -16.32 -20.40 -3.36
C ASN D 153 -16.54 -21.14 -4.70
N THR D 154 -17.78 -21.54 -5.02
CA THR D 154 -18.04 -22.27 -6.27
C THR D 154 -17.47 -21.54 -7.49
N ALA D 155 -16.64 -22.27 -8.26
CA ALA D 155 -15.97 -21.85 -9.52
C ALA D 155 -14.75 -20.95 -9.33
N GLY D 156 -14.19 -20.92 -8.13
CA GLY D 156 -12.91 -20.28 -7.83
C GLY D 156 -12.67 -18.84 -8.14
N THR D 157 -11.55 -18.54 -8.81
CA THR D 157 -11.13 -17.17 -9.12
C THR D 157 -11.97 -16.50 -10.21
N ILE D 158 -11.98 -15.16 -10.24
CA ILE D 158 -12.69 -14.40 -11.28
C ILE D 158 -12.07 -14.68 -12.66
N GLU D 159 -10.74 -14.96 -12.72
CA GLU D 159 -10.05 -15.34 -13.95
C GLU D 159 -10.67 -16.63 -14.50
N ASN D 160 -10.88 -17.63 -13.62
CA ASN D 160 -11.50 -18.89 -13.96
C ASN D 160 -12.96 -18.67 -14.38
N ILE D 161 -13.72 -17.79 -13.69
CA ILE D 161 -15.11 -17.47 -14.07
C ILE D 161 -15.16 -16.89 -15.48
N ILE D 162 -14.21 -15.98 -15.80
CA ILE D 162 -14.10 -15.36 -17.12
C ILE D 162 -13.68 -16.39 -18.17
N ALA D 163 -12.61 -17.18 -17.90
CA ALA D 163 -12.09 -18.21 -18.82
C ALA D 163 -13.13 -19.29 -19.13
N SER D 164 -14.02 -19.61 -18.17
CA SER D 164 -15.06 -20.61 -18.36
C SER D 164 -16.40 -19.96 -18.80
N LYS D 165 -16.39 -18.63 -19.01
CA LYS D 165 -17.53 -17.81 -19.47
C LYS D 165 -18.79 -17.98 -18.62
N LEU D 166 -18.62 -18.12 -17.31
CA LEU D 166 -19.67 -18.36 -16.34
C LEU D 166 -20.50 -17.11 -15.97
N TYR D 167 -20.16 -15.98 -16.58
CA TYR D 167 -20.80 -14.69 -16.36
C TYR D 167 -22.09 -14.56 -17.24
N ARG D 168 -22.35 -15.58 -18.04
CA ARG D 168 -23.59 -15.65 -18.86
C ARG D 168 -24.01 -17.10 -18.94
N PRO D 169 -25.32 -17.41 -18.96
CA PRO D 169 -25.79 -18.80 -18.99
C PRO D 169 -25.66 -19.44 -20.36
N GLY D 170 -25.68 -20.75 -20.36
CA GLY D 170 -25.68 -21.62 -21.52
C GLY D 170 -26.95 -22.43 -21.46
N CYS D 171 -26.93 -23.64 -22.06
CA CYS D 171 -28.07 -24.55 -22.12
C CYS D 171 -27.90 -25.82 -21.27
N VAL D 172 -26.74 -26.01 -20.64
CA VAL D 172 -26.41 -27.23 -19.88
C VAL D 172 -26.78 -27.17 -18.40
N GLY D 173 -27.50 -28.19 -17.96
CA GLY D 173 -27.87 -28.38 -16.56
C GLY D 173 -26.93 -29.44 -16.02
N PHE D 174 -26.01 -29.04 -15.13
CA PHE D 174 -24.97 -29.93 -14.60
C PHE D 174 -25.12 -30.32 -13.12
N VAL D 175 -24.86 -31.61 -12.82
CA VAL D 175 -24.89 -32.10 -11.45
C VAL D 175 -23.74 -33.11 -11.21
N SER D 176 -23.00 -32.97 -10.10
CA SER D 176 -21.91 -33.88 -9.71
C SER D 176 -21.98 -34.21 -8.20
N LYS D 177 -21.09 -35.10 -7.76
CA LYS D 177 -20.94 -35.39 -6.34
C LYS D 177 -19.78 -34.52 -5.85
N SER D 178 -18.67 -34.52 -6.61
CA SER D 178 -17.43 -33.80 -6.35
C SER D 178 -17.52 -32.28 -6.56
N GLY D 179 -16.96 -31.54 -5.63
CA GLY D 179 -16.86 -30.09 -5.72
C GLY D 179 -15.81 -29.61 -6.70
N GLY D 180 -14.60 -30.21 -6.62
CA GLY D 180 -13.48 -29.88 -7.50
C GLY D 180 -13.72 -30.25 -8.94
N MET D 181 -14.41 -31.38 -9.13
CA MET D 181 -14.78 -31.86 -10.45
C MET D 181 -15.89 -31.05 -11.05
N LEU D 182 -16.67 -30.32 -10.20
CA LEU D 182 -17.72 -29.40 -10.66
C LEU D 182 -17.02 -28.24 -11.38
N ASN D 183 -15.87 -27.81 -10.86
CA ASN D 183 -15.11 -26.71 -11.47
C ASN D 183 -14.40 -27.13 -12.75
N GLU D 184 -13.86 -28.36 -12.76
CA GLU D 184 -13.25 -28.92 -13.97
C GLU D 184 -14.35 -29.10 -15.04
N ALA D 185 -15.56 -29.57 -14.61
CA ALA D 185 -16.71 -29.77 -15.51
C ALA D 185 -17.15 -28.46 -16.13
N PHE D 186 -17.16 -27.35 -15.36
CA PHE D 186 -17.51 -26.02 -15.87
C PHE D 186 -16.59 -25.64 -17.06
N ASN D 187 -15.28 -25.94 -16.92
CA ASN D 187 -14.26 -25.71 -17.94
C ASN D 187 -14.49 -26.62 -19.15
N ILE D 188 -14.70 -27.94 -18.91
CA ILE D 188 -14.95 -28.95 -19.94
C ILE D 188 -16.16 -28.51 -20.82
N ILE D 189 -17.32 -28.27 -20.17
CA ILE D 189 -18.60 -27.90 -20.77
C ILE D 189 -18.53 -26.57 -21.58
N SER D 190 -17.87 -25.53 -21.04
CA SER D 190 -17.72 -24.25 -21.74
C SER D 190 -16.94 -24.39 -23.06
N ARG D 191 -16.03 -25.38 -23.12
CA ARG D 191 -15.19 -25.65 -24.28
C ARG D 191 -15.88 -26.55 -25.31
N ASN D 192 -16.94 -27.26 -24.90
CA ASN D 192 -17.62 -28.22 -25.76
C ASN D 192 -19.13 -27.92 -25.98
N SER D 193 -19.62 -26.76 -25.53
CA SER D 193 -21.00 -26.32 -25.71
C SER D 193 -21.09 -24.82 -25.48
N ASP D 194 -22.32 -24.28 -25.27
CA ASP D 194 -22.56 -22.86 -24.95
C ASP D 194 -22.34 -22.62 -23.43
N GLY D 195 -21.91 -23.66 -22.72
CA GLY D 195 -21.64 -23.63 -21.28
C GLY D 195 -22.82 -24.00 -20.42
N ILE D 196 -22.61 -24.02 -19.09
CA ILE D 196 -23.67 -24.33 -18.15
C ILE D 196 -24.66 -23.19 -18.02
N TYR D 197 -25.91 -23.55 -17.76
CA TYR D 197 -26.96 -22.64 -17.34
C TYR D 197 -26.80 -22.65 -15.80
N GLU D 198 -26.82 -23.85 -15.19
CA GLU D 198 -26.71 -24.10 -13.77
C GLU D 198 -25.87 -25.37 -13.52
N GLY D 199 -25.14 -25.37 -12.40
CA GLY D 199 -24.32 -26.49 -11.96
C GLY D 199 -24.41 -26.71 -10.47
N VAL D 200 -24.57 -27.97 -10.02
CA VAL D 200 -24.67 -28.27 -8.58
C VAL D 200 -23.78 -29.47 -8.21
N ALA D 201 -23.06 -29.38 -7.08
CA ALA D 201 -22.33 -30.52 -6.53
C ALA D 201 -23.11 -30.95 -5.29
N ILE D 202 -23.61 -32.18 -5.25
CA ILE D 202 -24.40 -32.64 -4.08
C ILE D 202 -23.53 -33.06 -2.87
N GLY D 203 -22.21 -33.10 -3.07
CA GLY D 203 -21.26 -33.54 -2.05
C GLY D 203 -20.96 -35.02 -2.24
N GLY D 204 -19.94 -35.51 -1.56
CA GLY D 204 -19.53 -36.91 -1.66
C GLY D 204 -19.95 -37.79 -0.49
N ASP D 205 -20.87 -37.31 0.35
CA ASP D 205 -21.35 -38.08 1.49
C ASP D 205 -22.36 -39.15 1.07
N ARG D 206 -22.40 -40.28 1.80
CA ARG D 206 -23.32 -41.39 1.51
C ARG D 206 -24.81 -40.97 1.56
N TYR D 207 -25.17 -40.03 2.45
CA TYR D 207 -26.54 -39.55 2.64
C TYR D 207 -26.58 -38.06 2.43
N PRO D 208 -26.77 -37.59 1.17
CA PRO D 208 -26.75 -36.13 0.95
C PRO D 208 -28.06 -35.45 1.35
N GLY D 209 -28.06 -34.13 1.42
CA GLY D 209 -29.22 -33.31 1.74
C GLY D 209 -30.22 -33.39 0.61
N SER D 210 -29.70 -33.48 -0.63
CA SER D 210 -30.46 -33.63 -1.87
C SER D 210 -29.68 -34.58 -2.79
N ASN D 211 -30.41 -35.49 -3.43
CA ASN D 211 -29.83 -36.46 -4.36
C ASN D 211 -29.65 -35.82 -5.72
N MET D 212 -28.87 -36.47 -6.62
CA MET D 212 -28.61 -35.94 -7.95
C MET D 212 -29.87 -35.75 -8.75
N LEU D 213 -30.82 -36.71 -8.61
CA LEU D 213 -32.11 -36.69 -9.31
C LEU D 213 -32.95 -35.48 -8.98
N ASP D 214 -32.93 -34.99 -7.73
CA ASP D 214 -33.69 -33.79 -7.31
C ASP D 214 -33.35 -32.63 -8.27
N HIS D 215 -32.03 -32.44 -8.52
CA HIS D 215 -31.51 -31.39 -9.41
C HIS D 215 -31.76 -31.71 -10.87
N ILE D 216 -31.63 -32.98 -11.26
CA ILE D 216 -31.89 -33.40 -12.65
C ILE D 216 -33.36 -33.12 -13.01
N LEU D 217 -34.28 -33.36 -12.05
CA LEU D 217 -35.72 -33.13 -12.22
C LEU D 217 -36.06 -31.67 -12.40
N ARG D 218 -35.29 -30.78 -11.76
CA ARG D 218 -35.47 -29.33 -11.85
C ARG D 218 -35.04 -28.87 -13.24
N TYR D 219 -33.92 -29.46 -13.75
CA TYR D 219 -33.40 -29.14 -15.08
C TYR D 219 -34.37 -29.57 -16.17
N GLU D 220 -35.10 -30.68 -15.94
CA GLU D 220 -36.09 -31.26 -16.85
C GLU D 220 -37.32 -30.37 -17.02
N ARG D 221 -37.66 -29.61 -15.97
CA ARG D 221 -38.79 -28.67 -15.93
C ARG D 221 -38.40 -27.29 -16.48
N ASN D 222 -37.12 -26.87 -16.30
CA ASN D 222 -36.61 -25.59 -16.75
C ASN D 222 -36.54 -25.47 -18.29
N PRO D 223 -37.30 -24.52 -18.89
CA PRO D 223 -37.26 -24.37 -20.36
C PRO D 223 -35.92 -23.90 -20.93
N ALA D 224 -35.16 -23.12 -20.15
CA ALA D 224 -33.85 -22.57 -20.53
C ALA D 224 -32.78 -23.65 -20.79
N ILE D 225 -32.88 -24.80 -20.08
CA ILE D 225 -32.01 -25.97 -20.16
C ILE D 225 -32.52 -26.93 -21.22
N LYS D 226 -31.64 -27.29 -22.19
CA LYS D 226 -31.95 -28.22 -23.29
C LYS D 226 -31.06 -29.48 -23.18
N MET D 227 -30.07 -29.45 -22.29
CA MET D 227 -29.09 -30.51 -22.14
C MET D 227 -28.77 -30.79 -20.67
N ILE D 228 -28.73 -32.07 -20.27
CA ILE D 228 -28.38 -32.45 -18.89
C ILE D 228 -27.05 -33.24 -18.88
N ALA D 229 -26.16 -32.93 -17.92
CA ALA D 229 -24.88 -33.60 -17.83
C ALA D 229 -24.61 -33.96 -16.38
N CYS D 230 -24.17 -35.19 -16.10
CA CYS D 230 -23.85 -35.53 -14.72
C CYS D 230 -22.60 -36.39 -14.59
N LEU D 231 -21.96 -36.28 -13.44
CA LEU D 231 -20.75 -36.99 -13.11
C LEU D 231 -20.92 -37.58 -11.72
N GLY D 232 -21.11 -38.90 -11.66
CA GLY D 232 -21.26 -39.63 -10.41
C GLY D 232 -20.00 -40.37 -10.02
N GLU D 233 -20.09 -41.22 -9.00
CA GLU D 233 -18.98 -42.06 -8.53
C GLU D 233 -19.50 -43.37 -7.89
N LEU D 234 -18.62 -44.35 -7.74
CA LEU D 234 -18.94 -45.63 -7.11
C LEU D 234 -19.43 -45.45 -5.65
N GLY D 235 -20.12 -46.47 -5.14
CA GLY D 235 -20.69 -46.46 -3.80
C GLY D 235 -22.07 -45.82 -3.77
N GLY D 236 -22.97 -46.44 -3.02
CA GLY D 236 -24.35 -45.98 -2.91
C GLY D 236 -25.17 -46.25 -4.16
N GLU D 237 -26.49 -46.03 -4.10
CA GLU D 237 -27.41 -46.27 -5.21
C GLU D 237 -28.09 -45.00 -5.77
N ASP D 238 -27.50 -43.81 -5.52
CA ASP D 238 -28.04 -42.51 -5.98
C ASP D 238 -28.28 -42.50 -7.50
N GLU D 239 -27.29 -42.93 -8.30
CA GLU D 239 -27.34 -42.93 -9.77
C GLU D 239 -28.44 -43.84 -10.32
N TYR D 240 -28.85 -44.85 -9.53
CA TYR D 240 -29.94 -45.74 -9.89
C TYR D 240 -31.32 -45.04 -9.80
N MET D 241 -31.40 -43.84 -9.17
CA MET D 241 -32.64 -43.05 -9.12
C MET D 241 -32.79 -42.41 -10.49
N ILE D 242 -31.65 -42.00 -11.10
CA ILE D 242 -31.57 -41.35 -12.41
C ILE D 242 -31.91 -42.33 -13.50
N ILE D 243 -31.25 -43.50 -13.50
CA ILE D 243 -31.46 -44.59 -14.46
C ILE D 243 -32.92 -45.05 -14.47
N GLN D 244 -33.57 -45.12 -13.27
CA GLN D 244 -34.98 -45.50 -13.15
C GLN D 244 -35.87 -44.39 -13.72
N ALA D 245 -35.51 -43.11 -13.49
CA ALA D 245 -36.25 -41.96 -14.00
C ALA D 245 -36.11 -41.86 -15.52
N LEU D 246 -34.92 -42.22 -16.04
CA LEU D 246 -34.56 -42.28 -17.46
C LEU D 246 -35.38 -43.39 -18.13
N LYS D 247 -35.56 -44.54 -17.44
CA LYS D 247 -36.35 -45.68 -17.91
C LYS D 247 -37.85 -45.39 -17.92
N GLU D 248 -38.35 -44.66 -16.90
CA GLU D 248 -39.76 -44.27 -16.73
C GLU D 248 -40.14 -43.03 -17.56
N LYS D 249 -39.25 -42.59 -18.48
CA LYS D 249 -39.41 -41.43 -19.36
C LYS D 249 -39.67 -40.11 -18.60
N LYS D 250 -39.12 -40.00 -17.36
CA LYS D 250 -39.22 -38.81 -16.51
C LYS D 250 -38.17 -37.77 -16.92
N ILE D 251 -37.14 -38.21 -17.69
CA ILE D 251 -36.06 -37.37 -18.23
C ILE D 251 -36.07 -37.56 -19.74
N THR D 252 -36.66 -36.59 -20.46
CA THR D 252 -36.79 -36.59 -21.92
C THR D 252 -35.63 -35.85 -22.61
N LYS D 253 -35.00 -34.87 -21.91
CA LYS D 253 -33.87 -34.09 -22.42
C LYS D 253 -32.65 -35.01 -22.53
N PRO D 254 -31.74 -34.82 -23.51
CA PRO D 254 -30.57 -35.71 -23.59
C PRO D 254 -29.64 -35.54 -22.38
N LEU D 255 -29.27 -36.68 -21.75
CA LEU D 255 -28.46 -36.75 -20.55
C LEU D 255 -27.07 -37.39 -20.77
N VAL D 256 -25.98 -36.63 -20.50
CA VAL D 256 -24.61 -37.12 -20.60
C VAL D 256 -24.31 -37.65 -19.20
N ALA D 257 -23.75 -38.86 -19.10
CA ALA D 257 -23.48 -39.43 -17.78
C ALA D 257 -22.17 -40.20 -17.71
N TRP D 258 -21.42 -39.98 -16.62
CA TRP D 258 -20.21 -40.74 -16.34
C TRP D 258 -20.06 -40.99 -14.84
N VAL D 259 -19.75 -42.25 -14.48
CA VAL D 259 -19.55 -42.66 -13.09
C VAL D 259 -18.07 -43.02 -12.90
N THR D 260 -17.38 -42.28 -12.02
CA THR D 260 -15.96 -42.48 -11.72
C THR D 260 -15.77 -43.64 -10.69
N GLY D 261 -14.58 -44.22 -10.67
CA GLY D 261 -14.25 -45.32 -9.77
C GLY D 261 -14.06 -46.65 -10.48
N THR D 262 -13.65 -46.61 -11.77
CA THR D 262 -13.40 -47.80 -12.59
C THR D 262 -12.13 -48.54 -12.13
N CYS D 263 -11.29 -47.88 -11.32
CA CYS D 263 -10.04 -48.40 -10.75
C CYS D 263 -10.28 -49.48 -9.70
N SER D 264 -11.35 -49.33 -8.90
CA SER D 264 -11.75 -50.17 -7.76
C SER D 264 -11.57 -51.69 -7.96
N PRO D 265 -12.10 -52.38 -9.02
CA PRO D 265 -11.91 -53.84 -9.12
C PRO D 265 -10.45 -54.32 -9.24
N TYR D 266 -9.54 -53.45 -9.72
CA TYR D 266 -8.12 -53.75 -9.91
C TYR D 266 -7.35 -53.70 -8.58
N LEU D 267 -7.87 -52.95 -7.61
CA LEU D 267 -7.29 -52.67 -6.29
C LEU D 267 -8.01 -53.49 -5.18
N PRO D 268 -7.54 -53.49 -3.90
CA PRO D 268 -8.25 -54.27 -2.85
C PRO D 268 -9.67 -53.76 -2.57
N ALA D 269 -10.59 -54.69 -2.24
CA ALA D 269 -12.00 -54.39 -1.94
C ALA D 269 -12.19 -53.51 -0.68
N SER D 270 -11.15 -53.44 0.17
CA SER D 270 -11.12 -52.66 1.43
C SER D 270 -10.90 -51.15 1.22
N VAL D 271 -10.41 -50.75 0.03
CA VAL D 271 -10.06 -49.35 -0.26
C VAL D 271 -11.29 -48.39 -0.21
N GLN D 272 -11.21 -47.45 0.76
CA GLN D 272 -12.17 -46.37 0.95
C GLN D 272 -11.57 -45.19 0.20
N PHE D 273 -12.33 -44.60 -0.72
CA PHE D 273 -11.82 -43.47 -1.47
C PHE D 273 -12.13 -42.15 -0.75
N GLY D 274 -11.59 -41.06 -1.28
CA GLY D 274 -11.67 -39.70 -0.72
C GLY D 274 -12.97 -39.32 -0.06
N HIS D 275 -14.05 -39.26 -0.85
CA HIS D 275 -15.38 -38.92 -0.36
C HIS D 275 -15.89 -40.00 0.58
N ALA D 276 -16.59 -39.60 1.67
CA ALA D 276 -17.16 -40.56 2.64
C ALA D 276 -18.03 -41.66 1.97
N GLY D 277 -18.80 -41.30 0.94
CA GLY D 277 -19.66 -42.25 0.24
C GLY D 277 -19.01 -43.05 -0.89
N ALA D 278 -17.73 -42.76 -1.24
CA ALA D 278 -17.02 -43.43 -2.35
C ALA D 278 -16.38 -44.76 -1.98
N LYS D 279 -17.22 -45.78 -1.78
CA LYS D 279 -16.82 -47.16 -1.53
C LYS D 279 -17.96 -48.09 -1.92
N ALA D 280 -17.72 -48.91 -2.97
CA ALA D 280 -18.69 -49.85 -3.51
C ALA D 280 -18.82 -51.07 -2.59
N ASN D 281 -19.91 -51.13 -1.81
CA ASN D 281 -20.18 -52.23 -0.88
C ASN D 281 -20.60 -53.48 -1.64
N THR D 282 -21.42 -53.31 -2.67
CA THR D 282 -21.92 -54.40 -3.52
C THR D 282 -21.41 -54.21 -4.94
N GLU D 283 -21.64 -55.20 -5.82
CA GLU D 283 -21.26 -55.12 -7.24
C GLU D 283 -22.08 -54.03 -7.93
N LYS D 284 -23.38 -53.90 -7.57
CA LYS D 284 -24.30 -52.88 -8.09
C LYS D 284 -23.74 -51.48 -7.82
N GLU D 285 -23.06 -51.29 -6.67
CA GLU D 285 -22.48 -50.00 -6.28
C GLU D 285 -21.23 -49.59 -7.08
N THR D 286 -20.62 -50.51 -7.84
CA THR D 286 -19.40 -50.23 -8.64
C THR D 286 -19.65 -49.27 -9.81
N ALA D 287 -18.58 -48.59 -10.27
CA ALA D 287 -18.63 -47.68 -11.42
C ALA D 287 -19.05 -48.41 -12.71
N GLN D 288 -18.56 -49.67 -12.91
CA GLN D 288 -18.87 -50.51 -14.08
C GLN D 288 -20.37 -50.81 -14.17
N ALA D 289 -20.97 -51.35 -13.10
CA ALA D 289 -22.42 -51.63 -13.02
C ALA D 289 -23.26 -50.36 -13.25
N LYS D 290 -22.81 -49.20 -12.77
CA LYS D 290 -23.49 -47.90 -12.93
C LYS D 290 -23.41 -47.36 -14.36
N ASN D 291 -22.21 -47.36 -14.97
CA ASN D 291 -22.00 -46.89 -16.34
C ASN D 291 -22.73 -47.77 -17.35
N ASP D 292 -22.77 -49.09 -17.09
CA ASP D 292 -23.48 -50.04 -17.95
C ASP D 292 -24.98 -49.81 -17.88
N ALA D 293 -25.54 -49.66 -16.66
CA ALA D 293 -26.97 -49.40 -16.45
C ALA D 293 -27.37 -48.03 -17.05
N PHE D 294 -26.43 -47.06 -17.06
CA PHE D 294 -26.65 -45.74 -17.66
C PHE D 294 -26.73 -45.87 -19.19
N ARG D 295 -25.80 -46.64 -19.80
CA ARG D 295 -25.77 -46.89 -21.24
C ARG D 295 -27.11 -47.53 -21.72
N GLN D 296 -27.55 -48.59 -21.00
CA GLN D 296 -28.77 -49.36 -21.23
C GLN D 296 -30.07 -48.55 -21.04
N ALA D 297 -30.02 -47.46 -20.24
CA ALA D 297 -31.17 -46.58 -19.97
C ALA D 297 -31.38 -45.49 -21.06
N GLY D 298 -30.41 -45.34 -21.96
CA GLY D 298 -30.48 -44.35 -23.03
C GLY D 298 -29.70 -43.06 -22.79
N ALA D 299 -28.83 -43.02 -21.77
CA ALA D 299 -27.97 -41.85 -21.52
C ALA D 299 -26.77 -41.89 -22.47
N TYR D 300 -26.10 -40.73 -22.65
CA TYR D 300 -24.91 -40.61 -23.50
C TYR D 300 -23.72 -40.83 -22.57
N VAL D 301 -23.12 -42.04 -22.65
CA VAL D 301 -22.03 -42.44 -21.76
C VAL D 301 -20.68 -42.53 -22.52
N PRO D 302 -19.63 -41.76 -22.11
CA PRO D 302 -18.33 -41.88 -22.79
C PRO D 302 -17.59 -43.19 -22.47
N ARG D 303 -16.46 -43.45 -23.17
CA ARG D 303 -15.62 -44.65 -22.98
C ARG D 303 -14.85 -44.55 -21.64
N SER D 304 -14.44 -43.31 -21.27
CA SER D 304 -13.73 -42.96 -20.03
C SER D 304 -13.96 -41.48 -19.74
N PHE D 305 -13.40 -40.94 -18.61
CA PHE D 305 -13.54 -39.51 -18.31
C PHE D 305 -12.89 -38.60 -19.38
N ASP D 306 -11.83 -39.09 -20.06
CA ASP D 306 -11.13 -38.39 -21.15
C ASP D 306 -12.05 -37.91 -22.26
N ASP D 307 -13.06 -38.71 -22.59
CA ASP D 307 -14.04 -38.45 -23.65
C ASP D 307 -15.33 -37.73 -23.18
N TYR D 308 -15.39 -37.23 -21.91
CA TYR D 308 -16.59 -36.54 -21.36
C TYR D 308 -16.96 -35.34 -22.23
N GLY D 309 -16.00 -34.42 -22.44
CA GLY D 309 -16.16 -33.23 -23.27
C GLY D 309 -16.63 -33.56 -24.67
N GLU D 310 -16.02 -34.58 -25.27
CA GLU D 310 -16.39 -35.07 -26.59
C GLU D 310 -17.88 -35.48 -26.65
N MET D 311 -18.38 -36.16 -25.59
CA MET D 311 -19.79 -36.58 -25.46
C MET D 311 -20.72 -35.36 -25.36
N VAL D 312 -20.31 -34.38 -24.56
CA VAL D 312 -21.00 -33.10 -24.38
C VAL D 312 -21.08 -32.34 -25.75
N ARG D 313 -19.95 -32.31 -26.50
CA ARG D 313 -19.85 -31.69 -27.84
C ARG D 313 -20.83 -32.35 -28.81
N GLN D 314 -20.93 -33.68 -28.77
CA GLN D 314 -21.81 -34.49 -29.61
C GLN D 314 -23.29 -34.20 -29.36
N VAL D 315 -23.69 -34.11 -28.07
CA VAL D 315 -25.07 -33.86 -27.64
C VAL D 315 -25.49 -32.41 -27.94
N TYR D 316 -24.59 -31.43 -27.68
CA TYR D 316 -24.80 -30.01 -27.95
C TYR D 316 -25.00 -29.78 -29.45
N ASP D 317 -24.15 -30.40 -30.30
CA ASP D 317 -24.22 -30.30 -31.76
C ASP D 317 -25.54 -30.85 -32.30
N MET D 318 -26.03 -31.94 -31.70
CA MET D 318 -27.30 -32.58 -32.04
C MET D 318 -28.47 -31.61 -31.78
N LEU D 319 -28.40 -30.83 -30.68
CA LEU D 319 -29.44 -29.83 -30.35
C LEU D 319 -29.42 -28.65 -31.34
N LEU D 320 -28.23 -28.29 -31.86
CA LEU D 320 -28.07 -27.24 -32.84
C LEU D 320 -28.67 -27.63 -34.19
N THR D 321 -28.41 -28.89 -34.64
CA THR D 321 -28.92 -29.43 -35.91
C THR D 321 -30.46 -29.39 -35.93
N ARG D 322 -31.09 -29.86 -34.84
CA ARG D 322 -32.54 -29.92 -34.64
C ARG D 322 -33.17 -28.56 -34.27
N GLY D 323 -32.33 -27.53 -34.13
CA GLY D 323 -32.76 -26.17 -33.78
C GLY D 323 -33.27 -25.98 -32.37
N ILE D 324 -33.07 -26.97 -31.47
CA ILE D 324 -33.48 -26.94 -30.05
C ILE D 324 -32.74 -25.82 -29.32
N VAL D 325 -31.44 -25.65 -29.63
CA VAL D 325 -30.54 -24.63 -29.09
C VAL D 325 -30.31 -23.53 -30.15
N GLN D 326 -30.43 -22.25 -29.75
CA GLN D 326 -30.17 -21.10 -30.60
C GLN D 326 -28.78 -20.55 -30.32
N LYS D 327 -28.10 -20.04 -31.37
CA LYS D 327 -26.76 -19.46 -31.26
C LYS D 327 -26.83 -18.15 -30.45
N PHE D 328 -25.97 -18.04 -29.42
CA PHE D 328 -25.86 -16.85 -28.57
C PHE D 328 -24.76 -15.96 -29.13
N ASP D 329 -24.90 -14.63 -28.98
CA ASP D 329 -23.79 -13.72 -29.28
C ASP D 329 -23.06 -13.47 -27.96
N GLU D 330 -21.73 -13.59 -27.98
CA GLU D 330 -20.90 -13.43 -26.78
C GLU D 330 -21.03 -12.03 -26.17
N PRO D 331 -21.57 -11.88 -24.93
CA PRO D 331 -21.68 -10.55 -24.34
C PRO D 331 -20.31 -9.96 -23.96
N GLU D 332 -20.26 -8.67 -23.59
CA GLU D 332 -18.99 -8.01 -23.25
C GLU D 332 -18.22 -8.77 -22.15
N VAL D 333 -16.92 -9.03 -22.40
CA VAL D 333 -16.04 -9.75 -21.46
C VAL D 333 -15.78 -8.85 -20.24
N PRO D 334 -16.25 -9.26 -19.03
CA PRO D 334 -16.09 -8.39 -17.84
C PRO D 334 -14.66 -8.27 -17.31
N ARG D 335 -14.41 -7.23 -16.48
CA ARG D 335 -13.07 -6.99 -15.94
C ARG D 335 -13.07 -6.39 -14.53
N ILE D 336 -12.28 -7.03 -13.65
CA ILE D 336 -12.08 -6.61 -12.25
C ILE D 336 -10.56 -6.47 -12.06
N PRO D 337 -10.06 -5.40 -11.40
CA PRO D 337 -8.62 -5.29 -11.16
C PRO D 337 -8.12 -6.39 -10.23
N THR D 338 -6.83 -6.74 -10.37
CA THR D 338 -6.17 -7.74 -9.55
C THR D 338 -6.15 -7.24 -8.12
N ASP D 339 -6.27 -8.14 -7.14
CA ASP D 339 -6.15 -7.79 -5.74
C ASP D 339 -4.70 -7.42 -5.48
N TYR D 340 -4.50 -6.36 -4.72
CA TYR D 340 -3.17 -5.86 -4.35
C TYR D 340 -2.26 -6.96 -3.81
N SER D 341 -2.75 -7.74 -2.83
CA SER D 341 -1.98 -8.80 -2.17
C SER D 341 -1.51 -9.86 -3.17
N LYS D 342 -2.28 -10.15 -4.23
CA LYS D 342 -1.90 -11.10 -5.27
C LYS D 342 -0.74 -10.51 -6.11
N ALA D 343 -0.90 -9.26 -6.57
CA ALA D 343 0.09 -8.50 -7.34
C ALA D 343 1.42 -8.41 -6.57
N LEU D 344 1.35 -8.17 -5.25
CA LEU D 344 2.55 -8.10 -4.44
C LEU D 344 3.20 -9.47 -4.23
N ALA D 345 2.41 -10.52 -3.89
CA ALA D 345 2.90 -11.88 -3.64
C ALA D 345 3.55 -12.52 -4.88
N THR D 346 3.01 -12.22 -6.07
CA THR D 346 3.56 -12.75 -7.32
C THR D 346 4.76 -11.94 -7.81
N GLY D 347 5.05 -10.80 -7.16
CA GLY D 347 6.15 -9.94 -7.59
C GLY D 347 5.80 -9.15 -8.84
N ASP D 348 4.49 -9.01 -9.14
CA ASP D 348 4.01 -8.23 -10.29
C ASP D 348 4.35 -6.76 -10.01
N ILE D 349 4.23 -6.36 -8.74
CA ILE D 349 4.52 -5.00 -8.29
C ILE D 349 5.60 -5.01 -7.22
N ARG D 350 6.22 -3.84 -7.00
CA ARG D 350 7.17 -3.64 -5.93
C ARG D 350 6.61 -2.50 -5.11
N LYS D 351 6.64 -2.61 -3.78
CA LYS D 351 6.07 -1.54 -2.94
C LYS D 351 7.09 -1.05 -1.93
N PRO D 352 7.40 0.26 -1.90
CA PRO D 352 8.38 0.74 -0.91
C PRO D 352 7.82 0.70 0.53
N THR D 353 8.69 0.41 1.48
CA THR D 353 8.31 0.34 2.89
C THR D 353 8.30 1.75 3.46
N THR D 354 7.47 1.98 4.48
CA THR D 354 7.43 3.29 5.11
C THR D 354 8.44 3.33 6.25
N PHE D 355 8.56 2.23 6.98
CA PHE D 355 9.46 2.21 8.12
C PHE D 355 10.59 1.27 7.98
N ILE D 356 11.68 1.61 8.66
CA ILE D 356 12.80 0.73 8.81
C ILE D 356 12.79 0.31 10.27
N CYS D 357 13.16 -0.96 10.55
CA CYS D 357 13.33 -1.52 11.90
C CYS D 357 14.64 -2.27 11.94
N THR D 358 15.56 -1.83 12.80
CA THR D 358 16.83 -2.51 12.89
C THR D 358 16.97 -3.32 14.20
N ILE D 359 15.99 -3.30 15.11
CA ILE D 359 16.19 -3.91 16.46
C ILE D 359 15.47 -5.25 16.71
N SER D 360 14.44 -5.57 15.96
CA SER D 360 13.70 -6.80 16.24
C SER D 360 12.93 -7.18 15.00
N ASP D 361 12.64 -8.46 14.89
CA ASP D 361 11.97 -9.02 13.75
C ASP D 361 11.10 -10.19 14.18
N ASP D 362 9.79 -10.03 14.02
CA ASP D 362 8.77 -11.02 14.35
C ASP D 362 8.20 -11.71 13.10
N SER D 363 8.69 -11.36 11.90
CA SER D 363 8.30 -11.87 10.58
C SER D 363 8.57 -13.34 10.35
N GLY D 364 9.69 -13.84 10.86
CA GLY D 364 10.16 -15.20 10.58
C GLY D 364 9.60 -16.30 11.44
N GLU D 365 10.31 -17.43 11.39
CA GLU D 365 10.01 -18.67 12.14
C GLU D 365 10.10 -18.36 13.63
N GLU D 366 10.99 -17.43 14.01
CA GLU D 366 11.23 -17.10 15.42
C GLU D 366 11.54 -15.64 15.60
N LEU D 367 11.09 -15.07 16.70
CA LEU D 367 11.33 -13.67 17.07
C LEU D 367 12.82 -13.45 17.24
N LEU D 368 13.33 -12.34 16.68
CA LEU D 368 14.76 -11.96 16.72
C LEU D 368 14.89 -10.64 17.47
N TYR D 369 15.90 -10.55 18.36
CA TYR D 369 16.21 -9.30 19.05
C TYR D 369 17.57 -8.94 18.51
N ALA D 370 17.68 -7.87 17.71
CA ALA D 370 18.90 -7.37 17.06
C ALA D 370 19.58 -8.50 16.27
N GLY D 371 18.77 -9.29 15.58
CA GLY D 371 19.24 -10.40 14.76
C GLY D 371 19.52 -11.69 15.49
N LYS D 372 19.36 -11.73 16.83
CA LYS D 372 19.64 -12.94 17.63
C LYS D 372 18.30 -13.61 17.97
N LYS D 373 18.16 -14.93 17.74
CA LYS D 373 16.92 -15.66 18.04
C LYS D 373 16.62 -15.57 19.54
N LEU D 374 15.33 -15.33 19.91
CA LEU D 374 14.92 -15.25 21.31
C LEU D 374 15.36 -16.48 22.13
N SER D 375 15.25 -17.69 21.56
CA SER D 375 15.62 -18.94 22.23
C SER D 375 17.12 -18.94 22.55
N ASP D 376 17.97 -18.35 21.69
CA ASP D 376 19.39 -18.15 21.97
C ASP D 376 19.64 -17.11 23.09
N VAL D 377 18.85 -16.04 23.16
CA VAL D 377 18.95 -15.01 24.19
C VAL D 377 18.71 -15.64 25.60
N LEU D 378 17.66 -16.47 25.67
CA LEU D 378 17.25 -17.14 26.91
C LEU D 378 18.07 -18.37 27.23
N ASP D 379 18.47 -19.17 26.21
CA ASP D 379 19.36 -20.29 26.48
C ASP D 379 20.70 -19.82 27.00
N ARG D 380 21.16 -18.61 26.58
CA ARG D 380 22.44 -18.06 27.01
C ARG D 380 22.36 -17.26 28.29
N LYS D 381 21.16 -17.17 28.89
CA LYS D 381 20.95 -16.42 30.15
C LYS D 381 21.47 -15.00 30.09
N MET D 382 21.21 -14.32 28.99
CA MET D 382 21.60 -12.92 28.75
C MET D 382 20.93 -11.97 29.75
N GLY D 383 19.79 -12.38 30.26
CA GLY D 383 19.07 -11.64 31.27
C GLY D 383 18.42 -10.39 30.74
N ILE D 384 17.76 -9.67 31.64
CA ILE D 384 17.09 -8.41 31.27
C ILE D 384 18.08 -7.39 30.76
N GLY D 385 19.26 -7.31 31.40
CA GLY D 385 20.30 -6.36 30.99
C GLY D 385 20.80 -6.67 29.59
N GLY D 386 20.93 -7.94 29.26
CA GLY D 386 21.34 -8.39 27.94
C GLY D 386 20.31 -8.09 26.88
N VAL D 387 19.04 -8.27 27.21
CA VAL D 387 17.91 -7.96 26.35
C VAL D 387 17.87 -6.46 26.03
N ILE D 388 18.09 -5.59 27.05
CA ILE D 388 18.18 -4.13 26.86
C ILE D 388 19.41 -3.82 25.98
N GLY D 389 20.52 -4.52 26.24
CA GLY D 389 21.71 -4.36 25.41
C GLY D 389 21.43 -4.56 23.95
N LEU D 390 20.66 -5.61 23.61
CA LEU D 390 20.30 -5.91 22.21
C LEU D 390 19.29 -4.91 21.62
N LEU D 391 18.18 -4.69 22.33
CA LEU D 391 17.09 -3.87 21.86
C LEU D 391 17.38 -2.38 21.86
N TRP D 392 18.21 -1.88 22.80
CA TRP D 392 18.55 -0.47 22.84
C TRP D 392 19.90 -0.14 22.21
N PHE D 393 20.94 -0.91 22.49
CA PHE D 393 22.28 -0.53 21.99
C PHE D 393 22.72 -1.36 20.81
N LYS D 394 21.92 -2.39 20.45
CA LYS D 394 22.22 -3.34 19.38
C LYS D 394 23.60 -3.97 19.64
N LYS D 395 23.81 -4.36 20.91
CA LYS D 395 25.07 -4.99 21.34
C LYS D 395 24.85 -6.22 22.18
N GLU D 396 25.78 -7.15 22.08
CA GLU D 396 25.84 -8.30 22.96
C GLU D 396 26.81 -7.81 24.03
N LEU D 397 26.28 -7.38 25.17
CA LEU D 397 27.09 -6.75 26.19
C LEU D 397 27.82 -7.75 27.02
N PRO D 398 29.00 -7.36 27.57
CA PRO D 398 29.68 -8.26 28.52
C PRO D 398 28.86 -8.40 29.79
N GLU D 399 29.06 -9.49 30.52
CA GLU D 399 28.37 -9.81 31.77
C GLU D 399 28.35 -8.66 32.79
N TYR D 400 29.50 -7.97 33.04
CA TYR D 400 29.49 -6.85 34.00
C TYR D 400 28.59 -5.69 33.56
N ALA D 401 28.47 -5.44 32.22
CA ALA D 401 27.63 -4.37 31.69
C ALA D 401 26.13 -4.73 31.86
N ALA D 402 25.71 -5.93 31.44
CA ALA D 402 24.33 -6.40 31.57
C ALA D 402 23.90 -6.44 33.05
N HIS D 403 24.77 -6.85 33.97
CA HIS D 403 24.46 -6.86 35.39
C HIS D 403 24.37 -5.45 35.94
N PHE D 404 25.18 -4.54 35.44
CA PHE D 404 25.11 -3.15 35.87
C PHE D 404 23.74 -2.55 35.52
N ILE D 405 23.24 -2.82 34.30
CA ILE D 405 21.93 -2.35 33.86
C ILE D 405 20.85 -2.87 34.81
N GLU D 406 20.93 -4.14 35.16
CA GLU D 406 19.96 -4.77 36.11
C GLU D 406 20.07 -4.21 37.52
N LEU D 407 21.31 -3.85 37.95
CA LEU D 407 21.53 -3.23 39.26
C LEU D 407 20.87 -1.83 39.32
N VAL D 408 21.05 -1.01 38.28
CA VAL D 408 20.48 0.33 38.17
C VAL D 408 18.95 0.25 38.28
N ILE D 409 18.30 -0.68 37.53
CA ILE D 409 16.87 -0.91 37.55
C ILE D 409 16.36 -1.16 38.97
N GLN D 410 17.05 -2.03 39.73
CA GLN D 410 16.70 -2.33 41.14
C GLN D 410 16.88 -1.14 42.06
N ILE D 411 17.96 -0.43 41.87
CA ILE D 411 18.27 0.78 42.65
C ILE D 411 17.29 1.89 42.43
N VAL D 412 16.85 2.10 41.17
CA VAL D 412 15.91 3.19 40.90
C VAL D 412 14.44 2.75 40.96
N ALA D 413 14.15 1.48 41.30
CA ALA D 413 12.78 0.93 41.26
C ALA D 413 11.78 1.79 41.99
N ASP D 414 12.17 2.32 43.15
CA ASP D 414 11.28 3.19 43.87
C ASP D 414 12.02 4.05 44.83
N HIS D 415 11.51 5.25 45.08
CA HIS D 415 12.07 6.14 46.06
C HIS D 415 10.97 6.74 46.95
N GLY D 416 9.98 5.91 47.26
CA GLY D 416 8.90 6.32 48.13
C GLY D 416 7.81 7.03 47.37
N PRO D 417 6.70 7.25 48.08
CA PRO D 417 5.50 7.80 47.39
C PRO D 417 5.47 9.31 47.18
N ALA D 418 6.38 10.04 47.80
CA ALA D 418 6.39 11.47 47.81
C ALA D 418 6.95 12.14 46.57
N VAL D 419 7.79 11.44 45.79
CA VAL D 419 8.39 12.05 44.58
C VAL D 419 7.35 12.25 43.47
N SER D 420 7.57 13.22 42.58
CA SER D 420 6.61 13.65 41.53
C SER D 420 5.88 12.51 40.81
N GLY D 421 6.63 11.59 40.25
CA GLY D 421 6.11 10.43 39.52
C GLY D 421 5.20 9.54 40.32
N ALA D 422 5.69 9.11 41.52
CA ALA D 422 4.91 8.23 42.37
C ALA D 422 3.67 9.02 42.83
N HIS D 423 3.85 10.26 43.20
CA HIS D 423 2.78 11.13 43.68
C HIS D 423 1.66 11.26 42.64
N ASN D 424 2.00 11.47 41.36
CA ASN D 424 0.98 11.60 40.32
C ASN D 424 0.23 10.29 40.04
N ALA D 425 0.93 9.17 40.07
CA ALA D 425 0.38 7.82 39.83
C ALA D 425 -0.61 7.49 40.96
N ILE D 426 -0.28 7.88 42.21
CA ILE D 426 -1.10 7.65 43.39
C ILE D 426 -2.38 8.47 43.31
N VAL D 427 -2.28 9.72 42.86
CA VAL D 427 -3.44 10.56 42.71
C VAL D 427 -4.33 9.95 41.63
N ALA D 428 -3.74 9.52 40.45
CA ALA D 428 -4.53 8.92 39.37
C ALA D 428 -5.19 7.61 39.86
N SER D 429 -4.50 6.80 40.69
CA SER D 429 -5.03 5.56 41.26
C SER D 429 -6.16 5.86 42.25
N CYS D 430 -6.01 6.91 43.07
CA CYS D 430 -7.03 7.37 44.02
C CYS D 430 -8.29 7.91 43.30
N ALA D 431 -8.15 8.33 42.05
CA ALA D 431 -9.24 8.79 41.22
C ALA D 431 -9.93 7.60 40.54
N GLY D 432 -9.51 6.37 40.89
CA GLY D 432 -10.08 5.14 40.36
C GLY D 432 -9.62 4.81 38.96
N LYS D 433 -8.50 5.39 38.53
CA LYS D 433 -8.02 5.08 37.17
C LYS D 433 -7.36 3.70 37.09
N ASP D 434 -7.38 3.06 35.89
CA ASP D 434 -6.76 1.77 35.68
C ASP D 434 -5.25 1.91 35.85
N LEU D 435 -4.52 0.79 35.98
CA LEU D 435 -3.09 0.77 36.16
C LEU D 435 -2.35 1.54 35.07
N ILE D 436 -2.65 1.27 33.77
CA ILE D 436 -1.96 1.87 32.65
C ILE D 436 -2.09 3.38 32.59
N SER D 437 -3.28 3.93 32.79
CA SER D 437 -3.50 5.38 32.81
C SER D 437 -2.74 5.99 33.93
N SER D 438 -2.90 5.40 35.13
CA SER D 438 -2.22 5.85 36.35
C SER D 438 -0.69 5.83 36.17
N LEU D 439 -0.15 4.80 35.52
CA LEU D 439 1.28 4.69 35.25
C LEU D 439 1.78 5.81 34.39
N CYS D 440 1.11 6.03 33.25
CA CYS D 440 1.48 7.14 32.37
C CYS D 440 1.33 8.48 33.03
N SER D 441 0.27 8.68 33.85
CA SER D 441 0.11 9.95 34.57
C SER D 441 1.44 10.24 35.37
N GLY D 442 2.02 9.21 35.96
CA GLY D 442 3.27 9.31 36.73
C GLY D 442 4.50 9.41 35.87
N LEU D 443 4.57 8.57 34.82
CA LEU D 443 5.72 8.60 33.90
C LEU D 443 5.92 9.93 33.19
N LEU D 444 4.82 10.66 32.97
CA LEU D 444 4.84 11.95 32.27
C LEU D 444 5.45 13.07 33.08
N THR D 445 5.86 12.80 34.33
CA THR D 445 6.57 13.81 35.12
C THR D 445 8.08 13.67 34.89
N ILE D 446 8.51 12.55 34.28
CA ILE D 446 9.94 12.28 34.09
C ILE D 446 10.52 13.19 33.01
N GLY D 447 11.48 13.99 33.44
CA GLY D 447 12.10 14.97 32.56
C GLY D 447 13.22 15.69 33.25
N PRO D 448 13.36 17.00 33.01
CA PRO D 448 14.57 17.68 33.51
C PRO D 448 14.73 17.76 35.03
N ARG D 449 13.68 17.67 35.83
CA ARG D 449 13.83 17.80 37.28
C ARG D 449 13.59 16.53 38.02
N PHE D 450 12.84 15.60 37.42
CA PHE D 450 12.60 14.32 38.06
C PHE D 450 13.14 13.25 37.09
N GLY D 451 14.32 12.73 37.41
CA GLY D 451 14.98 11.74 36.58
C GLY D 451 16.03 12.26 35.61
N GLY D 452 15.91 13.49 35.13
CA GLY D 452 16.84 14.06 34.17
C GLY D 452 18.20 14.55 34.64
N ALA D 453 18.48 14.53 35.97
CA ALA D 453 19.82 14.87 36.46
C ALA D 453 20.81 13.75 36.05
N ILE D 454 20.31 12.53 35.74
CA ILE D 454 21.11 11.39 35.24
C ILE D 454 21.79 11.79 33.90
N ASP D 455 20.95 12.20 32.89
CA ASP D 455 21.42 12.64 31.57
C ASP D 455 22.28 13.90 31.64
N ASP D 456 22.00 14.79 32.63
CA ASP D 456 22.76 16.03 32.77
C ASP D 456 24.15 15.71 33.35
N ALA D 457 24.20 14.79 34.35
CA ALA D 457 25.48 14.43 34.99
C ALA D 457 26.39 13.74 33.97
N ALA D 458 25.83 12.84 33.12
CA ALA D 458 26.59 12.20 32.05
C ALA D 458 27.14 13.26 31.06
N ARG D 459 26.30 14.16 30.56
CA ARG D 459 26.65 15.24 29.62
C ARG D 459 27.73 16.21 30.17
N GLU D 460 27.50 16.79 31.34
CA GLU D 460 28.42 17.76 31.93
C GLU D 460 29.75 17.19 32.34
N PHE D 461 29.74 16.02 33.01
CA PHE D 461 30.99 15.39 33.42
C PHE D 461 31.80 14.90 32.19
N LYS D 462 31.13 14.30 31.18
CA LYS D 462 31.81 13.80 29.97
C LYS D 462 32.56 14.96 29.25
N ARG D 463 31.85 16.09 29.03
CA ARG D 463 32.40 17.29 28.40
C ARG D 463 33.62 17.84 29.16
N ALA D 464 33.51 18.03 30.47
CA ALA D 464 34.62 18.54 31.27
C ALA D 464 35.86 17.67 31.13
N GLN D 465 35.69 16.35 31.36
CA GLN D 465 36.75 15.37 31.30
C GLN D 465 37.33 15.21 29.88
N GLU D 466 36.50 15.34 28.83
CA GLU D 466 36.93 15.24 27.41
C GLU D 466 37.78 16.44 27.02
N THR D 467 37.20 17.66 27.18
CA THR D 467 37.84 18.95 26.85
C THR D 467 39.10 19.20 27.70
N GLY D 468 39.44 18.25 28.56
CA GLY D 468 40.62 18.28 29.41
C GLY D 468 40.56 19.09 30.69
N LEU D 469 39.42 19.85 30.95
CA LEU D 469 39.23 20.69 32.15
C LEU D 469 39.69 19.97 33.42
N ALA D 470 40.54 20.63 34.24
CA ALA D 470 40.95 20.01 35.50
C ALA D 470 39.69 20.05 36.43
N PRO D 471 39.45 19.03 37.30
CA PRO D 471 38.26 19.07 38.17
C PRO D 471 37.97 20.43 38.81
N GLU D 472 39.03 21.15 39.25
CA GLU D 472 38.98 22.50 39.86
C GLU D 472 38.41 23.52 38.89
N GLN D 473 38.85 23.47 37.60
CA GLN D 473 38.37 24.34 36.51
C GLN D 473 36.91 24.10 36.21
N PHE D 474 36.46 22.82 36.23
CA PHE D 474 35.06 22.47 35.99
C PHE D 474 34.18 23.01 37.14
N VAL D 475 34.62 22.76 38.40
CA VAL D 475 33.91 23.25 39.60
C VAL D 475 33.82 24.79 39.52
N GLY D 476 34.94 25.44 39.20
CA GLY D 476 35.01 26.89 39.03
C GLY D 476 34.13 27.44 37.93
N GLU D 477 34.17 26.84 36.72
CA GLU D 477 33.36 27.26 35.56
C GLU D 477 31.85 27.23 35.86
N MET D 478 31.38 26.12 36.48
CA MET D 478 29.97 25.91 36.82
C MET D 478 29.46 26.92 37.84
N LYS D 479 30.29 27.25 38.82
CA LYS D 479 29.99 28.27 39.84
C LYS D 479 29.81 29.67 39.19
N LYS D 480 30.69 30.03 38.21
CA LYS D 480 30.67 31.30 37.48
C LYS D 480 29.40 31.49 36.67
N LYS D 481 28.90 30.39 36.08
CA LYS D 481 27.68 30.39 35.28
C LYS D 481 26.43 30.32 36.15
N GLY D 482 26.63 30.11 37.45
CA GLY D 482 25.54 29.98 38.41
C GLY D 482 24.76 28.67 38.27
N ILE D 483 25.42 27.61 37.75
CA ILE D 483 24.80 26.30 37.53
C ILE D 483 25.29 25.30 38.55
N ASN D 484 24.37 24.73 39.31
CA ASN D 484 24.69 23.67 40.25
C ASN D 484 25.14 22.48 39.42
N ILE D 485 26.13 21.72 39.92
CA ILE D 485 26.63 20.58 39.16
C ILE D 485 25.59 19.47 39.22
N PRO D 486 25.08 19.00 38.04
CA PRO D 486 24.08 17.92 38.07
C PRO D 486 24.74 16.65 38.57
N GLY D 487 24.03 15.90 39.43
CA GLY D 487 24.58 14.68 40.01
C GLY D 487 25.38 14.89 41.28
N ILE D 488 25.48 16.16 41.71
CA ILE D 488 26.15 16.56 42.95
C ILE D 488 25.14 17.13 43.93
N GLY D 489 25.20 16.66 45.17
CA GLY D 489 24.35 17.15 46.26
C GLY D 489 23.26 16.22 46.75
N HIS D 490 23.01 16.29 48.05
CA HIS D 490 21.99 15.50 48.77
C HIS D 490 21.47 16.31 49.95
N LYS D 491 20.20 16.12 50.30
CA LYS D 491 19.56 16.81 51.42
C LYS D 491 20.06 16.33 52.82
N ILE D 492 20.23 14.99 53.02
CA ILE D 492 20.64 14.44 54.34
C ILE D 492 22.02 13.74 54.32
N LYS D 493 22.28 12.94 53.28
CA LYS D 493 23.51 12.19 53.13
C LYS D 493 24.72 13.10 52.89
N SER D 494 25.89 12.66 53.38
CA SER D 494 27.13 13.42 53.36
C SER D 494 28.33 12.49 53.28
N VAL D 495 29.55 13.03 53.48
CA VAL D 495 30.77 12.19 53.48
C VAL D 495 30.80 11.18 54.64
N LYS D 496 30.39 11.62 55.85
CA LYS D 496 30.35 10.81 57.06
C LYS D 496 29.15 9.84 57.04
N ASN D 497 28.03 10.23 56.39
CA ASN D 497 26.81 9.44 56.27
C ASN D 497 26.44 9.23 54.76
N PRO D 498 27.03 8.25 54.05
CA PRO D 498 26.77 8.13 52.59
C PRO D 498 25.44 7.52 52.17
N ASP D 499 24.95 7.88 50.95
CA ASP D 499 23.74 7.28 50.36
C ASP D 499 24.12 5.86 49.94
N LYS D 500 23.38 4.84 50.44
CA LYS D 500 23.71 3.45 50.13
C LYS D 500 23.59 3.13 48.62
N ARG D 501 22.59 3.72 47.93
CA ARG D 501 22.33 3.53 46.50
C ARG D 501 23.58 3.84 45.67
N VAL D 502 24.30 4.93 46.05
CA VAL D 502 25.54 5.43 45.43
C VAL D 502 26.65 4.48 45.71
N GLN D 503 26.81 4.14 46.98
CA GLN D 503 27.87 3.27 47.46
C GLN D 503 27.83 1.90 46.78
N LEU D 504 26.62 1.32 46.60
CA LEU D 504 26.37 0.04 45.94
C LEU D 504 26.80 0.09 44.47
N LEU D 505 26.51 1.22 43.77
CA LEU D 505 26.85 1.45 42.36
C LEU D 505 28.31 1.70 42.16
N ILE D 506 28.93 2.58 42.97
CA ILE D 506 30.37 2.89 42.91
C ILE D 506 31.19 1.68 43.26
N SER D 507 30.79 0.92 44.30
CA SER D 507 31.56 -0.26 44.70
C SER D 507 31.60 -1.34 43.60
N TYR D 508 30.43 -1.61 42.98
CA TYR D 508 30.31 -2.56 41.87
C TYR D 508 31.20 -2.12 40.68
N ALA D 509 31.14 -0.80 40.29
CA ALA D 509 31.94 -0.32 39.16
C ALA D 509 33.42 -0.42 39.44
N ARG D 510 33.83 -0.01 40.66
N ARG D 510 33.83 -0.01 40.66
CA ARG D 510 35.23 -0.07 41.10
CA ARG D 510 35.23 -0.07 41.07
C ARG D 510 35.74 -1.49 41.03
C ARG D 510 35.75 -1.50 41.03
N ALA D 511 34.95 -2.47 41.52
CA ALA D 511 35.31 -3.88 41.52
C ALA D 511 35.27 -4.56 40.15
N ASN D 512 34.27 -4.23 39.30
CA ASN D 512 34.05 -4.99 38.05
C ASN D 512 34.27 -4.28 36.71
N PHE D 513 34.30 -2.94 36.67
CA PHE D 513 34.48 -2.30 35.38
C PHE D 513 35.91 -2.34 34.92
N PRO D 514 36.17 -2.72 33.65
CA PRO D 514 37.56 -2.66 33.15
C PRO D 514 38.21 -1.27 33.32
N SER D 515 37.46 -0.22 33.05
CA SER D 515 37.84 1.19 33.20
C SER D 515 36.76 2.03 33.90
N THR D 516 37.18 2.95 34.79
CA THR D 516 36.31 3.90 35.51
C THR D 516 36.92 5.29 35.47
N GLU D 517 37.41 5.70 34.30
CA GLU D 517 38.03 7.01 34.04
C GLU D 517 37.12 8.19 34.40
N LEU D 518 35.86 8.16 33.99
CA LEU D 518 34.95 9.25 34.29
C LEU D 518 34.52 9.23 35.76
N LEU D 519 34.48 8.04 36.36
CA LEU D 519 34.21 7.93 37.79
C LEU D 519 35.42 8.51 38.55
N ASN D 520 36.67 8.21 38.11
CA ASN D 520 37.89 8.73 38.78
C ASN D 520 37.88 10.24 38.80
N TYR D 521 37.47 10.87 37.70
CA TYR D 521 37.31 12.31 37.53
C TYR D 521 36.20 12.82 38.46
N ALA D 522 35.01 12.19 38.44
CA ALA D 522 33.87 12.60 39.27
C ALA D 522 34.20 12.58 40.75
N LEU D 523 35.05 11.66 41.18
CA LEU D 523 35.49 11.56 42.57
C LEU D 523 36.49 12.67 42.93
N GLN D 524 37.27 13.13 41.94
CA GLN D 524 38.16 14.28 42.12
C GLN D 524 37.29 15.54 42.27
N VAL D 525 36.19 15.65 41.48
CA VAL D 525 35.23 16.77 41.51
C VAL D 525 34.56 16.76 42.85
N GLU D 526 34.08 15.56 43.28
CA GLU D 526 33.41 15.35 44.57
C GLU D 526 34.28 15.77 45.79
N GLU D 527 35.61 15.56 45.73
CA GLU D 527 36.53 15.97 46.80
C GLU D 527 36.50 17.46 46.95
N LEU D 528 36.43 18.17 45.81
CA LEU D 528 36.31 19.63 45.78
C LEU D 528 34.96 20.15 46.28
N THR D 529 33.83 19.52 45.87
CA THR D 529 32.51 19.99 46.31
C THR D 529 32.28 19.69 47.79
N THR D 530 32.73 18.50 48.28
CA THR D 530 32.58 18.15 49.70
C THR D 530 33.48 19.02 50.60
N ALA D 531 34.56 19.63 50.03
CA ALA D 531 35.45 20.56 50.73
C ALA D 531 34.72 21.89 51.02
N LYS D 532 33.55 22.13 50.37
CA LYS D 532 32.73 23.32 50.60
C LYS D 532 31.63 23.02 51.63
N LYS D 533 30.86 21.96 51.37
CA LYS D 533 29.74 21.46 52.18
C LYS D 533 29.74 19.96 52.03
N GLY D 534 29.71 19.27 53.17
CA GLY D 534 29.75 17.82 53.29
C GLY D 534 28.67 17.05 52.56
N ASN D 535 27.51 17.67 52.34
CA ASN D 535 26.36 17.09 51.64
C ASN D 535 26.48 17.24 50.12
N LEU D 536 27.63 17.77 49.62
CA LEU D 536 27.81 17.93 48.17
C LEU D 536 28.49 16.67 47.61
N ILE D 537 27.86 15.54 47.90
CA ILE D 537 28.36 14.23 47.50
C ILE D 537 27.84 13.92 46.12
N LEU D 538 28.44 12.94 45.49
CA LEU D 538 28.00 12.43 44.21
C LEU D 538 26.71 11.67 44.54
N ASN D 539 25.58 12.16 44.03
CA ASN D 539 24.29 11.55 44.29
C ASN D 539 24.02 10.35 43.33
N VAL D 540 22.87 9.65 43.50
CA VAL D 540 22.49 8.46 42.69
C VAL D 540 22.39 8.77 41.22
N ASP D 541 21.74 9.90 40.85
CA ASP D 541 21.57 10.33 39.46
C ASP D 541 22.91 10.59 38.79
N GLY D 542 23.83 11.22 39.52
CA GLY D 542 25.17 11.50 39.01
C GLY D 542 25.92 10.20 38.74
N CYS D 543 25.82 9.30 39.69
N CYS D 543 25.85 9.26 39.70
CA CYS D 543 26.42 7.99 39.70
CA CYS D 543 26.49 7.95 39.62
C CYS D 543 26.05 7.13 38.50
C CYS D 543 26.06 7.14 38.43
N ILE D 544 24.76 7.16 38.11
CA ILE D 544 24.24 6.40 37.00
C ILE D 544 24.76 6.94 35.69
N GLY D 545 24.69 8.24 35.53
CA GLY D 545 25.10 8.92 34.32
C GLY D 545 26.57 8.79 34.00
N ILE D 546 27.36 8.98 35.00
CA ILE D 546 28.80 8.87 34.91
C ILE D 546 29.22 7.44 34.67
N LEU D 547 28.68 6.48 35.46
CA LEU D 547 29.10 5.09 35.33
C LEU D 547 28.65 4.48 34.02
N PHE D 548 27.54 5.03 33.47
CA PHE D 548 27.06 4.53 32.19
C PHE D 548 28.00 4.91 31.05
N ILE D 549 28.60 6.13 31.10
CA ILE D 549 29.67 6.54 30.15
C ILE D 549 30.86 5.59 30.31
N ASP D 550 31.25 5.28 31.58
CA ASP D 550 32.36 4.34 31.81
C ASP D 550 32.09 2.93 31.31
N LEU D 551 30.85 2.44 31.43
CA LEU D 551 30.42 1.13 30.94
C LEU D 551 30.62 1.10 29.40
N MET D 552 30.14 2.15 28.72
CA MET D 552 30.25 2.27 27.27
C MET D 552 31.69 2.34 26.81
N SER D 553 32.54 3.11 27.52
CA SER D 553 33.99 3.17 27.25
C SER D 553 34.64 1.81 27.52
N SER D 554 34.15 1.05 28.52
CA SER D 554 34.70 -0.28 28.86
C SER D 554 34.32 -1.29 27.77
N CYS D 555 33.08 -1.19 27.17
CA CYS D 555 32.65 -2.10 26.07
C CYS D 555 33.62 -2.04 24.87
N GLY D 556 34.13 -0.84 24.56
CA GLY D 556 35.06 -0.62 23.47
C GLY D 556 34.44 -0.47 22.08
N ALA D 557 33.19 -0.94 21.90
CA ALA D 557 32.49 -0.90 20.61
C ALA D 557 31.78 0.44 20.29
N PHE D 558 31.85 1.41 21.22
CA PHE D 558 31.25 2.73 21.02
C PHE D 558 32.34 3.80 20.83
N SER D 559 32.22 4.62 19.78
CA SER D 559 33.14 5.75 19.52
C SER D 559 32.71 6.92 20.41
N LYS D 560 33.51 8.00 20.45
CA LYS D 560 33.16 9.21 21.24
C LYS D 560 31.78 9.76 20.82
N GLU D 561 31.51 9.80 19.49
CA GLU D 561 30.28 10.27 18.83
C GLU D 561 29.08 9.43 19.25
N GLU D 562 29.22 8.07 19.16
CA GLU D 562 28.20 7.09 19.55
C GLU D 562 27.77 7.33 21.00
N ILE D 563 28.77 7.56 21.89
CA ILE D 563 28.53 7.85 23.30
C ILE D 563 27.76 9.18 23.43
N ASP D 564 28.18 10.21 22.68
CA ASP D 564 27.51 11.52 22.72
C ASP D 564 26.05 11.39 22.26
N GLU D 565 25.81 10.56 21.23
CA GLU D 565 24.47 10.26 20.72
C GLU D 565 23.61 9.60 21.83
N VAL D 566 24.18 8.62 22.54
CA VAL D 566 23.48 7.94 23.62
C VAL D 566 23.00 8.97 24.68
N VAL D 567 23.86 9.94 25.04
CA VAL D 567 23.52 10.98 26.03
C VAL D 567 22.44 11.92 25.47
N ARG D 568 22.64 12.38 24.23
N ARG D 568 22.63 12.41 24.23
CA ARG D 568 21.75 13.27 23.47
CA ARG D 568 21.68 13.29 23.56
C ARG D 568 20.33 12.69 23.28
C ARG D 568 20.28 12.66 23.37
N LEU D 569 20.20 11.38 22.93
CA LEU D 569 18.91 10.73 22.66
C LEU D 569 18.09 10.36 23.90
N GLY D 570 18.70 10.43 25.08
CA GLY D 570 18.01 10.18 26.34
C GLY D 570 17.76 8.73 26.69
N TYR D 571 18.71 7.83 26.29
CA TYR D 571 18.69 6.41 26.64
C TYR D 571 18.61 6.25 28.13
N LEU D 572 19.29 7.14 28.85
CA LEU D 572 19.38 7.19 30.30
C LEU D 572 18.09 7.56 30.96
N ASN D 573 17.26 8.41 30.30
CA ASN D 573 15.92 8.72 30.80
C ASN D 573 15.05 7.48 30.67
N GLY D 574 15.27 6.70 29.61
CA GLY D 574 14.55 5.45 29.39
C GLY D 574 14.82 4.44 30.49
N LEU D 575 16.10 4.30 30.89
CA LEU D 575 16.52 3.36 31.92
C LEU D 575 15.85 3.77 33.25
N PHE D 576 15.87 5.07 33.59
CA PHE D 576 15.17 5.57 34.77
C PHE D 576 13.65 5.28 34.70
N ALA D 577 13.03 5.49 33.54
CA ALA D 577 11.61 5.25 33.31
C ALA D 577 11.22 3.81 33.49
N LEU D 578 12.02 2.92 32.95
CA LEU D 578 11.83 1.48 33.05
C LEU D 578 11.93 1.04 34.48
N GLY D 579 12.99 1.42 35.15
CA GLY D 579 13.17 1.01 36.54
C GLY D 579 12.15 1.65 37.48
N ARG D 580 11.88 2.98 37.37
CA ARG D 580 10.90 3.63 38.24
C ARG D 580 9.41 3.17 37.96
N SER D 581 9.10 2.62 36.78
CA SER D 581 7.74 2.04 36.52
C SER D 581 7.41 0.93 37.50
N ILE D 582 8.43 0.15 37.93
CA ILE D 582 8.20 -0.85 38.95
C ILE D 582 7.59 -0.26 40.21
N GLY D 583 8.19 0.79 40.77
CA GLY D 583 7.65 1.40 42.00
C GLY D 583 6.34 2.13 41.73
N LEU D 584 6.21 2.79 40.62
CA LEU D 584 4.94 3.46 40.17
C LEU D 584 3.78 2.46 40.13
N ILE D 585 3.91 1.35 39.39
CA ILE D 585 2.95 0.21 39.37
C ILE D 585 2.70 -0.29 40.84
N GLY D 586 3.77 -0.42 41.61
CA GLY D 586 3.66 -0.81 43.03
C GLY D 586 2.77 0.13 43.83
N HIS D 587 3.00 1.44 43.71
CA HIS D 587 2.17 2.47 44.38
C HIS D 587 0.72 2.48 43.93
N ILE D 588 0.51 2.36 42.66
CA ILE D 588 -0.85 2.33 42.10
C ILE D 588 -1.65 1.14 42.69
N LEU D 589 -1.03 -0.06 42.75
CA LEU D 589 -1.64 -1.30 43.25
C LEU D 589 -1.89 -1.22 44.75
N ASP D 590 -0.95 -0.59 45.46
CA ASP D 590 -1.01 -0.34 46.91
C ASP D 590 -2.26 0.49 47.24
N GLN D 591 -2.53 1.57 46.49
CA GLN D 591 -3.73 2.43 46.72
C GLN D 591 -5.01 1.64 46.38
N LYS D 592 -4.95 0.77 45.38
CA LYS D 592 -6.07 -0.10 45.03
C LYS D 592 -6.34 -1.10 46.18
N ARG D 593 -5.30 -1.76 46.75
CA ARG D 593 -5.46 -2.67 47.90
C ARG D 593 -6.05 -1.96 49.11
N LEU D 594 -5.56 -0.76 49.40
CA LEU D 594 -6.02 0.07 50.55
C LEU D 594 -7.44 0.63 50.37
N GLY D 595 -7.98 0.66 49.14
CA GLY D 595 -9.30 1.22 48.87
C GLY D 595 -9.30 2.73 49.06
N SER D 596 -8.15 3.39 48.79
CA SER D 596 -7.95 4.84 48.94
C SER D 596 -9.00 5.66 48.18
N ARG D 597 -9.39 6.79 48.78
CA ARG D 597 -10.38 7.70 48.22
C ARG D 597 -9.76 8.71 47.29
N LEU D 598 -10.62 9.46 46.54
CA LEU D 598 -10.22 10.57 45.66
C LEU D 598 -9.37 11.59 46.43
N TYR D 599 -8.27 12.05 45.86
CA TYR D 599 -7.46 13.08 46.52
C TYR D 599 -7.93 14.46 46.08
N ARG D 600 -7.91 15.42 47.01
CA ARG D 600 -8.15 16.82 46.68
C ARG D 600 -7.02 17.53 47.44
N HIS D 601 -6.27 18.42 46.79
CA HIS D 601 -5.16 19.08 47.48
C HIS D 601 -5.70 20.03 48.58
N PRO D 602 -5.18 20.03 49.85
CA PRO D 602 -5.80 20.91 50.87
C PRO D 602 -5.73 22.39 50.48
N ALA D 603 -6.88 23.08 50.64
CA ALA D 603 -7.12 24.49 50.29
C ALA D 603 -6.12 25.44 50.95
N GLU D 604 -5.69 25.13 52.20
CA GLU D 604 -4.73 25.95 52.92
C GLU D 604 -3.32 25.84 52.37
N ASP D 605 -3.05 24.87 51.46
CA ASP D 605 -1.73 24.74 50.88
C ASP D 605 -1.56 25.56 49.59
N ILE D 606 -2.58 26.38 49.29
CA ILE D 606 -2.61 27.19 48.06
C ILE D 606 -2.82 28.64 48.36
N ALA D 607 -1.93 29.53 47.85
CA ALA D 607 -2.07 31.00 48.00
C ALA D 607 -2.73 31.50 46.74
N TYR D 608 -3.98 31.94 46.87
CA TYR D 608 -4.81 32.44 45.77
C TYR D 608 -4.48 33.88 45.54
N MET D 609 -3.87 34.19 44.40
CA MET D 609 -3.49 35.59 44.17
C MET D 609 -4.05 36.09 42.88
N MET D 610 -5.35 36.34 42.87
CA MET D 610 -6.14 36.81 41.73
C MET D 610 -5.69 38.18 41.25
N PRO D 611 -5.60 38.40 39.93
CA PRO D 611 -5.30 39.76 39.45
C PRO D 611 -6.50 40.68 39.67
N SER D 612 -6.25 41.99 39.72
CA SER D 612 -7.32 42.99 39.87
C SER D 612 -8.01 43.24 38.55
N GLU D 613 -9.17 43.92 38.60
CA GLU D 613 -9.96 44.29 37.42
C GLU D 613 -9.12 45.11 36.45
N GLU D 614 -8.27 46.03 36.97
CA GLU D 614 -7.36 46.89 36.21
C GLU D 614 -6.27 46.07 35.53
N GLU D 615 -5.69 45.08 36.25
CA GLU D 615 -4.65 44.20 35.72
C GLU D 615 -5.10 43.36 34.54
N ILE D 616 -6.40 42.98 34.50
CA ILE D 616 -6.87 42.12 33.40
C ILE D 616 -7.31 42.94 32.15
N GLN D 617 -7.24 44.27 32.20
CA GLN D 617 -7.63 45.07 31.06
C GLN D 617 -6.60 45.10 29.92
N CYS D 618 -7.11 45.18 28.68
CA CYS D 618 -6.34 45.31 27.42
C CYS D 618 -6.39 46.79 27.07
N LYS D 619 -5.22 47.38 26.76
CA LYS D 619 -5.08 48.81 26.52
C LYS D 619 -5.59 49.32 25.15
CAC FLC E . -9.21 -29.08 -5.13
CA FLC E . -10.59 -29.58 -4.71
CB FLC E . -11.29 -28.75 -3.63
CBC FLC E . -11.49 -27.31 -4.17
CG FLC E . -12.67 -29.35 -3.26
CGC FLC E . -12.84 -30.86 -3.33
OA1 FLC E . -8.92 -29.16 -6.34
OA2 FLC E . -8.46 -28.61 -4.25
OB1 FLC E . -12.28 -27.14 -5.12
OB2 FLC E . -10.82 -26.41 -3.61
OG1 FLC E . -13.34 -31.37 -4.38
OG2 FLC E . -12.53 -31.53 -2.32
OHB FLC E . -10.45 -28.71 -2.48
NA NA F . -10.11 -33.41 8.30
N1A COA G . 10.50 28.01 3.10
C2A COA G . 11.33 28.75 2.34
N3A COA G . 11.85 28.44 1.14
C4A COA G . 11.48 27.21 0.75
C5A COA G . 10.64 26.34 1.43
C6A COA G . 10.11 26.80 2.65
N6A COA G . 9.21 26.12 3.36
N7A COA G . 10.57 25.12 0.78
C8A COA G . 11.35 25.27 -0.27
N9A COA G . 11.94 26.51 -0.35
C1B COA G . 12.87 27.00 -1.36
C2B COA G . 14.13 26.14 -1.54
O2B COA G . 15.11 26.46 -0.55
C3B COA G . 14.55 26.59 -2.95
O3B COA G . 15.23 27.86 -2.93
P3B COA G . 16.30 28.32 -4.04
O7A COA G . 15.63 28.15 -5.36
O8A COA G . 16.65 29.72 -3.71
O9A COA G . 17.53 27.42 -3.82
C4B COA G . 13.24 26.89 -3.66
O4B COA G . 12.24 27.00 -2.62
C5B COA G . 12.80 25.87 -4.69
O5B COA G . 13.00 24.57 -4.11
P1A COA G . 13.63 23.34 -4.99
O1A COA G . 13.42 21.99 -4.39
O2A COA G . 15.07 23.60 -5.39
O3A COA G . 12.69 23.56 -6.26
P2A COA G . 12.24 22.85 -7.60
O4A COA G . 11.07 21.99 -7.36
O5A COA G . 11.89 23.97 -8.55
O6A COA G . 13.51 21.99 -8.14
CBP COA G . 14.59 21.76 -10.32
CCP COA G . 14.51 22.55 -9.01
CDP COA G . 15.68 22.39 -11.19
CEP COA G . 14.91 20.28 -10.07
CAP COA G . 13.21 21.87 -11.03
OAP COA G . 12.73 23.20 -11.04
C9P COA G . 13.13 21.30 -12.45
O9P COA G . 12.98 20.08 -12.61
N8P COA G . 13.20 22.17 -13.46
C7P COA G . 13.24 21.77 -14.86
C6P COA G . 14.56 22.11 -15.50
C5P COA G . 14.56 21.78 -16.98
O5P COA G . 13.53 21.81 -17.65
N4P COA G . 15.74 21.45 -17.50
C3P COA G . 15.90 21.01 -18.88
C2P COA G . 15.56 19.55 -19.07
S1P COA G . 16.02 19.16 -20.78
C1 PGE H . 20.01 9.95 10.55
O1 PGE H . 20.57 11.18 10.98
C2 PGE H . 21.02 8.87 10.44
O2 PGE H . 22.05 9.25 9.55
C3 PGE H . 22.98 8.21 9.29
C4 PGE H . 23.34 8.23 7.83
O4 PGE H . 25.96 12.20 7.17
C6 PGE H . 25.44 10.97 6.68
C5 PGE H . 24.61 10.29 7.71
O3 PGE H . 24.58 8.88 7.50
C1 PGE I . -5.61 -3.26 56.48
O1 PGE I . -5.76 -4.40 55.68
C2 PGE I . -4.80 -2.24 55.76
O2 PGE I . -3.43 -2.43 56.07
C3 PGE I . -2.74 -1.21 56.30
C4 PGE I . -1.56 -1.47 57.15
O4 PGE I . 1.45 -3.99 55.16
C6 PGE I . 1.27 -3.77 56.55
C5 PGE I . 0.56 -2.48 56.83
O3 PGE I . -0.85 -2.63 56.71
O1 PG4 J . 8.98 32.90 33.77
C1 PG4 J . 10.28 32.44 34.08
C2 PG4 J . 10.91 33.23 35.20
O2 PG4 J . 10.27 32.94 36.43
C3 PG4 J . 10.30 33.99 37.38
C4 PG4 J . 9.08 34.85 37.27
O3 PG4 J . 9.01 35.76 38.34
C5 PG4 J . 9.25 37.10 37.94
C6 PG4 J . 9.70 37.88 39.11
O4 PG4 J . 10.32 39.09 38.69
C7 PG4 J . 11.61 39.27 39.27
C8 PG4 J . 12.64 39.29 38.19
O5 PG4 J . 13.91 39.54 38.72
C ACT K . 28.42 12.84 -47.89
O ACT K . 28.17 14.05 -48.13
OXT ACT K . 29.34 12.43 -47.12
CH3 ACT K . 27.54 11.79 -48.58
C ACT L . -14.83 19.06 39.21
O ACT L . -15.69 19.96 39.50
OXT ACT L . -13.59 19.28 39.13
CH3 ACT L . -15.33 17.61 38.96
CAC FLC M . 9.15 16.99 -22.48
CA FLC M . 10.51 17.68 -22.36
CB FLC M . 11.22 17.60 -21.00
CBC FLC M . 11.31 16.11 -20.58
CG FLC M . 12.62 18.24 -21.08
CGC FLC M . 12.85 19.21 -22.24
OA1 FLC M . 8.29 17.24 -21.61
OA2 FLC M . 8.96 16.24 -23.48
OB1 FLC M . 10.69 15.77 -19.56
OB2 FLC M . 11.99 15.35 -21.30
OG1 FLC M . 12.56 20.41 -22.07
OG2 FLC M . 13.32 18.75 -23.31
OHB FLC M . 10.46 18.32 -20.03
NA NA N . 9.95 28.99 -15.40
N1A COA O . -10.76 -20.80 21.57
C2A COA O . -11.64 -21.80 21.44
N3A COA O . -12.30 -22.21 20.34
C4A COA O . -11.97 -21.47 19.28
C5A COA O . -11.11 -20.37 19.26
C6A COA O . -10.48 -20.04 20.48
N6A COA O . -9.62 -19.04 20.61
N7A COA O . -10.99 -19.87 17.99
C8A COA O . -11.74 -20.66 17.25
N9A COA O . -12.36 -21.65 17.98
C1B COA O . -13.27 -22.68 17.48
C2B COA O . -14.52 -22.18 16.78
O2B COA O . -15.51 -21.79 17.72
C3B COA O . -14.93 -23.43 15.99
O3B COA O . -15.66 -24.36 16.81
P3B COA O . -16.68 -25.45 16.25
O7A COA O . -16.04 -26.19 15.18
O8A COA O . -17.00 -26.35 17.37
O9A COA O . -17.90 -24.64 15.89
C4B COA O . -13.58 -24.10 15.67
O4B COA O . -12.60 -23.48 16.52
C5B COA O . -13.14 -24.01 14.24
O5B COA O . -13.39 -22.65 13.80
P1A COA O . -14.02 -22.37 12.32
O1A COA O . -13.90 -20.97 11.87
O2A COA O . -15.43 -22.89 12.19
O3A COA O . -13.03 -23.34 11.51
P2A COA O . -12.59 -23.73 10.03
O4A COA O . -11.41 -22.92 9.65
O5A COA O . -12.26 -25.21 10.11
O6A COA O . -13.86 -23.43 9.06
CBP COA O . -14.92 -24.71 7.28
CCP COA O . -14.87 -24.42 8.78
CDP COA O . -16.03 -25.75 7.03
CEP COA O . -15.26 -23.42 6.48
CAP COA O . -13.54 -25.26 6.82
OAP COA O . -13.06 -26.27 7.69
C9P COA O . -13.44 -25.75 5.38
O9P COA O . -13.31 -24.95 4.46
N8P COA O . -13.50 -27.06 5.19
C7P COA O . -13.55 -27.67 3.88
C6P COA O . -14.83 -28.43 3.65
C5P COA O . -14.81 -29.16 2.33
O5P COA O . -13.77 -29.62 1.86
N4P COA O . -15.98 -29.27 1.71
C3P COA O . -16.12 -29.86 0.39
C2P COA O . -15.75 -28.86 -0.70
S1P COA O . -16.14 -29.70 -2.26
C1 SIN P . -0.26 -8.84 47.82
O1 SIN P . -0.47 -8.22 46.66
O2 SIN P . -0.16 -10.05 47.92
C2 SIN P . -0.15 -7.91 48.99
C3 SIN P . -1.24 -8.11 50.04
C4 SIN P . -1.16 -7.18 51.22
O3 SIN P . -2.09 -6.25 51.23
O4 SIN P . -0.32 -7.29 52.10
C ACT Q . 15.06 10.07 42.23
O ACT Q . 14.09 9.27 42.50
OXT ACT Q . 16.17 10.17 42.89
CH3 ACT Q . 14.88 11.03 41.01
#